data_8A2U
#
_entry.id   8A2U
#
_cell.length_a   1.00
_cell.length_b   1.00
_cell.length_c   1.00
_cell.angle_alpha   90.00
_cell.angle_beta   90.00
_cell.angle_gamma   90.00
#
_symmetry.space_group_name_H-M   'P 1'
#
loop_
_entity.id
_entity.type
_entity.pdbx_description
1 polymer 'Actin, alpha skeletal muscle'
2 non-polymer "ADENOSINE-5'-DIPHOSPHATE"
3 non-polymer 'CALCIUM ION'
4 non-polymer 'BERYLLIUM TRIFLUORIDE ION'
5 water water
#
_entity_poly.entity_id   1
_entity_poly.type   'polypeptide(L)'
_entity_poly.pdbx_seq_one_letter_code
;DEDETTALVCDNGSGLVKAGFAGDDAPRAVFPSIVGRPRHQGVMVGMGQKDSYVGDEAQSKRGILTLKYPIE(HIC)GII
TNWDDMEKIWHHTFYNELRVAPEEHPTLLTEAPLNPKANREKMTQIMFETFNVPAMYVAIQAVLSLYASGRTTGIVLDSG
DGVTHNVPIYEGYALPHAIMRLDLAGRDLTDYLMKILTERGYSFVTTAEREIVRDIKEKLCYVALDFENEMATAASSSSL
EKSYELPDGQVITIGNERFRCPETLFQPSFIGMESAGIHETTYNSIMKCDIDIRKDLYANNVMSGGTTMYPGIADRMQKE
ITALAPSTMKIKIIAPPERKYSVWIGGSILASLSTFQQMWITKQEYDEAGPSIVHRKCF
;
_entity_poly.pdbx_strand_id   C,A,B,D,E
#
loop_
_chem_comp.id
_chem_comp.type
_chem_comp.name
_chem_comp.formula
ADP non-polymer ADENOSINE-5'-DIPHOSPHATE 'C10 H15 N5 O10 P2'
BEF non-polymer 'BERYLLIUM TRIFLUORIDE ION' 'Be F3 -1'
CA non-polymer 'CALCIUM ION' 'Ca 2'
#
# COMPACT_ATOMS: atom_id res chain seq x y z
N THR A 6 24.24 20.26 20.76
CA THR A 6 23.13 20.40 19.83
C THR A 6 22.51 19.04 19.53
N ALA A 7 21.24 19.05 19.16
CA ALA A 7 20.49 17.82 18.96
C ALA A 7 20.59 17.34 17.51
N LEU A 8 20.54 16.03 17.33
CA LEU A 8 20.49 15.42 16.02
C LEU A 8 19.05 15.18 15.61
N VAL A 9 18.73 15.52 14.36
CA VAL A 9 17.41 15.27 13.79
C VAL A 9 17.60 14.26 12.66
N CYS A 10 17.07 13.05 12.87
CA CYS A 10 17.20 11.97 11.90
C CYS A 10 15.81 11.54 11.46
N ASP A 11 15.48 11.78 10.20
CA ASP A 11 14.21 11.38 9.60
C ASP A 11 14.46 10.14 8.76
N ASN A 12 14.23 8.97 9.34
CA ASN A 12 14.45 7.69 8.66
C ASN A 12 13.18 7.32 7.91
N GLY A 13 13.16 7.58 6.61
CA GLY A 13 12.03 7.21 5.79
C GLY A 13 12.22 5.85 5.14
N SER A 14 11.15 5.39 4.48
CA SER A 14 11.24 4.14 3.74
C SER A 14 12.18 4.24 2.56
N GLY A 15 12.39 5.45 2.05
CA GLY A 15 13.22 5.64 0.88
C GLY A 15 14.51 6.39 1.14
N LEU A 16 14.43 7.51 1.85
CA LEU A 16 15.58 8.38 2.07
C LEU A 16 15.83 8.59 3.55
N VAL A 17 17.09 8.78 3.89
CA VAL A 17 17.50 9.18 5.23
C VAL A 17 17.79 10.67 5.20
N LYS A 18 17.08 11.44 6.01
CA LYS A 18 17.32 12.87 6.18
C LYS A 18 17.88 13.07 7.57
N ALA A 19 19.15 13.48 7.65
CA ALA A 19 19.82 13.64 8.91
C ALA A 19 20.54 14.98 8.96
N GLY A 20 20.64 15.54 10.15
CA GLY A 20 21.30 16.82 10.32
C GLY A 20 21.25 17.25 11.76
N PHE A 21 21.49 18.54 11.97
CA PHE A 21 21.54 19.12 13.31
C PHE A 21 20.37 20.06 13.51
N ALA A 22 19.81 20.03 14.72
CA ALA A 22 18.73 20.95 15.06
C ALA A 22 19.22 22.38 14.98
N GLY A 23 18.41 23.25 14.36
CA GLY A 23 18.75 24.64 14.13
C GLY A 23 19.07 24.96 12.70
N ASP A 24 19.59 24.00 11.95
CA ASP A 24 19.84 24.20 10.53
C ASP A 24 18.53 24.24 9.76
N ASP A 25 18.61 24.77 8.53
CA ASP A 25 17.43 24.92 7.69
C ASP A 25 17.25 23.78 6.69
N ALA A 26 18.23 22.88 6.58
CA ALA A 26 18.15 21.78 5.63
C ALA A 26 18.92 20.60 6.20
N PRO A 27 18.55 19.37 5.85
CA PRO A 27 19.33 18.22 6.32
C PRO A 27 20.73 18.24 5.73
N ARG A 28 21.70 17.87 6.55
CA ARG A 28 23.08 17.83 6.10
C ARG A 28 23.36 16.57 5.27
N ALA A 29 22.74 15.45 5.63
CA ALA A 29 22.96 14.18 4.95
C ALA A 29 21.63 13.67 4.43
N VAL A 30 21.52 13.54 3.11
CA VAL A 30 20.36 12.95 2.45
C VAL A 30 20.87 11.88 1.51
N PHE A 31 20.53 10.62 1.80
CA PHE A 31 21.00 9.50 1.00
C PHE A 31 19.96 8.40 1.04
N PRO A 32 19.96 7.50 0.05
CA PRO A 32 18.95 6.44 0.03
C PRO A 32 19.10 5.48 1.19
N SER A 33 17.97 4.99 1.68
CA SER A 33 17.96 4.06 2.82
C SER A 33 18.06 2.63 2.29
N ILE A 34 19.23 2.33 1.71
CA ILE A 34 19.46 1.04 1.06
C ILE A 34 20.74 0.42 1.62
N VAL A 35 20.75 -0.91 1.63
CA VAL A 35 21.94 -1.70 1.92
C VAL A 35 22.16 -2.62 0.71
N GLY A 36 23.35 -2.53 0.13
CA GLY A 36 23.70 -3.32 -1.05
C GLY A 36 24.75 -4.36 -0.71
N ARG A 37 24.54 -5.57 -1.23
CA ARG A 37 25.49 -6.66 -1.05
C ARG A 37 25.84 -7.26 -2.40
N PRO A 38 27.10 -7.62 -2.60
CA PRO A 38 27.51 -8.19 -3.89
C PRO A 38 26.79 -9.49 -4.19
N ARG A 39 26.32 -9.63 -5.43
CA ARG A 39 25.64 -10.84 -5.87
C ARG A 39 26.45 -11.61 -6.90
N HIS A 40 27.71 -11.26 -7.09
CA HIS A 40 28.61 -11.98 -7.99
C HIS A 40 29.83 -12.46 -7.21
N GLN A 41 30.81 -13.00 -7.93
CA GLN A 41 32.01 -13.55 -7.33
C GLN A 41 33.14 -12.53 -7.39
N GLY A 42 33.75 -12.25 -6.24
CA GLY A 42 34.89 -11.35 -6.19
C GLY A 42 36.16 -12.09 -6.54
N VAL A 43 36.92 -11.54 -7.48
CA VAL A 43 38.13 -12.20 -7.97
C VAL A 43 39.39 -11.35 -7.77
N MET A 44 39.27 -10.06 -7.50
CA MET A 44 40.44 -9.22 -7.31
C MET A 44 40.42 -8.55 -5.94
N GLN A 49 36.52 -4.50 -1.95
CA GLN A 49 35.86 -5.77 -1.71
C GLN A 49 35.21 -5.82 -0.33
N LYS A 50 34.37 -4.81 -0.04
CA LYS A 50 33.64 -4.80 1.22
C LYS A 50 32.46 -5.76 1.15
N ASP A 51 31.92 -6.08 2.32
CA ASP A 51 30.82 -7.03 2.39
C ASP A 51 29.48 -6.36 2.09
N SER A 52 29.31 -5.10 2.49
CA SER A 52 28.04 -4.43 2.28
C SER A 52 28.28 -2.95 2.05
N TYR A 53 27.38 -2.32 1.31
CA TYR A 53 27.45 -0.90 0.99
C TYR A 53 26.14 -0.25 1.37
N VAL A 54 26.22 1.00 1.84
CA VAL A 54 25.07 1.71 2.37
C VAL A 54 24.93 3.04 1.64
N GLY A 55 23.69 3.37 1.28
CA GLY A 55 23.39 4.73 0.85
C GLY A 55 23.91 5.03 -0.54
N ASP A 56 24.57 6.17 -0.67
CA ASP A 56 25.06 6.61 -1.98
C ASP A 56 26.21 5.74 -2.47
N GLU A 57 26.95 5.11 -1.56
CA GLU A 57 27.99 4.17 -1.97
C GLU A 57 27.37 2.92 -2.59
N ALA A 58 26.25 2.45 -2.04
CA ALA A 58 25.53 1.34 -2.65
C ALA A 58 24.89 1.75 -3.96
N GLN A 59 24.53 3.02 -4.10
CA GLN A 59 23.88 3.47 -5.32
C GLN A 59 24.85 3.57 -6.48
N SER A 60 26.11 3.91 -6.20
CA SER A 60 27.10 4.02 -7.27
C SER A 60 27.62 2.68 -7.74
N LYS A 61 27.57 1.64 -6.90
CA LYS A 61 28.02 0.31 -7.27
C LYS A 61 26.87 -0.67 -7.44
N ARG A 62 25.66 -0.17 -7.69
CA ARG A 62 24.47 -1.02 -7.71
C ARG A 62 24.49 -2.04 -8.84
N GLY A 63 25.34 -1.84 -9.85
CA GLY A 63 25.40 -2.78 -10.95
C GLY A 63 25.78 -4.19 -10.54
N ILE A 64 26.58 -4.33 -9.48
CA ILE A 64 27.00 -5.63 -9.00
C ILE A 64 26.43 -5.93 -7.61
N LEU A 65 25.43 -5.18 -7.17
CA LEU A 65 24.85 -5.36 -5.85
C LEU A 65 23.40 -5.78 -5.96
N THR A 66 22.92 -6.43 -4.90
CA THR A 66 21.49 -6.59 -4.66
C THR A 66 21.08 -5.55 -3.62
N LEU A 67 20.20 -4.64 -4.01
CA LEU A 67 19.79 -3.56 -3.13
C LEU A 67 18.56 -3.97 -2.34
N LYS A 68 18.57 -3.68 -1.04
CA LYS A 68 17.46 -4.01 -0.15
C LYS A 68 17.14 -2.82 0.73
N TYR A 69 15.87 -2.48 0.82
CA TYR A 69 15.41 -1.46 1.75
C TYR A 69 15.07 -2.11 3.09
N PRO A 70 15.68 -1.69 4.19
CA PRO A 70 15.27 -2.24 5.49
C PRO A 70 13.88 -1.80 5.91
N ILE A 71 13.43 -0.61 5.53
CA ILE A 71 12.13 -0.10 5.94
C ILE A 71 11.13 -0.36 4.81
N GLU A 72 10.06 -1.07 5.13
CA GLU A 72 8.95 -1.29 4.21
C GLU A 72 7.66 -0.73 4.78
N HIC A 73 7.08 0.23 4.08
CA HIC A 73 5.83 0.85 4.48
C HIC A 73 5.92 1.42 5.88
O HIC A 73 5.07 1.25 6.76
CB HIC A 73 4.61 -0.10 4.47
CG HIC A 73 4.34 -0.68 3.13
ND1 HIC A 73 4.02 0.06 1.99
CD2 HIC A 73 4.39 -2.05 2.82
CE1 HIC A 73 3.87 -0.84 1.00
NE2 HIC A 73 4.08 -2.14 1.46
CZ HIC A 73 4.00 -3.35 0.70
N GLY A 74 7.02 2.13 6.10
CA GLY A 74 7.24 2.81 7.36
C GLY A 74 7.63 1.93 8.52
N ILE A 75 7.71 0.62 8.28
CA ILE A 75 7.99 -0.36 9.32
C ILE A 75 9.37 -0.94 9.07
N ILE A 76 10.20 -1.00 10.11
CA ILE A 76 11.56 -1.49 9.99
C ILE A 76 11.52 -3.02 9.97
N THR A 77 11.75 -3.59 8.80
CA THR A 77 12.15 -4.99 8.68
C THR A 77 13.67 -5.04 8.63
N ASN A 78 14.21 -6.22 8.92
CA ASN A 78 15.67 -6.39 8.92
C ASN A 78 16.34 -5.37 9.83
N TRP A 79 16.40 -5.65 11.13
CA TRP A 79 16.99 -4.73 12.08
C TRP A 79 18.51 -4.69 12.00
N ASP A 80 19.14 -5.69 11.37
CA ASP A 80 20.59 -5.65 11.19
C ASP A 80 20.96 -4.63 10.12
N ASP A 81 20.20 -4.56 9.03
CA ASP A 81 20.48 -3.58 7.99
C ASP A 81 20.12 -2.17 8.44
N MET A 82 19.07 -2.01 9.24
CA MET A 82 18.73 -0.69 9.74
C MET A 82 19.79 -0.16 10.68
N GLU A 83 20.45 -1.05 11.43
CA GLU A 83 21.52 -0.62 12.32
C GLU A 83 22.77 -0.22 11.55
N LYS A 84 22.98 -0.80 10.37
CA LYS A 84 24.08 -0.37 9.52
C LYS A 84 23.82 1.02 8.94
N ILE A 85 22.56 1.33 8.65
CA ILE A 85 22.22 2.64 8.10
C ILE A 85 22.38 3.72 9.17
N TRP A 86 21.95 3.44 10.39
CA TRP A 86 22.16 4.38 11.49
C TRP A 86 23.64 4.57 11.77
N HIS A 87 24.41 3.49 11.72
CA HIS A 87 25.86 3.60 11.91
C HIS A 87 26.50 4.40 10.78
N HIS A 88 26.06 4.16 9.55
CA HIS A 88 26.55 4.93 8.41
C HIS A 88 26.15 6.40 8.54
N THR A 89 25.01 6.68 9.16
CA THR A 89 24.54 8.05 9.28
C THR A 89 25.38 8.83 10.29
N PHE A 90 25.65 8.23 11.45
CA PHE A 90 26.35 8.94 12.52
C PHE A 90 27.82 9.13 12.20
N TYR A 91 28.49 8.07 11.74
CA TYR A 91 29.94 8.09 11.64
C TYR A 91 30.46 8.45 10.26
N ASN A 92 29.70 8.22 9.19
CA ASN A 92 30.17 8.50 7.84
C ASN A 92 29.52 9.71 7.20
N GLU A 93 28.32 10.11 7.62
CA GLU A 93 27.62 11.23 7.02
C GLU A 93 27.63 12.46 7.90
N LEU A 94 27.26 12.34 9.16
CA LEU A 94 27.33 13.47 10.08
C LEU A 94 28.67 13.58 10.78
N ARG A 95 29.38 12.46 10.94
CA ARG A 95 30.70 12.42 11.57
C ARG A 95 30.66 13.00 12.98
N VAL A 96 29.76 12.43 13.78
CA VAL A 96 29.58 12.84 15.17
C VAL A 96 29.62 11.60 16.05
N ALA A 97 29.81 11.83 17.34
CA ALA A 97 29.69 10.76 18.33
C ALA A 97 28.26 10.71 18.83
N PRO A 98 27.55 9.59 18.65
CA PRO A 98 26.13 9.55 19.05
C PRO A 98 25.91 9.74 20.54
N GLU A 99 26.91 9.48 21.37
CA GLU A 99 26.76 9.58 22.82
C GLU A 99 26.87 11.01 23.35
N GLU A 100 26.91 12.00 22.46
CA GLU A 100 27.03 13.39 22.88
C GLU A 100 25.82 14.25 22.53
N HIS A 101 24.95 13.78 21.65
CA HIS A 101 23.83 14.57 21.17
C HIS A 101 22.52 13.85 21.42
N PRO A 102 21.50 14.53 21.94
CA PRO A 102 20.15 13.95 21.93
C PRO A 102 19.65 13.83 20.50
N THR A 103 18.92 12.75 20.22
CA THR A 103 18.52 12.41 18.86
C THR A 103 17.01 12.44 18.75
N LEU A 104 16.50 13.24 17.82
CA LEU A 104 15.08 13.30 17.52
C LEU A 104 14.80 12.39 16.33
N LEU A 105 13.94 11.40 16.53
CA LEU A 105 13.55 10.47 15.49
C LEU A 105 12.09 10.68 15.11
N THR A 106 11.72 10.13 13.97
CA THR A 106 10.36 10.25 13.45
C THR A 106 9.79 8.87 13.16
N GLU A 107 8.47 8.80 13.09
CA GLU A 107 7.78 7.55 12.80
C GLU A 107 6.42 7.85 12.20
N ALA A 108 5.99 6.99 11.30
CA ALA A 108 4.66 7.12 10.72
C ALA A 108 3.60 6.76 11.75
N PRO A 109 2.44 7.41 11.70
CA PRO A 109 1.37 7.07 12.65
C PRO A 109 0.77 5.71 12.34
N LEU A 110 0.16 5.12 13.37
CA LEU A 110 -0.48 3.81 13.30
C LEU A 110 0.54 2.72 12.95
N ASN A 111 1.74 2.87 13.47
CA ASN A 111 2.79 1.88 13.31
C ASN A 111 2.71 0.84 14.42
N PRO A 112 3.31 -0.34 14.22
CA PRO A 112 3.35 -1.31 15.31
C PRO A 112 4.12 -0.77 16.51
N LYS A 113 3.64 -1.11 17.71
CA LYS A 113 4.27 -0.61 18.93
C LYS A 113 5.70 -1.10 19.06
N ALA A 114 5.99 -2.33 18.61
CA ALA A 114 7.33 -2.88 18.75
C ALA A 114 8.35 -2.16 17.87
N ASN A 115 7.90 -1.50 16.80
CA ASN A 115 8.82 -0.77 15.94
C ASN A 115 9.52 0.35 16.70
N ARG A 116 8.74 1.13 17.46
CA ARG A 116 9.31 2.25 18.21
C ARG A 116 10.12 1.75 19.41
N GLU A 117 9.66 0.67 20.05
CA GLU A 117 10.39 0.16 21.21
C GLU A 117 11.75 -0.39 20.81
N LYS A 118 11.83 -1.06 19.66
CA LYS A 118 13.08 -1.66 19.23
C LYS A 118 14.09 -0.61 18.81
N MET A 119 13.64 0.48 18.18
CA MET A 119 14.57 1.52 17.79
C MET A 119 15.03 2.35 18.98
N THR A 120 14.21 2.42 20.03
CA THR A 120 14.62 3.11 21.25
C THR A 120 15.68 2.29 21.99
N GLN A 121 15.50 0.97 22.03
CA GLN A 121 16.49 0.10 22.66
C GLN A 121 17.84 0.18 21.95
N ILE A 122 17.81 0.26 20.61
CA ILE A 122 19.06 0.32 19.85
C ILE A 122 19.74 1.66 20.05
N MET A 123 18.97 2.75 20.09
CA MET A 123 19.57 4.07 20.26
C MET A 123 20.20 4.22 21.63
N PHE A 124 19.61 3.60 22.65
CA PHE A 124 20.12 3.73 24.01
C PHE A 124 21.21 2.72 24.35
N GLU A 125 21.16 1.52 23.78
CA GLU A 125 22.08 0.46 24.18
C GLU A 125 23.18 0.19 23.16
N THR A 126 22.97 0.52 21.89
CA THR A 126 24.01 0.34 20.88
C THR A 126 24.78 1.63 20.60
N PHE A 127 24.07 2.73 20.37
CA PHE A 127 24.71 4.01 20.12
C PHE A 127 24.86 4.87 21.37
N ASN A 128 24.17 4.51 22.45
CA ASN A 128 24.35 5.14 23.76
C ASN A 128 24.08 6.65 23.70
N VAL A 129 22.98 7.02 23.07
CA VAL A 129 22.58 8.43 23.00
C VAL A 129 22.18 8.89 24.39
N PRO A 130 22.42 10.16 24.75
CA PRO A 130 22.01 10.61 26.09
C PRO A 130 20.50 10.74 26.24
N ALA A 131 19.83 11.25 25.22
CA ALA A 131 18.38 11.39 25.24
C ALA A 131 17.86 11.19 23.83
N MET A 132 16.57 10.91 23.72
CA MET A 132 15.95 10.72 22.41
C MET A 132 14.47 11.03 22.51
N TYR A 133 13.84 11.15 21.35
CA TYR A 133 12.41 11.42 21.26
C TYR A 133 11.94 11.01 19.88
N VAL A 134 10.81 10.32 19.83
CA VAL A 134 10.19 9.89 18.57
C VAL A 134 9.00 10.81 18.33
N ALA A 135 9.12 11.67 17.33
CA ALA A 135 8.09 12.67 17.07
C ALA A 135 7.06 12.16 16.07
N ILE A 136 5.94 12.87 16.01
CA ILE A 136 4.88 12.61 15.05
C ILE A 136 5.21 13.36 13.77
N GLN A 137 5.24 12.65 12.64
CA GLN A 137 5.73 13.24 11.40
C GLN A 137 4.80 14.34 10.90
N ALA A 138 3.49 14.18 11.09
CA ALA A 138 2.56 15.19 10.61
C ALA A 138 2.62 16.45 11.47
N VAL A 139 2.91 16.29 12.76
CA VAL A 139 3.11 17.45 13.62
C VAL A 139 4.34 18.23 13.18
N LEU A 140 5.39 17.53 12.76
CA LEU A 140 6.60 18.21 12.31
C LEU A 140 6.34 18.96 11.00
N SER A 141 5.57 18.37 10.09
CA SER A 141 5.24 19.08 8.85
C SER A 141 4.46 20.36 9.12
N LEU A 142 3.65 20.38 10.17
CA LEU A 142 2.92 21.60 10.51
C LEU A 142 3.85 22.63 11.14
N TYR A 143 4.84 22.19 11.91
CA TYR A 143 5.85 23.11 12.41
C TYR A 143 6.63 23.75 11.27
N ALA A 144 6.88 22.99 10.20
CA ALA A 144 7.67 23.50 9.08
C ALA A 144 6.91 24.59 8.33
N SER A 145 5.60 24.46 8.22
CA SER A 145 4.78 25.47 7.55
C SER A 145 4.41 26.64 8.46
N GLY A 146 4.84 26.61 9.72
CA GLY A 146 4.50 27.69 10.64
C GLY A 146 3.04 27.75 11.02
N ARG A 147 2.35 26.62 10.99
CA ARG A 147 0.92 26.55 11.28
C ARG A 147 0.67 25.76 12.56
N THR A 148 -0.48 26.04 13.16
CA THR A 148 -0.99 25.25 14.26
C THR A 148 -2.28 24.53 13.92
N THR A 149 -2.87 24.82 12.76
CA THR A 149 -4.10 24.20 12.30
C THR A 149 -3.93 23.75 10.86
N GLY A 150 -4.40 22.55 10.57
CA GLY A 150 -4.39 22.06 9.21
C GLY A 150 -4.45 20.55 9.17
N ILE A 151 -4.78 20.03 8.01
CA ILE A 151 -4.77 18.59 7.76
C ILE A 151 -3.57 18.30 6.86
N VAL A 152 -2.65 17.48 7.35
CA VAL A 152 -1.40 17.21 6.65
C VAL A 152 -1.59 15.97 5.79
N LEU A 153 -1.24 16.09 4.51
CA LEU A 153 -1.18 14.96 3.59
C LEU A 153 0.31 14.65 3.37
N ASP A 154 0.81 13.67 4.11
CA ASP A 154 2.20 13.26 4.02
C ASP A 154 2.29 12.00 3.18
N SER A 155 3.09 12.05 2.12
CA SER A 155 3.26 10.91 1.22
C SER A 155 4.74 10.80 0.86
N GLY A 156 5.38 9.74 1.33
CA GLY A 156 6.78 9.52 1.05
C GLY A 156 7.02 8.33 0.14
N ASP A 157 7.95 7.46 0.52
CA ASP A 157 8.24 6.29 -0.27
C ASP A 157 7.44 5.07 0.16
N GLY A 158 7.01 5.01 1.42
CA GLY A 158 6.33 3.85 1.93
C GLY A 158 4.92 4.09 2.44
N VAL A 159 4.66 5.27 3.00
CA VAL A 159 3.41 5.55 3.69
C VAL A 159 2.80 6.84 3.14
N THR A 160 1.48 6.83 2.97
CA THR A 160 0.70 8.04 2.78
C THR A 160 -0.29 8.13 3.93
N HIS A 161 -0.33 9.27 4.62
CA HIS A 161 -1.23 9.40 5.74
C HIS A 161 -1.75 10.83 5.86
N ASN A 162 -2.98 10.95 6.37
CA ASN A 162 -3.63 12.22 6.66
C ASN A 162 -3.77 12.37 8.16
N VAL A 163 -3.33 13.51 8.68
CA VAL A 163 -3.49 13.80 10.11
C VAL A 163 -4.08 15.20 10.28
N PRO A 164 -5.31 15.33 10.74
CA PRO A 164 -5.87 16.66 10.98
C PRO A 164 -5.48 17.18 12.35
N ILE A 165 -5.06 18.45 12.38
CA ILE A 165 -4.66 19.12 13.60
C ILE A 165 -5.37 20.47 13.65
N TYR A 166 -5.95 20.80 14.80
CA TYR A 166 -6.70 22.04 14.97
C TYR A 166 -6.23 22.74 16.23
N GLU A 167 -5.66 23.93 16.06
CA GLU A 167 -5.20 24.77 17.17
C GLU A 167 -4.22 24.03 18.08
N GLY A 168 -3.41 23.16 17.49
CA GLY A 168 -2.44 22.40 18.24
C GLY A 168 -2.93 21.10 18.83
N TYR A 169 -4.21 20.77 18.64
CA TYR A 169 -4.77 19.52 19.12
C TYR A 169 -4.95 18.57 17.95
N ALA A 170 -4.42 17.36 18.10
CA ALA A 170 -4.58 16.33 17.08
C ALA A 170 -5.88 15.58 17.31
N LEU A 171 -6.49 15.14 16.20
CA LEU A 171 -7.69 14.33 16.23
C LEU A 171 -7.33 12.91 15.78
N PRO A 172 -6.86 12.04 16.68
CA PRO A 172 -6.34 10.75 16.25
C PRO A 172 -7.36 9.85 15.59
N HIS A 173 -8.63 9.96 15.97
CA HIS A 173 -9.65 9.10 15.38
C HIS A 173 -9.86 9.39 13.90
N ALA A 174 -9.48 10.57 13.43
CA ALA A 174 -9.63 10.94 12.03
C ALA A 174 -8.37 10.68 11.21
N ILE A 175 -7.35 10.07 11.80
CA ILE A 175 -6.12 9.79 11.08
C ILE A 175 -6.34 8.66 10.08
N MET A 176 -5.96 8.91 8.84
CA MET A 176 -5.99 7.90 7.78
C MET A 176 -4.56 7.50 7.45
N ARG A 177 -4.35 6.22 7.20
CA ARG A 177 -3.05 5.71 6.76
C ARG A 177 -3.25 4.85 5.53
N LEU A 178 -2.35 5.00 4.57
CA LEU A 178 -2.43 4.29 3.30
C LEU A 178 -1.06 3.74 2.97
N ASP A 179 -0.95 2.42 2.82
CA ASP A 179 0.32 1.82 2.43
C ASP A 179 0.50 1.87 0.92
N LEU A 180 0.27 3.03 0.34
CA LEU A 180 0.47 3.28 -1.08
C LEU A 180 1.24 4.59 -1.20
N ALA A 181 2.49 4.50 -1.62
CA ALA A 181 3.32 5.69 -1.73
C ALA A 181 4.28 5.60 -2.92
N GLY A 182 5.46 6.21 -2.80
CA GLY A 182 6.35 6.33 -3.94
C GLY A 182 6.83 5.00 -4.47
N ARG A 183 7.17 4.08 -3.57
CA ARG A 183 7.71 2.80 -4.02
C ARG A 183 6.69 1.98 -4.78
N ASP A 184 5.41 2.09 -4.42
CA ASP A 184 4.37 1.42 -5.19
C ASP A 184 4.16 2.07 -6.54
N LEU A 185 4.38 3.39 -6.63
CA LEU A 185 4.30 4.05 -7.94
C LEU A 185 5.47 3.64 -8.83
N THR A 186 6.65 3.46 -8.24
CA THR A 186 7.80 2.98 -9.01
C THR A 186 7.53 1.58 -9.56
N ASP A 187 6.99 0.69 -8.73
CA ASP A 187 6.69 -0.67 -9.19
C ASP A 187 5.64 -0.67 -10.27
N TYR A 188 4.65 0.23 -10.18
CA TYR A 188 3.62 0.30 -11.22
C TYR A 188 4.20 0.86 -12.52
N LEU A 189 5.13 1.81 -12.41
CA LEU A 189 5.78 2.33 -13.60
C LEU A 189 6.60 1.24 -14.29
N MET A 190 7.28 0.40 -13.52
CA MET A 190 8.01 -0.73 -14.10
C MET A 190 7.08 -1.66 -14.86
N LYS A 191 5.86 -1.86 -14.35
CA LYS A 191 4.92 -2.76 -14.99
C LYS A 191 4.41 -2.19 -16.31
N ILE A 192 4.03 -0.91 -16.33
CA ILE A 192 3.49 -0.32 -17.54
C ILE A 192 4.57 0.08 -18.54
N LEU A 193 5.84 0.06 -18.15
CA LEU A 193 6.90 0.27 -19.12
C LEU A 193 7.12 -0.95 -20.00
N THR A 194 6.67 -2.14 -19.56
CA THR A 194 6.74 -3.32 -20.41
C THR A 194 5.82 -3.23 -21.61
N GLU A 195 4.81 -2.35 -21.57
CA GLU A 195 3.92 -2.18 -22.71
C GLU A 195 4.66 -1.63 -23.92
N ARG A 196 5.75 -0.89 -23.69
CA ARG A 196 6.58 -0.37 -24.76
C ARG A 196 7.81 -1.22 -25.02
N GLY A 197 7.92 -2.38 -24.38
CA GLY A 197 9.04 -3.26 -24.58
C GLY A 197 10.23 -3.03 -23.67
N TYR A 198 10.12 -2.12 -22.73
CA TYR A 198 11.21 -1.84 -21.79
C TYR A 198 11.09 -2.78 -20.59
N SER A 199 12.13 -3.54 -20.32
CA SER A 199 12.12 -4.53 -19.25
C SER A 199 13.08 -4.09 -18.16
N PHE A 200 12.54 -3.74 -17.00
CA PHE A 200 13.32 -3.42 -15.82
C PHE A 200 12.94 -4.43 -14.74
N VAL A 201 13.91 -5.20 -14.26
CA VAL A 201 13.62 -6.33 -13.40
C VAL A 201 14.39 -6.26 -12.09
N THR A 202 15.71 -6.08 -12.19
CA THR A 202 16.56 -6.17 -11.00
C THR A 202 16.29 -5.00 -10.05
N THR A 203 16.83 -5.12 -8.83
CA THR A 203 16.71 -4.04 -7.86
C THR A 203 17.50 -2.82 -8.30
N ALA A 204 18.57 -3.01 -9.07
CA ALA A 204 19.31 -1.87 -9.60
C ALA A 204 18.52 -1.14 -10.68
N GLU A 205 17.80 -1.90 -11.52
CA GLU A 205 16.97 -1.26 -12.54
C GLU A 205 15.75 -0.57 -11.94
N ARG A 206 15.29 -1.01 -10.77
CA ARG A 206 14.22 -0.29 -10.08
C ARG A 206 14.67 1.11 -9.69
N GLU A 207 15.94 1.27 -9.33
CA GLU A 207 16.47 2.59 -9.05
C GLU A 207 16.49 3.47 -10.31
N ILE A 208 16.67 2.86 -11.48
CA ILE A 208 16.60 3.61 -12.72
C ILE A 208 15.18 4.08 -12.99
N VAL A 209 14.19 3.21 -12.75
CA VAL A 209 12.80 3.58 -12.98
C VAL A 209 12.37 4.68 -12.02
N ARG A 210 12.88 4.66 -10.79
CA ARG A 210 12.58 5.72 -9.85
C ARG A 210 13.11 7.07 -10.35
N ASP A 211 14.27 7.06 -10.99
CA ASP A 211 14.81 8.29 -11.56
C ASP A 211 13.97 8.78 -12.73
N ILE A 212 13.47 7.85 -13.55
CA ILE A 212 12.54 8.21 -14.63
C ILE A 212 11.29 8.85 -14.05
N LYS A 213 10.76 8.27 -12.97
CA LYS A 213 9.54 8.77 -12.35
C LYS A 213 9.73 10.19 -11.84
N GLU A 214 10.85 10.45 -11.17
CA GLU A 214 11.07 11.76 -10.56
C GLU A 214 11.33 12.85 -11.59
N LYS A 215 11.70 12.49 -12.82
CA LYS A 215 12.01 13.48 -13.84
C LYS A 215 10.91 13.70 -14.85
N LEU A 216 10.15 12.66 -15.21
CA LEU A 216 9.22 12.75 -16.32
C LEU A 216 7.75 12.64 -15.91
N CYS A 217 7.44 12.10 -14.74
CA CYS A 217 6.06 11.90 -14.35
C CYS A 217 5.43 13.18 -13.82
N TYR A 218 4.15 13.36 -14.12
CA TYR A 218 3.38 14.49 -13.63
C TYR A 218 1.95 14.06 -13.44
N VAL A 219 1.18 14.87 -12.72
CA VAL A 219 -0.23 14.59 -12.45
C VAL A 219 -1.08 15.35 -13.45
N ALA A 220 -1.94 14.64 -14.15
CA ALA A 220 -2.85 15.26 -15.09
C ALA A 220 -4.01 15.93 -14.37
N LEU A 221 -4.37 17.13 -14.81
CA LEU A 221 -5.50 17.82 -14.21
C LEU A 221 -6.80 17.08 -14.47
N ASP A 222 -7.01 16.63 -15.69
CA ASP A 222 -8.12 15.74 -16.05
C ASP A 222 -7.52 14.51 -16.73
N PHE A 223 -7.73 13.35 -16.13
CA PHE A 223 -7.03 12.15 -16.60
C PHE A 223 -7.57 11.66 -17.94
N GLU A 224 -8.90 11.63 -18.09
CA GLU A 224 -9.48 11.09 -19.32
C GLU A 224 -9.22 11.99 -20.52
N ASN A 225 -9.11 13.30 -20.31
CA ASN A 225 -8.76 14.19 -21.41
C ASN A 225 -7.30 14.04 -21.81
N GLU A 226 -6.42 13.80 -20.84
CA GLU A 226 -5.01 13.60 -21.16
C GLU A 226 -4.77 12.27 -21.87
N MET A 227 -5.56 11.25 -21.56
CA MET A 227 -5.46 9.99 -22.29
C MET A 227 -5.85 10.17 -23.75
N ALA A 228 -6.85 11.02 -24.01
CA ALA A 228 -7.24 11.29 -25.39
C ALA A 228 -6.19 12.11 -26.11
N THR A 229 -5.54 13.04 -25.41
CA THR A 229 -4.48 13.84 -26.02
C THR A 229 -3.26 12.98 -26.32
N ALA A 230 -2.90 12.08 -25.41
CA ALA A 230 -1.73 11.24 -25.63
C ALA A 230 -1.95 10.25 -26.77
N ALA A 231 -3.19 9.89 -27.05
CA ALA A 231 -3.50 8.93 -28.09
C ALA A 231 -3.74 9.58 -29.45
N SER A 232 -3.72 10.91 -29.52
CA SER A 232 -3.98 11.61 -30.77
C SER A 232 -2.76 12.34 -31.31
N SER A 233 -1.66 12.37 -30.58
CA SER A 233 -0.46 13.06 -31.02
C SER A 233 0.73 12.51 -30.24
N SER A 234 1.86 13.22 -30.31
CA SER A 234 3.07 12.85 -29.58
C SER A 234 3.63 14.01 -28.78
N SER A 235 2.80 15.03 -28.50
CA SER A 235 3.27 16.19 -27.76
C SER A 235 3.61 15.86 -26.31
N LEU A 236 3.10 14.76 -25.78
CA LEU A 236 3.40 14.35 -24.41
C LEU A 236 4.57 13.38 -24.33
N GLU A 237 5.14 12.98 -25.47
CA GLU A 237 6.27 12.06 -25.45
C GLU A 237 7.51 12.76 -24.95
N LYS A 238 8.22 12.11 -24.02
CA LYS A 238 9.51 12.57 -23.55
C LYS A 238 10.52 11.43 -23.67
N SER A 239 11.76 11.77 -23.95
CA SER A 239 12.83 10.80 -24.03
C SER A 239 13.68 10.82 -22.77
N TYR A 240 14.32 9.70 -22.51
CA TYR A 240 15.17 9.54 -21.34
C TYR A 240 16.33 8.63 -21.70
N GLU A 241 17.54 9.04 -21.35
CA GLU A 241 18.74 8.28 -21.65
C GLU A 241 19.09 7.40 -20.47
N LEU A 242 19.13 6.09 -20.69
CA LEU A 242 19.49 5.13 -19.67
C LEU A 242 20.99 5.25 -19.37
N PRO A 243 21.45 4.65 -18.26
CA PRO A 243 22.89 4.76 -17.92
C PRO A 243 23.82 4.18 -18.96
N ASP A 244 23.34 3.31 -19.85
CA ASP A 244 24.18 2.69 -20.87
C ASP A 244 24.02 3.36 -22.24
N GLY A 245 23.43 4.54 -22.29
CA GLY A 245 23.28 5.27 -23.53
C GLY A 245 22.01 4.98 -24.31
N GLN A 246 21.27 3.94 -23.93
CA GLN A 246 19.99 3.68 -24.59
C GLN A 246 18.98 4.77 -24.25
N VAL A 247 18.19 5.16 -25.24
CA VAL A 247 17.19 6.21 -25.09
C VAL A 247 15.81 5.57 -25.18
N ILE A 248 14.99 5.77 -24.15
CA ILE A 248 13.63 5.27 -24.14
C ILE A 248 12.68 6.45 -24.23
N THR A 249 11.50 6.21 -24.78
CA THR A 249 10.47 7.22 -24.95
C THR A 249 9.19 6.76 -24.27
N ILE A 250 8.60 7.62 -23.45
CA ILE A 250 7.37 7.30 -22.75
C ILE A 250 6.34 8.38 -23.02
N GLY A 251 5.09 7.98 -23.17
CA GLY A 251 4.00 8.89 -23.45
C GLY A 251 3.02 9.03 -22.31
N ASN A 252 1.92 8.28 -22.36
CA ASN A 252 0.91 8.42 -21.31
C ASN A 252 1.34 7.80 -19.99
N GLU A 253 2.42 7.02 -19.97
CA GLU A 253 2.95 6.52 -18.70
C GLU A 253 3.41 7.64 -17.80
N ARG A 254 3.69 8.82 -18.35
CA ARG A 254 4.13 9.95 -17.53
C ARG A 254 3.07 10.35 -16.52
N PHE A 255 1.81 10.32 -16.90
CA PHE A 255 0.73 10.68 -15.99
C PHE A 255 -0.11 9.50 -15.53
N ARG A 256 0.07 8.32 -16.14
CA ARG A 256 -0.62 7.14 -15.63
C ARG A 256 -0.03 6.65 -14.32
N CYS A 257 1.28 6.82 -14.14
CA CYS A 257 1.91 6.39 -12.88
C CYS A 257 1.44 7.21 -11.69
N PRO A 258 1.47 8.56 -11.71
CA PRO A 258 0.97 9.31 -10.55
C PRO A 258 -0.54 9.23 -10.38
N GLU A 259 -1.27 8.88 -11.44
CA GLU A 259 -2.73 8.74 -11.33
C GLU A 259 -3.13 7.65 -10.35
N THR A 260 -2.25 6.69 -10.08
CA THR A 260 -2.53 5.66 -9.09
C THR A 260 -2.82 6.25 -7.72
N LEU A 261 -2.23 7.40 -7.39
CA LEU A 261 -2.53 8.06 -6.13
C LEU A 261 -3.99 8.43 -6.01
N PHE A 262 -4.64 8.75 -7.13
CA PHE A 262 -6.04 9.12 -7.13
C PHE A 262 -6.95 7.96 -7.52
N GLN A 263 -6.42 6.92 -8.14
CA GLN A 263 -7.18 5.71 -8.47
C GLN A 263 -6.34 4.50 -8.07
N PRO A 264 -6.36 4.14 -6.78
CA PRO A 264 -5.54 3.00 -6.33
C PRO A 264 -5.94 1.66 -6.94
N SER A 265 -7.05 1.60 -7.68
CA SER A 265 -7.44 0.36 -8.34
C SER A 265 -6.49 0.00 -9.47
N PHE A 266 -5.68 0.94 -9.95
CA PHE A 266 -4.70 0.63 -10.99
C PHE A 266 -3.71 -0.43 -10.54
N ILE A 267 -3.44 -0.51 -9.23
CA ILE A 267 -2.53 -1.51 -8.69
C ILE A 267 -3.28 -2.52 -7.84
N GLY A 268 -4.59 -2.67 -8.06
CA GLY A 268 -5.36 -3.67 -7.36
C GLY A 268 -5.76 -3.33 -5.94
N MET A 269 -5.52 -2.10 -5.49
CA MET A 269 -5.91 -1.70 -4.15
C MET A 269 -7.36 -1.23 -4.14
N GLU A 270 -8.06 -1.53 -3.04
CA GLU A 270 -9.47 -1.19 -2.92
C GLU A 270 -9.70 0.20 -2.34
N SER A 271 -8.71 0.79 -1.68
CA SER A 271 -8.89 2.05 -0.99
C SER A 271 -9.19 3.18 -1.98
N ALA A 272 -9.68 4.28 -1.44
CA ALA A 272 -9.95 5.47 -2.23
C ALA A 272 -8.67 6.28 -2.44
N GLY A 273 -8.72 7.17 -3.42
CA GLY A 273 -7.58 8.01 -3.71
C GLY A 273 -7.29 9.00 -2.59
N ILE A 274 -6.16 9.68 -2.72
CA ILE A 274 -5.72 10.61 -1.68
C ILE A 274 -6.66 11.79 -1.55
N HIS A 275 -7.43 12.12 -2.58
CA HIS A 275 -8.38 13.22 -2.48
C HIS A 275 -9.59 12.82 -1.65
N GLU A 276 -10.13 11.62 -1.88
CA GLU A 276 -11.25 11.16 -1.08
C GLU A 276 -10.84 10.82 0.34
N THR A 277 -9.61 10.33 0.52
CA THR A 277 -9.10 10.05 1.86
C THR A 277 -8.97 11.34 2.67
N THR A 278 -8.47 12.40 2.04
CA THR A 278 -8.40 13.70 2.71
C THR A 278 -9.79 14.21 3.05
N TYR A 279 -10.73 14.11 2.12
CA TYR A 279 -12.10 14.54 2.37
C TYR A 279 -12.76 13.71 3.46
N ASN A 280 -12.57 12.39 3.42
CA ASN A 280 -13.15 11.53 4.45
C ASN A 280 -12.55 11.83 5.81
N SER A 281 -11.28 12.21 5.86
CA SER A 281 -10.67 12.57 7.14
C SER A 281 -11.27 13.86 7.68
N ILE A 282 -11.53 14.83 6.81
CA ILE A 282 -12.14 16.08 7.25
C ILE A 282 -13.57 15.84 7.71
N MET A 283 -14.30 14.96 7.04
CA MET A 283 -15.68 14.69 7.41
C MET A 283 -15.82 13.87 8.69
N LYS A 284 -14.73 13.27 9.18
CA LYS A 284 -14.76 12.65 10.49
C LYS A 284 -14.45 13.62 11.61
N CYS A 285 -13.96 14.81 11.28
CA CYS A 285 -13.70 15.83 12.28
C CYS A 285 -14.97 16.58 12.62
N ASP A 286 -14.94 17.27 13.76
CA ASP A 286 -16.10 18.03 14.19
C ASP A 286 -16.46 19.08 13.15
N ILE A 287 -17.76 19.29 12.96
CA ILE A 287 -18.26 20.18 11.90
C ILE A 287 -17.72 21.59 12.07
N ASP A 288 -17.41 22.00 13.30
CA ASP A 288 -16.96 23.37 13.55
C ASP A 288 -15.52 23.63 13.17
N ILE A 289 -14.71 22.59 12.92
CA ILE A 289 -13.32 22.77 12.52
C ILE A 289 -13.10 22.48 11.05
N ARG A 290 -14.12 22.04 10.32
CA ARG A 290 -13.91 21.61 8.94
C ARG A 290 -13.56 22.78 8.04
N LYS A 291 -14.12 23.96 8.30
CA LYS A 291 -13.83 25.12 7.47
C LYS A 291 -12.35 25.49 7.54
N ASP A 292 -11.75 25.40 8.73
CA ASP A 292 -10.33 25.71 8.85
C ASP A 292 -9.46 24.61 8.25
N LEU A 293 -9.93 23.37 8.27
CA LEU A 293 -9.17 22.29 7.65
C LEU A 293 -9.20 22.38 6.14
N TYR A 294 -10.36 22.79 5.58
CA TYR A 294 -10.46 22.96 4.14
C TYR A 294 -9.48 24.00 3.62
N ALA A 295 -9.16 25.00 4.42
CA ALA A 295 -8.29 26.09 4.01
C ALA A 295 -6.82 25.83 4.30
N ASN A 296 -6.48 24.71 4.94
CA ASN A 296 -5.11 24.44 5.34
C ASN A 296 -4.75 22.98 5.04
N ASN A 297 -4.87 22.59 3.78
CA ASN A 297 -4.42 21.28 3.32
C ASN A 297 -2.92 21.38 3.04
N VAL A 298 -2.11 20.85 3.94
CA VAL A 298 -0.65 20.95 3.85
C VAL A 298 -0.11 19.66 3.25
N MET A 299 0.69 19.80 2.20
CA MET A 299 1.35 18.68 1.55
C MET A 299 2.79 18.57 2.04
N SER A 300 3.25 17.33 2.19
CA SER A 300 4.63 17.08 2.57
C SER A 300 5.04 15.71 2.05
N GLY A 301 6.35 15.54 1.88
CA GLY A 301 6.90 14.28 1.39
C GLY A 301 7.23 14.34 -0.09
N GLY A 302 8.12 13.43 -0.49
CA GLY A 302 8.61 13.43 -1.87
C GLY A 302 7.56 13.07 -2.89
N THR A 303 6.56 12.27 -2.51
CA THR A 303 5.52 11.87 -3.44
C THR A 303 4.54 13.00 -3.74
N THR A 304 4.57 14.10 -2.98
CA THR A 304 3.77 15.26 -3.31
C THR A 304 4.50 16.22 -4.24
N MET A 305 5.67 15.85 -4.74
CA MET A 305 6.47 16.72 -5.59
C MET A 305 6.16 16.58 -7.07
N TYR A 306 5.15 15.79 -7.43
CA TYR A 306 4.78 15.69 -8.84
C TYR A 306 4.24 17.03 -9.33
N PRO A 307 4.62 17.45 -10.54
CA PRO A 307 4.03 18.66 -11.11
C PRO A 307 2.53 18.46 -11.33
N GLY A 308 1.74 19.41 -10.82
CA GLY A 308 0.31 19.40 -11.01
C GLY A 308 -0.49 18.68 -9.95
N ILE A 309 0.16 18.16 -8.90
CA ILE A 309 -0.59 17.40 -7.91
C ILE A 309 -1.38 18.34 -6.98
N ALA A 310 -0.88 19.55 -6.76
CA ALA A 310 -1.62 20.51 -5.93
C ALA A 310 -2.84 21.03 -6.65
N ASP A 311 -2.73 21.28 -7.96
CA ASP A 311 -3.89 21.72 -8.74
C ASP A 311 -4.91 20.61 -8.88
N ARG A 312 -4.45 19.36 -8.99
CA ARG A 312 -5.38 18.24 -9.08
C ARG A 312 -6.10 18.02 -7.75
N MET A 313 -5.37 18.08 -6.64
CA MET A 313 -6.00 17.92 -5.33
C MET A 313 -6.99 19.04 -5.05
N GLN A 314 -6.65 20.27 -5.44
CA GLN A 314 -7.57 21.38 -5.29
C GLN A 314 -8.86 21.15 -6.06
N LYS A 315 -8.74 20.63 -7.29
CA LYS A 315 -9.92 20.37 -8.11
C LYS A 315 -10.75 19.24 -7.55
N GLU A 316 -10.10 18.18 -7.06
CA GLU A 316 -10.84 17.01 -6.60
C GLU A 316 -11.56 17.28 -5.28
N ILE A 317 -10.92 18.00 -4.37
CA ILE A 317 -11.55 18.30 -3.09
C ILE A 317 -12.64 19.35 -3.26
N THR A 318 -12.45 20.30 -4.17
CA THR A 318 -13.49 21.28 -4.47
C THR A 318 -14.76 20.59 -4.96
N ALA A 319 -14.62 19.51 -5.72
CA ALA A 319 -15.79 18.78 -6.20
C ALA A 319 -16.48 17.99 -5.09
N LEU A 320 -15.77 17.65 -4.02
CA LEU A 320 -16.36 16.90 -2.92
C LEU A 320 -16.91 17.80 -1.81
N ALA A 321 -16.27 18.94 -1.58
CA ALA A 321 -16.68 19.84 -0.51
C ALA A 321 -17.84 20.74 -0.96
N PRO A 322 -18.56 21.33 -0.02
CA PRO A 322 -19.60 22.31 -0.39
C PRO A 322 -19.01 23.49 -1.14
N SER A 323 -19.85 24.12 -1.96
CA SER A 323 -19.38 25.17 -2.84
C SER A 323 -18.95 26.43 -2.11
N THR A 324 -19.47 26.66 -0.90
CA THR A 324 -19.11 27.86 -0.15
C THR A 324 -17.80 27.73 0.62
N MET A 325 -17.16 26.56 0.57
CA MET A 325 -15.91 26.35 1.27
C MET A 325 -14.73 26.77 0.40
N LYS A 326 -13.75 27.41 1.03
CA LYS A 326 -12.52 27.81 0.35
C LYS A 326 -11.49 26.70 0.52
N ILE A 327 -11.21 25.98 -0.56
CA ILE A 327 -10.22 24.91 -0.54
C ILE A 327 -8.86 25.50 -0.90
N LYS A 328 -7.89 25.34 -0.02
CA LYS A 328 -6.56 25.88 -0.21
C LYS A 328 -5.53 24.80 0.07
N ILE A 329 -4.77 24.43 -0.96
CA ILE A 329 -3.70 23.43 -0.82
C ILE A 329 -2.40 24.17 -0.59
N ILE A 330 -1.76 23.90 0.54
CA ILE A 330 -0.47 24.49 0.88
C ILE A 330 0.62 23.52 0.45
N ALA A 331 1.38 23.89 -0.58
CA ALA A 331 2.45 23.05 -1.12
C ALA A 331 3.71 23.90 -1.26
N PRO A 332 4.48 24.06 -0.18
CA PRO A 332 5.70 24.85 -0.27
C PRO A 332 6.75 24.13 -1.11
N PRO A 333 7.67 24.87 -1.72
CA PRO A 333 8.69 24.22 -2.57
C PRO A 333 9.63 23.30 -1.82
N GLU A 334 9.81 23.51 -0.52
CA GLU A 334 10.70 22.69 0.29
C GLU A 334 9.96 21.57 1.02
N ARG A 335 8.77 21.19 0.55
CA ARG A 335 7.95 20.23 1.28
C ARG A 335 8.51 18.82 1.25
N LYS A 336 9.50 18.53 0.41
CA LYS A 336 10.12 17.21 0.43
C LYS A 336 10.90 16.98 1.72
N TYR A 337 11.32 18.04 2.41
CA TYR A 337 12.03 17.93 3.67
C TYR A 337 11.24 18.52 4.83
N SER A 338 9.92 18.62 4.70
CA SER A 338 9.11 19.29 5.72
C SER A 338 9.21 18.59 7.06
N VAL A 339 9.26 17.25 7.07
CA VAL A 339 9.34 16.52 8.33
C VAL A 339 10.66 16.82 9.03
N TRP A 340 11.76 16.83 8.29
CA TRP A 340 13.05 17.15 8.91
C TRP A 340 13.10 18.60 9.36
N ILE A 341 12.61 19.52 8.51
CA ILE A 341 12.64 20.94 8.86
C ILE A 341 11.82 21.20 10.11
N GLY A 342 10.65 20.59 10.21
CA GLY A 342 9.85 20.73 11.41
C GLY A 342 10.51 20.12 12.63
N GLY A 343 11.19 18.98 12.45
CA GLY A 343 11.94 18.39 13.54
C GLY A 343 13.09 19.25 14.00
N SER A 344 13.74 19.95 13.07
CA SER A 344 14.79 20.88 13.44
C SER A 344 14.24 22.06 14.22
N ILE A 345 13.03 22.50 13.87
CA ILE A 345 12.39 23.59 14.62
C ILE A 345 11.98 23.12 16.01
N LEU A 346 11.38 21.93 16.09
CA LEU A 346 10.90 21.42 17.37
C LEU A 346 12.04 21.17 18.33
N ALA A 347 13.10 20.52 17.86
CA ALA A 347 14.23 20.21 18.72
C ALA A 347 15.00 21.44 19.18
N SER A 348 14.72 22.61 18.61
CA SER A 348 15.34 23.86 19.02
C SER A 348 14.47 24.67 19.98
N LEU A 349 13.20 24.32 20.15
CA LEU A 349 12.33 25.04 21.05
C LEU A 349 12.76 24.84 22.50
N SER A 350 12.61 25.90 23.30
CA SER A 350 12.94 25.82 24.72
C SER A 350 11.92 25.01 25.49
N THR A 351 10.65 25.07 25.09
CA THR A 351 9.60 24.30 25.75
C THR A 351 9.69 22.81 25.47
N PHE A 352 10.50 22.40 24.50
CA PHE A 352 10.65 20.99 24.16
C PHE A 352 11.72 20.29 24.96
N GLN A 353 12.65 21.03 25.56
CA GLN A 353 13.78 20.42 26.26
C GLN A 353 13.36 19.57 27.45
N GLN A 354 12.10 19.63 27.86
CA GLN A 354 11.57 18.76 28.90
C GLN A 354 10.99 17.47 28.35
N MET A 355 10.81 17.37 27.02
CA MET A 355 10.21 16.20 26.40
C MET A 355 11.22 15.10 26.10
N TRP A 356 12.52 15.38 26.21
CA TRP A 356 13.52 14.37 25.93
C TRP A 356 13.39 13.19 26.90
N ILE A 357 13.47 11.98 26.36
CA ILE A 357 13.51 10.77 27.17
C ILE A 357 14.98 10.46 27.39
N THR A 358 15.48 10.74 28.59
CA THR A 358 16.88 10.52 28.88
C THR A 358 17.14 9.04 29.14
N LYS A 359 18.43 8.67 29.12
CA LYS A 359 18.81 7.30 29.38
C LYS A 359 18.43 6.87 30.80
N GLN A 360 18.43 7.81 31.74
CA GLN A 360 18.08 7.47 33.11
C GLN A 360 16.59 7.14 33.24
N GLU A 361 15.74 7.94 32.62
CA GLU A 361 14.31 7.66 32.65
C GLU A 361 13.97 6.34 31.97
N TYR A 362 14.76 5.96 30.97
CA TYR A 362 14.49 4.74 30.22
C TYR A 362 14.88 3.49 31.01
N ASP A 363 15.90 3.58 31.86
CA ASP A 363 16.34 2.42 32.61
C ASP A 363 15.34 2.03 33.70
N GLU A 364 14.57 3.00 34.21
CA GLU A 364 13.63 2.71 35.29
C GLU A 364 12.21 2.51 34.77
N ALA A 365 11.77 3.36 33.85
CA ALA A 365 10.40 3.25 33.34
C ALA A 365 10.25 2.06 32.40
N GLY A 366 11.26 1.81 31.57
CA GLY A 366 11.20 0.72 30.62
C GLY A 366 10.73 1.16 29.26
N PRO A 367 10.45 0.21 28.38
CA PRO A 367 10.03 0.56 27.01
C PRO A 367 8.69 1.26 26.95
N SER A 368 7.90 1.25 28.03
CA SER A 368 6.59 1.87 27.99
C SER A 368 6.64 3.39 27.97
N ILE A 369 7.78 3.98 28.35
CA ILE A 369 7.89 5.44 28.40
C ILE A 369 7.88 6.05 27.01
N VAL A 370 8.20 5.27 25.97
CA VAL A 370 8.31 5.82 24.62
C VAL A 370 6.96 5.98 23.93
N HIS A 371 5.89 5.44 24.50
CA HIS A 371 4.56 5.51 23.89
C HIS A 371 3.68 6.57 24.54
N ARG A 372 4.22 7.75 24.80
CA ARG A 372 3.45 8.88 25.31
C ARG A 372 3.30 9.92 24.22
N LYS A 373 2.08 10.48 24.10
CA LYS A 373 1.72 11.35 22.98
C LYS A 373 1.99 10.64 21.65
N CYS A 374 1.56 9.38 21.56
CA CYS A 374 1.81 8.55 20.41
C CYS A 374 0.49 8.00 19.87
N PHE A 375 0.37 7.97 18.55
CA PHE A 375 -0.75 7.32 17.89
C PHE A 375 -0.33 6.80 16.52
N THR B 6 61.23 -16.99 -3.67
CA THR B 6 60.42 -16.27 -4.65
C THR B 6 59.56 -17.24 -5.45
N ALA B 7 58.44 -16.74 -5.96
CA ALA B 7 57.48 -17.59 -6.66
C ALA B 7 57.78 -17.64 -8.15
N LEU B 8 57.44 -18.78 -8.75
CA LEU B 8 57.53 -18.95 -10.20
C LEU B 8 56.20 -18.62 -10.84
N VAL B 9 56.25 -17.87 -11.94
CA VAL B 9 55.08 -17.54 -12.73
C VAL B 9 55.26 -18.21 -14.09
N CYS B 10 54.42 -19.20 -14.36
CA CYS B 10 54.49 -19.96 -15.62
C CYS B 10 53.16 -19.82 -16.34
N ASP B 11 53.19 -19.14 -17.48
CA ASP B 11 52.01 -18.96 -18.34
C ASP B 11 52.13 -19.93 -19.51
N ASN B 12 51.50 -21.09 -19.39
CA ASN B 12 51.54 -22.13 -20.40
C ASN B 12 50.41 -21.88 -21.40
N GLY B 13 50.75 -21.27 -22.53
CA GLY B 13 49.76 -21.05 -23.56
C GLY B 13 49.76 -22.16 -24.60
N SER B 14 48.78 -22.07 -25.49
CA SER B 14 48.71 -23.03 -26.59
C SER B 14 49.89 -22.89 -27.54
N GLY B 15 50.50 -21.71 -27.60
CA GLY B 15 51.59 -21.46 -28.52
C GLY B 15 52.93 -21.24 -27.86
N LEU B 16 52.97 -20.39 -26.84
CA LEU B 16 54.21 -20.00 -26.20
C LEU B 16 54.17 -20.30 -24.71
N VAL B 17 55.34 -20.59 -24.16
CA VAL B 17 55.53 -20.73 -22.73
C VAL B 17 56.19 -19.45 -22.23
N LYS B 18 55.52 -18.76 -21.31
CA LYS B 18 56.06 -17.57 -20.65
C LYS B 18 56.34 -17.95 -19.21
N ALA B 19 57.61 -17.98 -18.84
CA ALA B 19 58.02 -18.39 -17.51
C ALA B 19 59.02 -17.39 -16.94
N GLY B 20 58.99 -17.24 -15.62
CA GLY B 20 59.88 -16.33 -14.97
C GLY B 20 59.64 -16.32 -13.47
N PHE B 21 60.12 -15.28 -12.82
CA PHE B 21 60.02 -15.14 -11.38
C PHE B 21 59.10 -13.98 -11.02
N ALA B 22 58.30 -14.18 -9.98
CA ALA B 22 57.42 -13.11 -9.51
C ALA B 22 58.26 -11.92 -9.03
N GLY B 23 57.84 -10.72 -9.43
CA GLY B 23 58.55 -9.50 -9.14
C GLY B 23 59.24 -8.89 -10.35
N ASP B 24 59.66 -9.72 -11.30
CA ASP B 24 60.26 -9.21 -12.52
C ASP B 24 59.19 -8.56 -13.40
N ASP B 25 59.66 -7.77 -14.35
CA ASP B 25 58.77 -7.04 -15.25
C ASP B 25 58.54 -7.75 -16.58
N ALA B 26 59.27 -8.82 -16.86
CA ALA B 26 59.14 -9.54 -18.12
C ALA B 26 59.46 -11.01 -17.86
N PRO B 27 58.88 -11.92 -18.65
CA PRO B 27 59.23 -13.34 -18.50
C PRO B 27 60.69 -13.57 -18.85
N ARG B 28 61.34 -14.43 -18.08
CA ARG B 28 62.73 -14.75 -18.34
C ARG B 28 62.87 -15.75 -19.49
N ALA B 29 61.94 -16.68 -19.61
CA ALA B 29 61.97 -17.72 -20.63
C ALA B 29 60.71 -17.65 -21.46
N VAL B 30 60.87 -17.36 -22.75
CA VAL B 30 59.77 -17.37 -23.71
C VAL B 30 60.19 -18.24 -24.88
N PHE B 31 59.50 -19.36 -25.07
CA PHE B 31 59.85 -20.31 -26.12
C PHE B 31 58.59 -21.01 -26.59
N PRO B 32 58.58 -21.55 -27.81
CA PRO B 32 57.37 -22.20 -28.31
C PRO B 32 57.03 -23.45 -27.52
N SER B 33 55.74 -23.70 -27.35
CA SER B 33 55.25 -24.86 -26.62
C SER B 33 55.11 -26.05 -27.57
N ILE B 34 56.26 -26.52 -28.06
CA ILE B 34 56.32 -27.57 -29.05
C ILE B 34 57.24 -28.68 -28.58
N VAL B 35 56.93 -29.90 -29.00
CA VAL B 35 57.81 -31.05 -28.84
C VAL B 35 58.06 -31.63 -30.23
N GLY B 36 59.33 -31.73 -30.60
CA GLY B 36 59.72 -32.23 -31.91
C GLY B 36 60.39 -33.59 -31.80
N ARG B 37 60.00 -34.48 -32.71
CA ARG B 37 60.60 -35.81 -32.78
C ARG B 37 61.08 -36.08 -34.19
N PRO B 38 62.23 -36.75 -34.34
CA PRO B 38 62.75 -37.02 -35.68
C PRO B 38 61.81 -37.91 -36.47
N ARG B 39 61.61 -37.55 -37.74
CA ARG B 39 60.77 -38.32 -38.64
C ARG B 39 61.57 -38.99 -39.76
N HIS B 40 62.89 -38.99 -39.66
CA HIS B 40 63.77 -39.65 -40.62
C HIS B 40 64.63 -40.68 -39.88
N GLN B 41 65.57 -41.27 -40.60
CA GLN B 41 66.45 -42.30 -40.07
C GLN B 41 67.78 -41.69 -39.65
N GLY B 42 68.17 -41.93 -38.40
CA GLY B 42 69.45 -41.47 -37.91
C GLY B 42 70.56 -42.43 -38.31
N VAL B 43 71.61 -41.89 -38.91
CA VAL B 43 72.70 -42.72 -39.42
C VAL B 43 74.05 -42.38 -38.79
N MET B 44 74.20 -41.24 -38.14
CA MET B 44 75.47 -40.87 -37.54
C MET B 44 75.32 -40.65 -36.03
N GLN B 49 71.74 -36.89 -31.46
CA GLN B 49 70.76 -37.93 -31.75
C GLN B 49 69.84 -38.16 -30.56
N LYS B 50 69.23 -37.08 -30.07
CA LYS B 50 68.27 -37.20 -28.99
C LYS B 50 66.94 -37.70 -29.52
N ASP B 51 66.09 -38.16 -28.60
CA ASP B 51 64.79 -38.71 -28.99
C ASP B 51 63.76 -37.62 -29.22
N SER B 52 63.81 -36.52 -28.46
CA SER B 52 62.82 -35.47 -28.60
C SER B 52 63.48 -34.13 -28.30
N TYR B 53 62.93 -33.08 -28.90
CA TYR B 53 63.41 -31.72 -28.73
C TYR B 53 62.24 -30.83 -28.31
N VAL B 54 62.52 -29.86 -27.46
CA VAL B 54 61.50 -29.01 -26.88
C VAL B 54 61.84 -27.55 -27.14
N GLY B 55 60.83 -26.77 -27.53
CA GLY B 55 60.98 -25.33 -27.52
C GLY B 55 61.84 -24.82 -28.66
N ASP B 56 62.78 -23.93 -28.31
CA ASP B 56 63.63 -23.33 -29.33
C ASP B 56 64.61 -24.33 -29.93
N GLU B 57 64.96 -25.37 -29.18
CA GLU B 57 65.79 -26.42 -29.75
C GLU B 57 65.05 -27.21 -30.81
N ALA B 58 63.75 -27.45 -30.59
CA ALA B 58 62.94 -28.09 -31.62
C ALA B 58 62.72 -27.15 -32.81
N GLN B 59 62.71 -25.84 -32.56
CA GLN B 59 62.47 -24.89 -33.64
C GLN B 59 63.68 -24.77 -34.57
N SER B 60 64.88 -24.92 -34.04
CA SER B 60 66.08 -24.81 -34.86
C SER B 60 66.35 -26.06 -35.68
N LYS B 61 65.86 -27.22 -35.25
CA LYS B 61 66.04 -28.47 -35.97
C LYS B 61 64.76 -28.97 -36.59
N ARG B 62 63.79 -28.08 -36.83
CA ARG B 62 62.47 -28.50 -37.28
C ARG B 62 62.48 -29.12 -38.67
N GLY B 63 63.56 -28.91 -39.44
CA GLY B 63 63.62 -29.48 -40.77
C GLY B 63 63.54 -30.99 -40.80
N ILE B 64 64.03 -31.65 -39.76
CA ILE B 64 64.00 -33.10 -39.67
C ILE B 64 63.09 -33.60 -38.56
N LEU B 65 62.24 -32.74 -38.02
CA LEU B 65 61.35 -33.09 -36.92
C LEU B 65 59.90 -33.01 -37.35
N THR B 66 59.06 -33.76 -36.65
CA THR B 66 57.62 -33.55 -36.65
C THR B 66 57.27 -32.77 -35.39
N LEU B 67 56.73 -31.56 -35.56
CA LEU B 67 56.43 -30.69 -34.45
C LEU B 67 54.99 -30.91 -34.00
N LYS B 68 54.79 -31.03 -32.70
CA LYS B 68 53.47 -31.24 -32.12
C LYS B 68 53.27 -30.30 -30.93
N TYR B 69 52.11 -29.65 -30.90
CA TYR B 69 51.73 -28.83 -29.76
C TYR B 69 50.96 -29.70 -28.77
N PRO B 70 51.40 -29.81 -27.51
CA PRO B 70 50.59 -30.55 -26.54
C PRO B 70 49.29 -29.85 -26.18
N ILE B 71 49.25 -28.53 -26.20
CA ILE B 71 48.04 -27.79 -25.83
C ILE B 71 47.29 -27.41 -27.10
N GLU B 72 46.03 -27.82 -27.18
CA GLU B 72 45.13 -27.44 -28.25
C GLU B 72 43.93 -26.70 -27.70
N HIC B 73 43.77 -25.44 -28.11
CA HIC B 73 42.64 -24.62 -27.71
C HIC B 73 42.56 -24.52 -26.19
O HIC B 73 41.53 -24.67 -25.55
CB HIC B 73 41.27 -25.12 -28.18
CG HIC B 73 41.16 -25.20 -29.66
ND1 HIC B 73 41.28 -24.10 -30.52
CD2 HIC B 73 40.94 -26.37 -30.40
CE1 HIC B 73 41.13 -24.60 -31.77
NE2 HIC B 73 40.91 -25.98 -31.74
CZ HIC B 73 40.71 -26.84 -32.86
N GLY B 74 43.73 -24.26 -25.60
CA GLY B 74 43.83 -24.05 -24.17
C GLY B 74 43.72 -25.31 -23.32
N ILE B 75 43.53 -26.45 -23.97
CA ILE B 75 43.34 -27.73 -23.29
C ILE B 75 44.56 -28.60 -23.55
N ILE B 76 45.09 -29.18 -22.48
CA ILE B 76 46.28 -30.02 -22.57
C ILE B 76 45.89 -31.39 -23.10
N THR B 77 46.22 -31.65 -24.35
CA THR B 77 46.28 -33.00 -24.87
C THR B 77 47.71 -33.50 -24.74
N ASN B 78 47.88 -34.82 -24.79
CA ASN B 78 49.21 -35.41 -24.65
C ASN B 78 49.89 -34.94 -23.38
N TRP B 79 49.60 -35.58 -22.25
CA TRP B 79 50.19 -35.18 -20.98
C TRP B 79 51.64 -35.58 -20.85
N ASP B 80 52.12 -36.51 -21.68
CA ASP B 80 53.54 -36.84 -21.64
C ASP B 80 54.39 -35.73 -22.25
N ASP B 81 53.90 -35.13 -23.35
CA ASP B 81 54.65 -34.03 -23.96
C ASP B 81 54.56 -32.77 -23.13
N MET B 82 53.43 -32.53 -22.46
CA MET B 82 53.31 -31.36 -21.61
C MET B 82 54.24 -31.46 -20.40
N GLU B 83 54.49 -32.68 -19.92
CA GLU B 83 55.40 -32.86 -18.80
C GLU B 83 56.85 -32.65 -19.23
N LYS B 84 57.17 -32.91 -20.50
CA LYS B 84 58.50 -32.60 -21.01
C LYS B 84 58.72 -31.10 -21.12
N ILE B 85 57.66 -30.36 -21.47
CA ILE B 85 57.79 -28.91 -21.59
C ILE B 85 57.97 -28.27 -20.21
N TRP B 86 57.23 -28.75 -19.21
CA TRP B 86 57.41 -28.25 -17.85
C TRP B 86 58.80 -28.60 -17.33
N HIS B 87 59.28 -29.82 -17.63
CA HIS B 87 60.63 -30.20 -17.23
C HIS B 87 61.67 -29.33 -17.94
N HIS B 88 61.47 -29.08 -19.23
CA HIS B 88 62.36 -28.20 -19.97
C HIS B 88 62.32 -26.78 -19.43
N THR B 89 61.17 -26.35 -18.90
CA THR B 89 61.04 -25.00 -18.39
C THR B 89 61.80 -24.82 -17.08
N PHE B 90 61.66 -25.78 -16.16
CA PHE B 90 62.25 -25.64 -14.84
C PHE B 90 63.76 -25.81 -14.88
N TYR B 91 64.24 -26.85 -15.57
CA TYR B 91 65.64 -27.25 -15.48
C TYR B 91 66.53 -26.69 -16.58
N ASN B 92 65.97 -26.36 -17.74
CA ASN B 92 66.77 -25.88 -18.86
C ASN B 92 66.60 -24.39 -19.15
N GLU B 93 65.48 -23.79 -18.79
CA GLU B 93 65.21 -22.39 -19.06
C GLU B 93 65.35 -21.51 -17.83
N LEU B 94 64.68 -21.87 -16.73
CA LEU B 94 64.81 -21.12 -15.49
C LEU B 94 65.96 -21.62 -14.63
N ARG B 95 66.32 -22.89 -14.76
CA ARG B 95 67.43 -23.50 -14.02
C ARG B 95 67.22 -23.35 -12.51
N VAL B 96 66.05 -23.83 -12.05
CA VAL B 96 65.69 -23.79 -10.65
C VAL B 96 65.22 -25.18 -10.23
N ALA B 97 65.18 -25.40 -8.92
CA ALA B 97 64.60 -26.60 -8.36
C ALA B 97 63.12 -26.37 -8.11
N PRO B 98 62.21 -27.12 -8.73
CA PRO B 98 60.78 -26.84 -8.56
C PRO B 98 60.29 -27.01 -7.13
N GLU B 99 60.99 -27.79 -6.31
CA GLU B 99 60.55 -28.06 -4.95
C GLU B 99 60.90 -26.94 -3.98
N GLU B 100 61.36 -25.79 -4.46
CA GLU B 100 61.73 -24.68 -3.59
C GLU B 100 60.88 -23.44 -3.80
N HIS B 101 60.12 -23.36 -4.89
CA HIS B 101 59.37 -22.17 -5.23
C HIS B 101 57.90 -22.50 -5.39
N PRO B 102 56.99 -21.73 -4.82
CA PRO B 102 55.57 -21.84 -5.20
C PRO B 102 55.38 -21.39 -6.64
N THR B 103 54.49 -22.09 -7.35
CA THR B 103 54.32 -21.90 -8.78
C THR B 103 52.92 -21.38 -9.08
N LEU B 104 52.84 -20.24 -9.75
CA LEU B 104 51.58 -19.68 -10.20
C LEU B 104 51.36 -20.09 -11.65
N LEU B 105 50.26 -20.81 -11.90
CA LEU B 105 49.89 -21.25 -13.23
C LEU B 105 48.65 -20.50 -13.70
N THR B 106 48.40 -20.57 -15.00
CA THR B 106 47.27 -19.90 -15.62
C THR B 106 46.46 -20.92 -16.42
N GLU B 107 45.20 -20.57 -16.68
CA GLU B 107 44.31 -21.43 -17.45
C GLU B 107 43.23 -20.57 -18.09
N ALA B 108 42.80 -20.98 -19.28
CA ALA B 108 41.71 -20.29 -19.95
C ALA B 108 40.39 -20.60 -19.24
N PRO B 109 39.47 -19.64 -19.23
CA PRO B 109 38.16 -19.89 -18.60
C PRO B 109 37.34 -20.87 -19.41
N LEU B 110 36.39 -21.51 -18.71
CA LEU B 110 35.49 -22.49 -19.30
C LEU B 110 36.26 -23.69 -19.85
N ASN B 111 37.32 -24.06 -19.17
CA ASN B 111 38.11 -25.24 -19.50
C ASN B 111 37.54 -26.47 -18.81
N PRO B 112 37.85 -27.66 -19.31
CA PRO B 112 37.42 -28.89 -18.61
C PRO B 112 38.02 -28.95 -17.21
N LYS B 113 37.22 -29.46 -16.27
CA LYS B 113 37.67 -29.54 -14.88
C LYS B 113 38.88 -30.45 -14.72
N ALA B 114 38.94 -31.52 -15.51
CA ALA B 114 40.05 -32.46 -15.40
C ALA B 114 41.37 -31.87 -15.84
N ASN B 115 41.35 -30.83 -16.69
CA ASN B 115 42.59 -30.20 -17.13
C ASN B 115 43.34 -29.59 -15.96
N ARG B 116 42.63 -28.86 -15.09
CA ARG B 116 43.28 -28.24 -13.95
C ARG B 116 43.66 -29.26 -12.88
N GLU B 117 42.83 -30.29 -12.70
CA GLU B 117 43.13 -31.30 -11.69
C GLU B 117 44.37 -32.10 -12.07
N LYS B 118 44.54 -32.40 -13.36
CA LYS B 118 45.67 -33.21 -13.80
C LYS B 118 46.97 -32.43 -13.69
N MET B 119 46.95 -31.13 -14.00
CA MET B 119 48.17 -30.34 -13.89
C MET B 119 48.54 -30.06 -12.44
N THR B 120 47.56 -30.04 -11.54
CA THR B 120 47.85 -29.89 -10.13
C THR B 120 48.49 -31.15 -9.57
N GLN B 121 48.00 -32.32 -9.98
CA GLN B 121 48.59 -33.58 -9.55
C GLN B 121 50.03 -33.72 -10.03
N ILE B 122 50.31 -33.27 -11.25
CA ILE B 122 51.67 -33.37 -11.78
C ILE B 122 52.61 -32.40 -11.06
N MET B 123 52.12 -31.19 -10.77
CA MET B 123 52.98 -30.21 -10.09
C MET B 123 53.31 -30.66 -8.68
N PHE B 124 52.39 -31.32 -8.00
CA PHE B 124 52.60 -31.74 -6.62
C PHE B 124 53.32 -33.08 -6.50
N GLU B 125 53.09 -34.00 -7.43
CA GLU B 125 53.62 -35.35 -7.29
C GLU B 125 54.82 -35.64 -8.17
N THR B 126 54.98 -34.92 -9.29
CA THR B 126 56.13 -35.12 -10.16
C THR B 126 57.23 -34.10 -9.90
N PHE B 127 56.89 -32.82 -9.84
CA PHE B 127 57.87 -31.77 -9.58
C PHE B 127 57.93 -31.39 -8.10
N ASN B 128 56.96 -31.81 -7.30
CA ASN B 128 57.00 -31.64 -5.84
C ASN B 128 57.12 -30.17 -5.43
N VAL B 129 56.31 -29.32 -6.04
CA VAL B 129 56.30 -27.91 -5.70
C VAL B 129 55.73 -27.76 -4.29
N PRO B 130 56.18 -26.78 -3.51
CA PRO B 130 55.61 -26.61 -2.17
C PRO B 130 54.19 -26.09 -2.18
N ALA B 131 53.89 -25.12 -3.05
CA ALA B 131 52.55 -24.58 -3.18
C ALA B 131 52.32 -24.21 -4.64
N MET B 132 51.05 -24.04 -4.99
CA MET B 132 50.71 -23.66 -6.35
C MET B 132 49.36 -22.97 -6.35
N TYR B 133 49.05 -22.34 -7.49
CA TYR B 133 47.79 -21.64 -7.66
C TYR B 133 47.55 -21.49 -9.15
N VAL B 134 46.31 -21.77 -9.58
CA VAL B 134 45.90 -21.62 -10.97
C VAL B 134 45.05 -20.36 -11.06
N ALA B 135 45.58 -19.33 -11.69
CA ALA B 135 44.93 -18.03 -11.74
C ALA B 135 44.04 -17.92 -12.97
N ILE B 136 43.17 -16.91 -12.94
CA ILE B 136 42.31 -16.57 -14.07
C ILE B 136 43.09 -15.62 -14.97
N GLN B 137 43.18 -15.97 -16.25
CA GLN B 137 44.06 -15.22 -17.16
C GLN B 137 43.56 -13.81 -17.39
N ALA B 138 42.25 -13.61 -17.43
CA ALA B 138 41.71 -12.27 -17.67
C ALA B 138 41.89 -11.39 -16.44
N VAL B 139 41.84 -11.98 -15.25
CA VAL B 139 42.13 -11.22 -14.04
C VAL B 139 43.57 -10.75 -14.03
N LEU B 140 44.50 -11.59 -14.51
CA LEU B 140 45.90 -11.20 -14.56
C LEU B 140 46.12 -10.07 -15.56
N SER B 141 45.45 -10.12 -16.70
CA SER B 141 45.58 -9.04 -17.68
C SER B 141 45.09 -7.72 -17.11
N LEU B 142 44.11 -7.75 -16.22
CA LEU B 142 43.64 -6.52 -15.60
C LEU B 142 44.62 -6.02 -14.55
N TYR B 143 45.30 -6.94 -13.85
CA TYR B 143 46.37 -6.54 -12.94
C TYR B 143 47.51 -5.88 -13.70
N ALA B 144 47.79 -6.34 -14.91
CA ALA B 144 48.90 -5.80 -15.69
C ALA B 144 48.61 -4.37 -16.13
N SER B 145 47.36 -4.06 -16.44
CA SER B 145 46.99 -2.71 -16.85
C SER B 145 46.71 -1.79 -15.67
N GLY B 146 46.85 -2.28 -14.44
CA GLY B 146 46.58 -1.46 -13.27
C GLY B 146 45.13 -1.08 -13.09
N ARG B 147 44.21 -1.90 -13.57
CA ARG B 147 42.79 -1.61 -13.51
C ARG B 147 42.07 -2.61 -12.61
N THR B 148 40.93 -2.18 -12.10
CA THR B 148 40.01 -3.07 -11.40
C THR B 148 38.68 -3.23 -12.12
N THR B 149 38.46 -2.48 -13.19
CA THR B 149 37.24 -2.54 -13.98
C THR B 149 37.61 -2.60 -15.45
N GLY B 150 36.94 -3.46 -16.19
CA GLY B 150 37.13 -3.54 -17.62
C GLY B 150 36.71 -4.88 -18.15
N ILE B 151 36.51 -4.94 -19.47
CA ILE B 151 36.25 -6.18 -20.16
C ILE B 151 37.50 -6.55 -20.94
N VAL B 152 38.06 -7.71 -20.64
CA VAL B 152 39.32 -8.15 -21.22
C VAL B 152 39.04 -8.97 -22.46
N LEU B 153 39.67 -8.60 -23.57
CA LEU B 153 39.65 -9.40 -24.80
C LEU B 153 41.02 -10.06 -24.90
N ASP B 154 41.10 -11.32 -24.48
CA ASP B 154 42.34 -12.08 -24.51
C ASP B 154 42.30 -13.02 -25.71
N SER B 155 43.30 -12.92 -26.57
CA SER B 155 43.38 -13.76 -27.76
C SER B 155 44.82 -14.21 -27.94
N GLY B 156 45.07 -15.50 -27.77
CA GLY B 156 46.40 -16.04 -27.93
C GLY B 156 46.54 -16.93 -29.14
N ASP B 157 47.11 -18.11 -28.95
CA ASP B 157 47.29 -19.07 -30.04
C ASP B 157 46.13 -20.05 -30.13
N GLY B 158 45.45 -20.32 -29.03
CA GLY B 158 44.40 -21.32 -29.02
C GLY B 158 43.02 -20.83 -28.65
N VAL B 159 42.94 -19.83 -27.78
CA VAL B 159 41.67 -19.38 -27.21
C VAL B 159 41.53 -17.88 -27.37
N THR B 160 40.32 -17.44 -27.70
CA THR B 160 39.92 -16.04 -27.59
C THR B 160 38.74 -15.98 -26.61
N HIS B 161 38.85 -15.13 -25.60
CA HIS B 161 37.78 -15.06 -24.62
C HIS B 161 37.61 -13.64 -24.10
N ASN B 162 36.37 -13.30 -23.76
CA ASN B 162 36.00 -12.03 -23.15
C ASN B 162 35.58 -12.27 -21.71
N VAL B 163 36.15 -11.50 -20.79
CA VAL B 163 35.76 -11.59 -19.38
C VAL B 163 35.52 -10.19 -18.84
N PRO B 164 34.28 -9.83 -18.53
CA PRO B 164 34.02 -8.51 -17.94
C PRO B 164 34.23 -8.54 -16.43
N ILE B 165 34.92 -7.51 -15.93
CA ILE B 165 35.20 -7.35 -14.51
C ILE B 165 34.84 -5.94 -14.11
N TYR B 166 34.13 -5.78 -13.00
CA TYR B 166 33.68 -4.48 -12.54
C TYR B 166 34.02 -4.33 -11.07
N GLU B 167 34.89 -3.36 -10.76
CA GLU B 167 35.28 -3.04 -9.39
C GLU B 167 35.83 -4.27 -8.65
N GLY B 168 36.52 -5.14 -9.38
CA GLY B 168 37.09 -6.33 -8.80
C GLY B 168 36.17 -7.54 -8.75
N TYR B 169 34.92 -7.41 -9.19
CA TYR B 169 33.99 -8.52 -9.24
C TYR B 169 33.85 -9.00 -10.66
N ALA B 170 34.01 -10.31 -10.86
CA ALA B 170 33.83 -10.90 -12.17
C ALA B 170 32.38 -11.27 -12.38
N LEU B 171 31.93 -11.18 -13.63
CA LEU B 171 30.59 -11.57 -14.03
C LEU B 171 30.70 -12.84 -14.87
N PRO B 172 30.72 -14.01 -14.24
CA PRO B 172 31.00 -15.24 -15.01
C PRO B 172 29.95 -15.57 -16.06
N HIS B 173 28.70 -15.19 -15.84
CA HIS B 173 27.65 -15.51 -16.80
C HIS B 173 27.84 -14.77 -18.12
N ALA B 174 28.59 -13.66 -18.12
CA ALA B 174 28.84 -12.90 -19.33
C ALA B 174 30.14 -13.29 -20.02
N ILE B 175 30.83 -14.31 -19.53
CA ILE B 175 32.09 -14.73 -20.14
C ILE B 175 31.83 -15.42 -21.47
N MET B 176 32.51 -14.96 -22.50
CA MET B 176 32.47 -15.57 -23.82
C MET B 176 33.80 -16.27 -24.08
N ARG B 177 33.74 -17.44 -24.71
CA ARG B 177 34.93 -18.16 -25.12
C ARG B 177 34.81 -18.55 -26.58
N LEU B 178 35.91 -18.42 -27.31
CA LEU B 178 35.93 -18.68 -28.75
C LEU B 178 37.17 -19.50 -29.05
N ASP B 179 36.98 -20.69 -29.62
CA ASP B 179 38.12 -21.52 -30.01
C ASP B 179 38.63 -21.10 -31.38
N LEU B 180 38.83 -19.80 -31.58
CA LEU B 180 39.38 -19.24 -32.80
C LEU B 180 40.45 -18.24 -32.38
N ALA B 181 41.72 -18.59 -32.64
CA ALA B 181 42.81 -17.71 -32.23
C ALA B 181 43.95 -17.75 -33.25
N GLY B 182 45.18 -17.59 -32.78
CA GLY B 182 46.29 -17.41 -33.69
C GLY B 182 46.56 -18.63 -34.57
N ARG B 183 46.45 -19.83 -33.99
CA ARG B 183 46.76 -21.03 -34.75
C ARG B 183 45.74 -21.27 -35.87
N ASP B 184 44.49 -20.87 -35.67
CA ASP B 184 43.51 -20.96 -36.74
C ASP B 184 43.77 -19.93 -37.82
N LEU B 185 44.31 -18.76 -37.44
CA LEU B 185 44.68 -17.77 -38.45
C LEU B 185 45.88 -18.25 -39.26
N THR B 186 46.82 -18.93 -38.62
CA THR B 186 47.95 -19.49 -39.35
C THR B 186 47.49 -20.54 -40.36
N ASP B 187 46.58 -21.42 -39.95
CA ASP B 187 46.07 -22.44 -40.87
C ASP B 187 45.31 -21.82 -42.02
N TYR B 188 44.57 -20.74 -41.77
CA TYR B 188 43.85 -20.07 -42.85
C TYR B 188 44.81 -19.36 -43.80
N LEU B 189 45.89 -18.81 -43.27
CA LEU B 189 46.89 -18.20 -44.13
C LEU B 189 47.56 -19.24 -45.03
N MET B 190 47.82 -20.43 -44.49
CA MET B 190 48.37 -21.51 -45.31
C MET B 190 47.42 -21.87 -46.45
N LYS B 191 46.12 -21.84 -46.19
CA LYS B 191 45.14 -22.20 -47.21
C LYS B 191 45.10 -21.15 -48.32
N ILE B 192 45.04 -19.87 -47.97
CA ILE B 192 44.94 -18.83 -48.98
C ILE B 192 46.28 -18.51 -49.65
N LEU B 193 47.38 -19.01 -49.12
CA LEU B 193 48.65 -18.87 -49.82
C LEU B 193 48.76 -19.81 -51.01
N THR B 194 47.95 -20.87 -51.06
CA THR B 194 47.91 -21.74 -52.22
C THR B 194 47.32 -21.04 -53.45
N GLU B 195 46.57 -19.95 -53.24
CA GLU B 195 46.02 -19.21 -54.37
C GLU B 195 47.12 -18.58 -55.21
N ARG B 196 48.28 -18.31 -54.62
CA ARG B 196 49.42 -17.78 -55.34
C ARG B 196 50.44 -18.84 -55.70
N GLY B 197 50.12 -20.11 -55.47
CA GLY B 197 51.00 -21.20 -55.81
C GLY B 197 51.98 -21.60 -54.73
N TYR B 198 51.91 -21.00 -53.55
CA TYR B 198 52.79 -21.34 -52.45
C TYR B 198 52.18 -22.48 -51.65
N SER B 199 52.93 -23.57 -51.51
CA SER B 199 52.44 -24.77 -50.85
C SER B 199 53.22 -24.97 -49.55
N PHE B 200 52.54 -24.80 -48.42
CA PHE B 200 53.10 -25.08 -47.11
C PHE B 200 52.26 -26.19 -46.49
N VAL B 201 52.89 -27.31 -46.16
CA VAL B 201 52.15 -28.50 -45.78
C VAL B 201 52.61 -29.03 -44.43
N THR B 202 53.92 -29.24 -44.27
CA THR B 202 54.44 -29.90 -43.09
C THR B 202 54.27 -29.02 -41.85
N THR B 203 54.49 -29.64 -40.68
CA THR B 203 54.42 -28.89 -39.43
C THR B 203 55.56 -27.88 -39.32
N ALA B 204 56.69 -28.17 -39.98
CA ALA B 204 57.78 -27.20 -40.00
C ALA B 204 57.45 -26.00 -40.87
N GLU B 205 56.77 -26.23 -41.99
CA GLU B 205 56.35 -25.13 -42.85
C GLU B 205 55.25 -24.30 -42.23
N ARG B 206 54.45 -24.89 -41.33
CA ARG B 206 53.46 -24.10 -40.59
C ARG B 206 54.14 -23.07 -39.70
N GLU B 207 55.31 -23.41 -39.16
CA GLU B 207 56.08 -22.43 -38.39
C GLU B 207 56.58 -21.30 -39.27
N ILE B 208 56.85 -21.57 -40.55
CA ILE B 208 57.24 -20.51 -41.47
C ILE B 208 56.07 -19.58 -41.74
N VAL B 209 54.87 -20.15 -41.94
CA VAL B 209 53.70 -19.34 -42.21
C VAL B 209 53.35 -18.47 -41.01
N ARG B 210 53.56 -18.99 -39.80
CA ARG B 210 53.33 -18.18 -38.61
C ARG B 210 54.27 -16.99 -38.57
N ASP B 211 55.50 -17.15 -39.02
CA ASP B 211 56.44 -16.04 -39.07
C ASP B 211 56.02 -15.01 -40.12
N ILE B 212 55.50 -15.48 -41.25
CA ILE B 212 54.94 -14.57 -42.26
C ILE B 212 53.78 -13.78 -41.67
N LYS B 213 52.91 -14.45 -40.92
CA LYS B 213 51.75 -13.80 -40.34
C LYS B 213 52.16 -12.70 -39.37
N GLU B 214 53.13 -12.98 -38.51
CA GLU B 214 53.53 -12.03 -37.49
C GLU B 214 54.27 -10.83 -38.06
N LYS B 215 54.79 -10.92 -39.28
CA LYS B 215 55.56 -9.83 -39.86
C LYS B 215 54.79 -9.02 -40.88
N LEU B 216 53.90 -9.64 -41.66
CA LEU B 216 53.27 -8.96 -42.78
C LEU B 216 51.77 -8.74 -42.63
N CYS B 217 51.09 -9.46 -41.75
CA CYS B 217 49.65 -9.35 -41.65
C CYS B 217 49.26 -8.14 -40.80
N TYR B 218 48.17 -7.50 -41.19
CA TYR B 218 47.61 -6.37 -40.46
C TYR B 218 46.09 -6.40 -40.61
N VAL B 219 45.41 -5.63 -39.76
CA VAL B 219 43.96 -5.54 -39.78
C VAL B 219 43.55 -4.30 -40.58
N ALA B 220 42.72 -4.50 -41.59
CA ALA B 220 42.21 -3.40 -42.39
C ALA B 220 41.12 -2.65 -41.63
N LEU B 221 41.17 -1.32 -41.70
CA LEU B 221 40.14 -0.51 -41.05
C LEU B 221 38.78 -0.73 -41.71
N ASP B 222 38.74 -0.74 -43.04
CA ASP B 222 37.57 -1.12 -43.80
C ASP B 222 37.97 -2.22 -44.77
N PHE B 223 37.37 -3.40 -44.62
CA PHE B 223 37.83 -4.57 -45.36
C PHE B 223 37.49 -4.47 -46.84
N GLU B 224 36.27 -4.05 -47.17
CA GLU B 224 35.86 -4.04 -48.57
C GLU B 224 36.58 -2.96 -49.36
N ASN B 225 36.96 -1.85 -48.72
CA ASN B 225 37.74 -0.84 -49.42
C ASN B 225 39.18 -1.30 -49.64
N GLU B 226 39.73 -2.06 -48.71
CA GLU B 226 41.09 -2.57 -48.89
C GLU B 226 41.15 -3.65 -49.96
N MET B 227 40.08 -4.45 -50.10
CA MET B 227 40.03 -5.42 -51.19
C MET B 227 40.02 -4.72 -52.55
N ALA B 228 39.35 -3.58 -52.64
CA ALA B 228 39.33 -2.82 -53.89
C ALA B 228 40.69 -2.18 -54.16
N THR B 229 41.37 -1.73 -53.11
CA THR B 229 42.69 -1.15 -53.28
C THR B 229 43.72 -2.21 -53.68
N ALA B 230 43.63 -3.40 -53.09
CA ALA B 230 44.59 -4.46 -53.41
C ALA B 230 44.39 -4.98 -54.83
N ALA B 231 43.18 -4.86 -55.37
CA ALA B 231 42.89 -5.34 -56.71
C ALA B 231 43.11 -4.30 -57.79
N SER B 232 43.47 -3.07 -57.42
CA SER B 232 43.66 -2.00 -58.39
C SER B 232 45.11 -1.56 -58.51
N SER B 233 46.01 -2.06 -57.66
CA SER B 233 47.40 -1.67 -57.69
C SER B 233 48.23 -2.74 -56.99
N SER B 234 49.48 -2.41 -56.67
CA SER B 234 50.37 -3.32 -55.96
C SER B 234 51.02 -2.64 -54.75
N SER B 235 50.42 -1.56 -54.26
CA SER B 235 50.98 -0.83 -53.12
C SER B 235 50.91 -1.64 -51.83
N LEU B 236 50.04 -2.65 -51.76
CA LEU B 236 49.93 -3.49 -50.58
C LEU B 236 50.79 -4.75 -50.67
N GLU B 237 51.46 -4.97 -51.79
CA GLU B 237 52.30 -6.16 -51.93
C GLU B 237 53.55 -6.03 -51.07
N LYS B 238 53.85 -7.09 -50.33
CA LYS B 238 55.09 -7.20 -49.57
C LYS B 238 55.78 -8.50 -49.92
N SER B 239 57.09 -8.48 -49.91
CA SER B 239 57.89 -9.67 -50.18
C SER B 239 58.42 -10.25 -48.87
N TYR B 240 58.71 -11.55 -48.91
CA TYR B 240 59.21 -12.27 -47.75
C TYR B 240 60.16 -13.35 -48.24
N GLU B 241 61.33 -13.43 -47.62
CA GLU B 241 62.35 -14.41 -48.00
C GLU B 241 62.21 -15.64 -47.13
N LEU B 242 61.97 -16.79 -47.78
CA LEU B 242 61.86 -18.05 -47.08
C LEU B 242 63.23 -18.48 -46.57
N PRO B 243 63.29 -19.47 -45.66
CA PRO B 243 64.59 -19.90 -45.12
C PRO B 243 65.56 -20.41 -46.17
N ASP B 244 65.09 -20.82 -47.35
CA ASP B 244 65.96 -21.35 -48.40
C ASP B 244 66.27 -20.31 -49.48
N GLY B 245 66.01 -19.03 -49.22
CA GLY B 245 66.31 -17.98 -50.16
C GLY B 245 65.21 -17.65 -51.14
N GLN B 246 64.17 -18.47 -51.22
CA GLN B 246 63.04 -18.15 -52.10
C GLN B 246 62.28 -16.95 -51.55
N VAL B 247 61.84 -16.08 -52.46
CA VAL B 247 61.12 -14.86 -52.10
C VAL B 247 59.69 -15.01 -52.57
N ILE B 248 58.74 -14.88 -51.66
CA ILE B 248 57.33 -14.92 -51.99
C ILE B 248 56.74 -13.53 -51.80
N THR B 249 55.68 -13.24 -52.55
CA THR B 249 54.99 -11.97 -52.51
C THR B 249 53.53 -12.20 -52.20
N ILE B 250 53.00 -11.45 -51.23
CA ILE B 250 51.61 -11.58 -50.83
C ILE B 250 50.95 -10.21 -50.86
N GLY B 251 49.69 -10.17 -51.29
CA GLY B 251 48.96 -8.93 -51.40
C GLY B 251 47.82 -8.83 -50.42
N ASN B 252 46.60 -9.16 -50.85
CA ASN B 252 45.45 -9.03 -49.96
C ASN B 252 45.42 -10.09 -48.88
N GLU B 253 46.26 -11.13 -48.97
CA GLU B 253 46.36 -12.10 -47.89
C GLU B 253 46.87 -11.47 -46.60
N ARG B 254 47.53 -10.32 -46.70
CA ARG B 254 48.06 -9.66 -45.50
C ARG B 254 46.93 -9.25 -44.56
N PHE B 255 45.80 -8.79 -45.10
CA PHE B 255 44.68 -8.40 -44.26
C PHE B 255 43.50 -9.35 -44.34
N ARG B 256 43.51 -10.32 -45.26
CA ARG B 256 42.45 -11.32 -45.27
C ARG B 256 42.61 -12.32 -44.13
N CYS B 257 43.86 -12.60 -43.73
CA CYS B 257 44.07 -13.53 -42.62
C CYS B 257 43.56 -12.97 -41.30
N PRO B 258 43.93 -11.76 -40.87
CA PRO B 258 43.38 -11.24 -39.60
C PRO B 258 41.90 -10.91 -39.67
N GLU B 259 41.35 -10.72 -40.86
CA GLU B 259 39.92 -10.44 -41.00
C GLU B 259 39.06 -11.58 -40.49
N THR B 260 39.60 -12.81 -40.43
CA THR B 260 38.86 -13.94 -39.89
C THR B 260 38.44 -13.69 -38.44
N LEU B 261 39.21 -12.91 -37.69
CA LEU B 261 38.82 -12.58 -36.33
C LEU B 261 37.49 -11.82 -36.29
N PHE B 262 37.21 -11.02 -37.31
CA PHE B 262 35.97 -10.28 -37.39
C PHE B 262 34.91 -10.95 -38.24
N GLN B 263 35.30 -11.89 -39.09
CA GLN B 263 34.36 -12.67 -39.91
C GLN B 263 34.76 -14.14 -39.81
N PRO B 264 34.39 -14.82 -38.74
CA PRO B 264 34.78 -16.22 -38.58
C PRO B 264 34.20 -17.15 -39.64
N SER B 265 33.31 -16.67 -40.49
CA SER B 265 32.78 -17.50 -41.58
C SER B 265 33.83 -17.80 -42.63
N PHE B 266 34.94 -17.05 -42.66
CA PHE B 266 36.01 -17.34 -43.61
C PHE B 266 36.59 -18.73 -43.40
N ILE B 267 36.53 -19.25 -42.18
CA ILE B 267 37.03 -20.58 -41.88
C ILE B 267 35.89 -21.52 -41.52
N GLY B 268 34.67 -21.20 -41.94
CA GLY B 268 33.54 -22.07 -41.71
C GLY B 268 32.95 -22.04 -40.33
N MET B 269 33.36 -21.12 -39.47
CA MET B 269 32.80 -21.01 -38.14
C MET B 269 31.55 -20.15 -38.16
N GLU B 270 30.58 -20.52 -37.33
CA GLU B 270 29.30 -19.83 -37.28
C GLU B 270 29.29 -18.65 -36.32
N SER B 271 30.23 -18.60 -35.37
CA SER B 271 30.23 -17.59 -34.34
C SER B 271 30.42 -16.19 -34.93
N ALA B 272 30.11 -15.18 -34.12
CA ALA B 272 30.31 -13.80 -34.51
C ALA B 272 31.77 -13.39 -34.28
N GLY B 273 32.16 -12.29 -34.91
CA GLY B 273 33.50 -11.77 -34.74
C GLY B 273 33.77 -11.28 -33.32
N ILE B 274 35.03 -10.96 -33.08
CA ILE B 274 35.45 -10.54 -31.75
C ILE B 274 34.82 -9.20 -31.35
N HIS B 275 34.40 -8.39 -32.32
CA HIS B 275 33.75 -7.13 -31.98
C HIS B 275 32.32 -7.36 -31.49
N GLU B 276 31.57 -8.23 -32.17
CA GLU B 276 30.21 -8.54 -31.73
C GLU B 276 30.22 -9.38 -30.46
N THR B 277 31.23 -10.24 -30.29
CA THR B 277 31.34 -11.01 -29.07
C THR B 277 31.61 -10.12 -27.86
N THR B 278 32.47 -9.11 -28.04
CA THR B 278 32.70 -8.14 -26.97
C THR B 278 31.45 -7.35 -26.66
N TYR B 279 30.73 -6.91 -27.70
CA TYR B 279 29.50 -6.16 -27.50
C TYR B 279 28.43 -7.03 -26.85
N ASN B 280 28.30 -8.29 -27.29
CA ASN B 280 27.32 -9.18 -26.68
C ASN B 280 27.65 -9.47 -25.23
N SER B 281 28.94 -9.53 -24.89
CA SER B 281 29.33 -9.74 -23.51
C SER B 281 28.96 -8.53 -22.64
N ILE B 282 29.14 -7.33 -23.18
CA ILE B 282 28.77 -6.11 -22.44
C ILE B 282 27.26 -6.04 -22.26
N MET B 283 26.50 -6.44 -23.29
CA MET B 283 25.04 -6.37 -23.21
C MET B 283 24.45 -7.43 -22.29
N LYS B 284 25.21 -8.44 -21.89
CA LYS B 284 24.75 -9.38 -20.88
C LYS B 284 25.04 -8.89 -19.46
N CYS B 285 25.87 -7.86 -19.32
CA CYS B 285 26.14 -7.29 -18.02
C CYS B 285 25.04 -6.32 -17.61
N ASP B 286 24.98 -6.02 -16.32
CA ASP B 286 23.99 -5.09 -15.81
C ASP B 286 24.14 -3.73 -16.49
N ILE B 287 22.99 -3.10 -16.77
CA ILE B 287 22.97 -1.86 -17.52
C ILE B 287 23.79 -0.77 -16.83
N ASP B 288 23.91 -0.83 -15.50
CA ASP B 288 24.61 0.20 -14.76
C ASP B 288 26.12 0.12 -14.85
N ILE B 289 26.69 -0.99 -15.32
CA ILE B 289 28.14 -1.14 -15.45
C ILE B 289 28.59 -1.06 -16.89
N ARG B 290 27.67 -0.96 -17.86
CA ARG B 290 28.07 -1.02 -19.26
C ARG B 290 28.89 0.20 -19.67
N LYS B 291 28.59 1.37 -19.10
CA LYS B 291 29.33 2.57 -19.46
C LYS B 291 30.80 2.44 -19.08
N ASP B 292 31.09 1.86 -17.93
CA ASP B 292 32.48 1.68 -17.52
C ASP B 292 33.16 0.58 -18.33
N LEU B 293 32.41 -0.42 -18.78
CA LEU B 293 33.00 -1.46 -19.62
C LEU B 293 33.31 -0.94 -21.01
N TYR B 294 32.45 -0.06 -21.54
CA TYR B 294 32.71 0.52 -22.86
C TYR B 294 34.00 1.33 -22.87
N ALA B 295 34.37 1.92 -21.75
CA ALA B 295 35.56 2.77 -21.67
C ALA B 295 36.82 2.00 -21.28
N ASN B 296 36.73 0.71 -21.00
CA ASN B 296 37.87 -0.07 -20.54
C ASN B 296 37.91 -1.42 -21.26
N ASN B 297 37.98 -1.39 -22.59
CA ASN B 297 38.19 -2.59 -23.38
C ASN B 297 39.69 -2.87 -23.41
N VAL B 298 40.13 -3.85 -22.63
CA VAL B 298 41.54 -4.17 -22.50
C VAL B 298 41.88 -5.34 -23.42
N MET B 299 42.89 -5.15 -24.26
CA MET B 299 43.40 -6.20 -25.14
C MET B 299 44.62 -6.87 -24.53
N SER B 300 44.73 -8.17 -24.75
CA SER B 300 45.88 -8.92 -24.29
C SER B 300 46.05 -10.15 -25.17
N GLY B 301 47.28 -10.66 -25.23
CA GLY B 301 47.59 -11.82 -26.02
C GLY B 301 48.25 -11.46 -27.34
N GLY B 302 48.96 -12.44 -27.91
CA GLY B 302 49.72 -12.20 -29.12
C GLY B 302 48.86 -11.93 -30.34
N THR B 303 47.65 -12.47 -30.37
CA THR B 303 46.77 -12.26 -31.51
C THR B 303 46.17 -10.85 -31.55
N THR B 304 46.31 -10.07 -30.48
CA THR B 304 45.90 -8.68 -30.50
C THR B 304 47.03 -7.75 -30.95
N MET B 305 48.16 -8.31 -31.39
CA MET B 305 49.31 -7.52 -31.79
C MET B 305 49.30 -7.14 -33.27
N TYR B 306 48.24 -7.45 -34.00
CA TYR B 306 48.17 -7.04 -35.40
C TYR B 306 48.10 -5.52 -35.49
N PRO B 307 48.83 -4.91 -36.42
CA PRO B 307 48.67 -3.47 -36.64
C PRO B 307 47.26 -3.13 -37.11
N GLY B 308 46.65 -2.18 -36.42
CA GLY B 308 45.32 -1.71 -36.79
C GLY B 308 44.16 -2.42 -36.13
N ILE B 309 44.42 -3.39 -35.24
CA ILE B 309 43.30 -4.13 -34.66
C ILE B 309 42.59 -3.30 -33.59
N ALA B 310 43.30 -2.41 -32.91
CA ALA B 310 42.66 -1.55 -31.92
C ALA B 310 41.78 -0.50 -32.59
N ASP B 311 42.23 0.06 -33.71
CA ASP B 311 41.42 1.02 -34.44
C ASP B 311 40.21 0.36 -35.07
N ARG B 312 40.37 -0.88 -35.53
CA ARG B 312 39.24 -1.61 -36.10
C ARG B 312 38.21 -1.97 -35.03
N MET B 313 38.68 -2.44 -33.87
CA MET B 313 37.75 -2.76 -32.78
C MET B 313 37.03 -1.52 -32.29
N GLN B 314 37.74 -0.40 -32.20
CA GLN B 314 37.10 0.86 -31.80
C GLN B 314 36.00 1.24 -32.78
N LYS B 315 36.26 1.08 -34.08
CA LYS B 315 35.26 1.43 -35.09
C LYS B 315 34.07 0.49 -35.04
N GLU B 316 34.32 -0.81 -34.86
CA GLU B 316 33.24 -1.78 -34.90
C GLU B 316 32.34 -1.69 -33.67
N ILE B 317 32.92 -1.48 -32.50
CA ILE B 317 32.11 -1.38 -31.29
C ILE B 317 31.38 -0.05 -31.24
N THR B 318 32.00 1.02 -31.76
CA THR B 318 31.30 2.31 -31.85
C THR B 318 30.05 2.20 -32.70
N ALA B 319 30.07 1.38 -33.75
CA ALA B 319 28.90 1.19 -34.59
C ALA B 319 27.82 0.37 -33.91
N LEU B 320 28.17 -0.44 -32.92
CA LEU B 320 27.19 -1.26 -32.21
C LEU B 320 26.65 -0.59 -30.97
N ALA B 321 27.48 0.20 -30.28
CA ALA B 321 27.09 0.85 -29.04
C ALA B 321 26.31 2.13 -29.32
N PRO B 322 25.56 2.63 -28.33
CA PRO B 322 24.90 3.93 -28.50
C PRO B 322 25.91 5.04 -28.73
N SER B 323 25.44 6.10 -29.40
CA SER B 323 26.34 7.17 -29.82
C SER B 323 26.89 7.98 -28.66
N THR B 324 26.20 8.01 -27.52
CA THR B 324 26.65 8.79 -26.37
C THR B 324 27.70 8.06 -25.54
N MET B 325 28.03 6.81 -25.87
CA MET B 325 29.01 6.04 -25.12
C MET B 325 30.41 6.33 -25.65
N LYS B 326 31.37 6.44 -24.72
CA LYS B 326 32.77 6.62 -25.07
C LYS B 326 33.44 5.25 -25.14
N ILE B 327 33.77 4.81 -26.35
CA ILE B 327 34.43 3.53 -26.56
C ILE B 327 35.94 3.78 -26.52
N LYS B 328 36.62 3.09 -25.61
CA LYS B 328 38.06 3.24 -25.45
C LYS B 328 38.70 1.86 -25.40
N ILE B 329 39.55 1.58 -26.39
CA ILE B 329 40.28 0.32 -26.46
C ILE B 329 41.65 0.53 -25.82
N ILE B 330 41.94 -0.23 -24.77
CA ILE B 330 43.24 -0.16 -24.09
C ILE B 330 44.12 -1.25 -24.67
N ALA B 331 45.15 -0.85 -25.42
CA ALA B 331 46.08 -1.79 -26.06
C ALA B 331 47.50 -1.36 -25.74
N PRO B 332 48.03 -1.75 -24.59
CA PRO B 332 49.40 -1.37 -24.25
C PRO B 332 50.40 -2.09 -25.13
N PRO B 333 51.59 -1.53 -25.33
CA PRO B 333 52.57 -2.18 -26.22
C PRO B 333 53.07 -3.52 -25.69
N GLU B 334 53.01 -3.75 -24.38
CA GLU B 334 53.48 -4.99 -23.78
C GLU B 334 52.35 -6.00 -23.56
N ARG B 335 51.24 -5.85 -24.29
CA ARG B 335 50.07 -6.69 -24.02
C ARG B 335 50.25 -8.13 -24.45
N LYS B 336 51.31 -8.45 -25.20
CA LYS B 336 51.58 -9.85 -25.53
C LYS B 336 51.98 -10.66 -24.31
N TYR B 337 52.47 -10.01 -23.25
CA TYR B 337 52.84 -10.68 -22.01
C TYR B 337 51.99 -10.22 -20.84
N SER B 338 50.79 -9.70 -21.11
CA SER B 338 49.97 -9.14 -20.03
C SER B 338 49.60 -10.18 -19.00
N VAL B 339 49.31 -11.41 -19.42
CA VAL B 339 48.94 -12.45 -18.48
C VAL B 339 50.11 -12.77 -17.54
N TRP B 340 51.32 -12.89 -18.09
CA TRP B 340 52.46 -13.15 -17.24
C TRP B 340 52.78 -11.97 -16.34
N ILE B 341 52.73 -10.75 -16.89
CA ILE B 341 53.02 -9.56 -16.09
C ILE B 341 52.04 -9.43 -14.95
N GLY B 342 50.75 -9.66 -15.21
CA GLY B 342 49.77 -9.63 -14.14
C GLY B 342 49.99 -10.73 -13.11
N GLY B 343 50.39 -11.92 -13.57
CA GLY B 343 50.72 -12.98 -12.64
C GLY B 343 51.91 -12.67 -11.78
N SER B 344 52.90 -11.96 -12.34
CA SER B 344 54.05 -11.54 -11.55
C SER B 344 53.64 -10.52 -10.50
N ILE B 345 52.69 -9.66 -10.83
CA ILE B 345 52.18 -8.69 -9.87
C ILE B 345 51.37 -9.38 -8.78
N LEU B 346 50.49 -10.30 -9.18
CA LEU B 346 49.64 -10.98 -8.21
C LEU B 346 50.45 -11.82 -7.23
N ALA B 347 51.41 -12.60 -7.75
CA ALA B 347 52.21 -13.47 -6.90
C ALA B 347 53.12 -12.69 -5.96
N SER B 348 53.26 -11.39 -6.15
CA SER B 348 54.07 -10.55 -5.27
C SER B 348 53.24 -9.82 -4.23
N LEU B 349 51.92 -9.81 -4.35
CA LEU B 349 51.08 -9.14 -3.38
C LEU B 349 51.12 -9.86 -2.04
N SER B 350 51.06 -9.07 -0.96
CA SER B 350 51.04 -9.63 0.39
C SER B 350 49.70 -10.28 0.71
N THR B 351 48.61 -9.74 0.18
CA THR B 351 47.29 -10.32 0.42
C THR B 351 47.07 -11.62 -0.33
N PHE B 352 47.95 -11.97 -1.27
CA PHE B 352 47.81 -13.20 -2.04
C PHE B 352 48.49 -14.38 -1.37
N GLN B 353 49.42 -14.16 -0.45
CA GLN B 353 50.19 -15.23 0.16
C GLN B 353 49.33 -16.22 0.94
N GLN B 354 48.05 -15.90 1.17
CA GLN B 354 47.12 -16.84 1.79
C GLN B 354 46.37 -17.68 0.76
N MET B 355 46.47 -17.35 -0.51
CA MET B 355 45.76 -18.07 -1.56
C MET B 355 46.50 -19.28 -2.08
N TRP B 356 47.78 -19.45 -1.72
CA TRP B 356 48.54 -20.60 -2.18
C TRP B 356 47.92 -21.89 -1.68
N ILE B 357 47.82 -22.87 -2.58
CA ILE B 357 47.38 -24.21 -2.22
C ILE B 357 48.65 -25.01 -1.92
N THR B 358 48.92 -25.23 -0.63
CA THR B 358 50.13 -25.94 -0.25
C THR B 358 49.96 -27.44 -0.47
N LYS B 359 51.09 -28.15 -0.44
CA LYS B 359 51.07 -29.60 -0.60
C LYS B 359 50.30 -30.27 0.53
N GLN B 360 50.31 -29.68 1.73
CA GLN B 360 49.60 -30.27 2.85
C GLN B 360 48.09 -30.16 2.67
N GLU B 361 47.61 -28.99 2.24
CA GLU B 361 46.18 -28.83 1.99
C GLU B 361 45.69 -29.73 0.88
N TYR B 362 46.57 -30.04 -0.09
CA TYR B 362 46.18 -30.87 -1.22
C TYR B 362 46.07 -32.34 -0.84
N ASP B 363 46.87 -32.81 0.11
CA ASP B 363 46.83 -34.22 0.49
C ASP B 363 45.55 -34.57 1.26
N GLU B 364 44.97 -33.61 1.95
CA GLU B 364 43.77 -33.88 2.74
C GLU B 364 42.49 -33.49 2.01
N ALA B 365 42.47 -32.31 1.36
CA ALA B 365 41.26 -31.88 0.68
C ALA B 365 41.04 -32.65 -0.61
N GLY B 366 42.11 -32.95 -1.35
CA GLY B 366 41.99 -33.67 -2.59
C GLY B 366 41.96 -32.74 -3.78
N PRO B 367 41.66 -33.29 -4.97
CA PRO B 367 41.63 -32.45 -6.18
C PRO B 367 40.55 -31.39 -6.18
N SER B 368 39.58 -31.47 -5.28
CA SER B 368 38.49 -30.49 -5.28
C SER B 368 38.93 -29.12 -4.78
N ILE B 369 40.06 -29.03 -4.09
CA ILE B 369 40.50 -27.75 -3.55
C ILE B 369 40.95 -26.80 -4.65
N VAL B 370 41.28 -27.32 -5.84
CA VAL B 370 41.81 -26.47 -6.90
C VAL B 370 40.74 -25.74 -7.67
N HIS B 371 39.46 -26.06 -7.47
CA HIS B 371 38.36 -25.42 -8.18
C HIS B 371 37.64 -24.38 -7.34
N ARG B 372 38.38 -23.53 -6.64
CA ARG B 372 37.81 -22.42 -5.88
C ARG B 372 38.16 -21.11 -6.58
N LYS B 373 37.18 -20.21 -6.68
CA LYS B 373 37.29 -18.99 -7.48
C LYS B 373 37.66 -19.35 -8.92
N CYS B 374 36.97 -20.33 -9.47
CA CYS B 374 37.25 -20.86 -10.80
C CYS B 374 35.99 -20.80 -11.65
N PHE B 375 36.15 -20.43 -12.91
CA PHE B 375 35.08 -20.50 -13.89
C PHE B 375 35.64 -20.72 -15.29
N THR C 6 -14.94 -24.35 -38.92
CA THR C 6 -14.29 -24.60 -37.64
C THR C 6 -13.12 -23.63 -37.44
N ALA C 7 -12.78 -23.38 -36.18
CA ALA C 7 -11.77 -22.40 -35.85
C ALA C 7 -10.39 -23.03 -35.77
N LEU C 8 -9.37 -22.25 -36.10
CA LEU C 8 -7.98 -22.66 -35.95
C LEU C 8 -7.45 -22.19 -34.60
N VAL C 9 -6.74 -23.08 -33.92
CA VAL C 9 -6.08 -22.76 -32.66
C VAL C 9 -4.58 -22.87 -32.89
N CYS C 10 -3.89 -21.73 -32.85
CA CYS C 10 -2.45 -21.67 -33.10
C CYS C 10 -1.77 -21.11 -31.86
N ASP C 11 -0.99 -21.95 -31.19
CA ASP C 11 -0.21 -21.56 -30.01
C ASP C 11 1.23 -21.36 -30.45
N ASN C 12 1.61 -20.12 -30.75
CA ASN C 12 2.95 -19.80 -31.20
C ASN C 12 3.83 -19.51 -29.99
N GLY C 13 4.60 -20.51 -29.58
CA GLY C 13 5.52 -20.33 -28.48
C GLY C 13 6.90 -19.92 -28.95
N SER C 14 7.75 -19.60 -27.97
CA SER C 14 9.14 -19.27 -28.27
C SER C 14 9.89 -20.46 -28.83
N GLY C 15 9.45 -21.68 -28.52
CA GLY C 15 10.14 -22.87 -28.96
C GLY C 15 9.38 -23.70 -29.97
N LEU C 16 8.11 -23.97 -29.69
CA LEU C 16 7.31 -24.86 -30.51
C LEU C 16 6.05 -24.16 -31.01
N VAL C 17 5.61 -24.57 -32.19
CA VAL C 17 4.33 -24.15 -32.74
C VAL C 17 3.34 -25.28 -32.52
N LYS C 18 2.26 -25.00 -31.80
CA LYS C 18 1.17 -25.94 -31.61
C LYS C 18 -0.03 -25.41 -32.38
N ALA C 19 -0.42 -26.13 -33.43
CA ALA C 19 -1.51 -25.71 -34.28
C ALA C 19 -2.47 -26.86 -34.52
N GLY C 20 -3.73 -26.51 -34.70
CA GLY C 20 -4.75 -27.51 -34.93
C GLY C 20 -6.11 -26.88 -35.09
N PHE C 21 -7.15 -27.68 -34.93
CA PHE C 21 -8.52 -27.25 -35.10
C PHE C 21 -9.24 -27.30 -33.77
N ALA C 22 -10.09 -26.29 -33.54
CA ALA C 22 -10.90 -26.27 -32.33
C ALA C 22 -11.83 -27.46 -32.29
N GLY C 23 -11.91 -28.12 -31.13
CA GLY C 23 -12.70 -29.32 -30.96
C GLY C 23 -11.86 -30.56 -30.80
N ASP C 24 -10.69 -30.60 -31.42
CA ASP C 24 -9.79 -31.74 -31.26
C ASP C 24 -9.18 -31.74 -29.87
N ASP C 25 -8.64 -32.89 -29.49
CA ASP C 25 -8.05 -33.06 -28.17
C ASP C 25 -6.55 -32.87 -28.14
N ALA C 26 -5.90 -32.73 -29.30
CA ALA C 26 -4.46 -32.56 -29.37
C ALA C 26 -4.13 -31.71 -30.59
N PRO C 27 -3.03 -30.98 -30.56
CA PRO C 27 -2.63 -30.22 -31.75
C PRO C 27 -2.29 -31.15 -32.90
N ARG C 28 -2.70 -30.76 -34.10
CA ARG C 28 -2.40 -31.57 -35.28
C ARG C 28 -0.96 -31.36 -35.74
N ALA C 29 -0.44 -30.15 -35.62
CA ALA C 29 0.90 -29.80 -36.08
C ALA C 29 1.71 -29.27 -34.91
N VAL C 30 2.77 -29.99 -34.55
CA VAL C 30 3.71 -29.55 -33.51
C VAL C 30 5.11 -29.63 -34.12
N PHE C 31 5.75 -28.48 -34.27
CA PHE C 31 7.06 -28.42 -34.89
C PHE C 31 7.82 -27.24 -34.30
N PRO C 32 9.16 -27.28 -34.35
CA PRO C 32 9.94 -26.19 -33.75
C PRO C 32 9.72 -24.87 -34.49
N SER C 33 9.74 -23.79 -33.72
CA SER C 33 9.53 -22.44 -34.26
C SER C 33 10.87 -21.86 -34.70
N ILE C 34 11.44 -22.48 -35.73
CA ILE C 34 12.77 -22.13 -36.21
C ILE C 34 12.73 -21.87 -37.71
N VAL C 35 13.60 -20.97 -38.16
CA VAL C 35 13.86 -20.74 -39.57
C VAL C 35 15.35 -20.97 -39.80
N GLY C 36 15.66 -21.86 -40.72
CA GLY C 36 17.04 -22.23 -41.03
C GLY C 36 17.45 -21.72 -42.40
N ARG C 37 18.65 -21.16 -42.48
CA ARG C 37 19.20 -20.69 -43.74
C ARG C 37 20.58 -21.29 -43.95
N PRO C 38 20.91 -21.66 -45.19
CA PRO C 38 22.23 -22.26 -45.45
C PRO C 38 23.36 -21.29 -45.13
N ARG C 39 24.38 -21.80 -44.47
CA ARG C 39 25.56 -21.01 -44.13
C ARG C 39 26.80 -21.47 -44.89
N HIS C 40 26.64 -22.32 -45.90
CA HIS C 40 27.74 -22.77 -46.74
C HIS C 40 27.43 -22.43 -48.20
N GLN C 41 28.27 -22.90 -49.11
CA GLN C 41 28.14 -22.62 -50.52
C GLN C 41 27.44 -23.79 -51.22
N GLY C 42 26.37 -23.48 -51.95
CA GLY C 42 25.67 -24.50 -52.71
C GLY C 42 26.35 -24.72 -54.05
N VAL C 43 26.65 -25.99 -54.34
CA VAL C 43 27.38 -26.33 -55.56
C VAL C 43 26.61 -27.26 -56.48
N MET C 44 25.54 -27.91 -56.02
CA MET C 44 24.78 -28.81 -56.87
C MET C 44 23.32 -28.37 -56.95
N GLN C 49 17.85 -27.03 -52.97
CA GLN C 49 18.56 -25.77 -52.84
C GLN C 49 17.60 -24.61 -52.57
N LYS C 50 16.76 -24.77 -51.55
CA LYS C 50 15.86 -23.70 -51.17
C LYS C 50 16.62 -22.63 -50.37
N ASP C 51 15.99 -21.46 -50.25
CA ASP C 51 16.62 -20.35 -49.55
C ASP C 51 16.47 -20.46 -48.04
N SER C 52 15.35 -20.98 -47.56
CA SER C 52 15.11 -21.07 -46.13
C SER C 52 14.28 -22.31 -45.83
N TYR C 53 14.45 -22.83 -44.62
CA TYR C 53 13.73 -24.01 -44.16
C TYR C 53 13.07 -23.69 -42.83
N VAL C 54 11.89 -24.26 -42.61
CA VAL C 54 11.07 -23.95 -41.45
C VAL C 54 10.73 -25.24 -40.72
N GLY C 55 10.83 -25.20 -39.39
CA GLY C 55 10.26 -26.26 -38.59
C GLY C 55 11.06 -27.55 -38.65
N ASP C 56 10.34 -28.66 -38.86
CA ASP C 56 11.00 -29.96 -38.87
C ASP C 56 11.89 -30.15 -40.09
N GLU C 57 11.60 -29.44 -41.18
CA GLU C 57 12.48 -29.48 -42.34
C GLU C 57 13.81 -28.79 -42.03
N ALA C 58 13.77 -27.69 -41.29
CA ALA C 58 15.00 -27.06 -40.85
C ALA C 58 15.73 -27.91 -39.82
N GLN C 59 15.00 -28.71 -39.05
CA GLN C 59 15.64 -29.52 -38.02
C GLN C 59 16.38 -30.71 -38.62
N SER C 60 15.89 -31.25 -39.73
CA SER C 60 16.54 -32.40 -40.36
C SER C 60 17.77 -32.00 -41.16
N LYS C 61 17.84 -30.75 -41.64
CA LYS C 61 18.99 -30.27 -42.41
C LYS C 61 19.82 -29.27 -41.62
N ARG C 62 19.74 -29.30 -40.29
CA ARG C 62 20.39 -28.27 -39.47
C ARG C 62 21.91 -28.32 -39.56
N GLY C 63 22.48 -29.42 -40.05
CA GLY C 63 23.92 -29.52 -40.14
C GLY C 63 24.54 -28.46 -41.04
N ILE C 64 23.81 -28.02 -42.06
CA ILE C 64 24.31 -27.00 -42.98
C ILE C 64 23.52 -25.70 -42.88
N LEU C 65 22.73 -25.53 -41.82
CA LEU C 65 21.92 -24.34 -41.64
C LEU C 65 22.34 -23.56 -40.42
N THR C 66 22.03 -22.28 -40.43
CA THR C 66 22.03 -21.45 -39.22
C THR C 66 20.58 -21.33 -38.76
N LEU C 67 20.30 -21.84 -37.57
CA LEU C 67 18.95 -21.85 -37.03
C LEU C 67 18.70 -20.59 -36.22
N LYS C 68 17.55 -19.97 -36.45
CA LYS C 68 17.17 -18.75 -35.73
C LYS C 68 15.73 -18.86 -35.26
N TYR C 69 15.50 -18.52 -33.99
CA TYR C 69 14.15 -18.43 -33.45
C TYR C 69 13.62 -17.02 -33.67
N PRO C 70 12.48 -16.85 -34.34
CA PRO C 70 11.92 -15.50 -34.44
C PRO C 70 11.38 -14.97 -33.11
N ILE C 71 10.90 -15.83 -32.23
CA ILE C 71 10.32 -15.41 -30.96
C ILE C 71 11.37 -15.56 -29.88
N GLU C 72 11.67 -14.46 -29.19
CA GLU C 72 12.56 -14.46 -28.04
C GLU C 72 11.83 -13.96 -26.80
N HIC C 73 11.73 -14.83 -25.78
CA HIC C 73 11.08 -14.49 -24.53
C HIC C 73 9.65 -14.02 -24.76
O HIC C 73 9.17 -13.02 -24.24
CB HIC C 73 11.79 -13.39 -23.73
CG HIC C 73 13.17 -13.75 -23.36
ND1 HIC C 73 13.54 -14.84 -22.56
CD2 HIC C 73 14.33 -13.05 -23.77
CE1 HIC C 73 14.88 -14.80 -22.48
NE2 HIC C 73 15.41 -13.72 -23.20
CZ HIC C 73 16.79 -13.37 -23.34
N GLY C 74 8.95 -14.79 -25.59
CA GLY C 74 7.56 -14.54 -25.86
C GLY C 74 7.27 -13.35 -26.77
N ILE C 75 8.33 -12.68 -27.20
CA ILE C 75 8.21 -11.47 -28.02
C ILE C 75 8.72 -11.78 -29.42
N ILE C 76 7.94 -11.41 -30.42
CA ILE C 76 8.28 -11.69 -31.82
C ILE C 76 9.33 -10.67 -32.26
N THR C 77 10.57 -11.12 -32.39
CA THR C 77 11.56 -10.42 -33.18
C THR C 77 11.57 -11.01 -34.58
N ASN C 78 12.11 -10.26 -35.54
CA ASN C 78 12.15 -10.71 -36.92
C ASN C 78 10.75 -11.08 -37.41
N TRP C 79 9.99 -10.09 -37.86
CA TRP C 79 8.64 -10.34 -38.33
C TRP C 79 8.59 -11.01 -39.70
N ASP C 80 9.70 -10.98 -40.45
CA ASP C 80 9.73 -11.70 -41.72
C ASP C 80 9.81 -13.19 -41.50
N ASP C 81 10.60 -13.63 -40.52
CA ASP C 81 10.70 -15.06 -40.22
C ASP C 81 9.44 -15.58 -39.55
N MET C 82 8.80 -14.76 -38.71
CA MET C 82 7.56 -15.20 -38.08
C MET C 82 6.45 -15.37 -39.11
N GLU C 83 6.47 -14.56 -40.16
CA GLU C 83 5.47 -14.70 -41.22
C GLU C 83 5.71 -15.95 -42.05
N LYS C 84 6.96 -16.39 -42.17
CA LYS C 84 7.24 -17.65 -42.85
C LYS C 84 6.74 -18.84 -42.03
N ILE C 85 6.82 -18.74 -40.70
CA ILE C 85 6.35 -19.83 -39.85
C ILE C 85 4.84 -19.94 -39.89
N TRP C 86 4.14 -18.79 -39.87
CA TRP C 86 2.69 -18.82 -40.01
C TRP C 86 2.28 -19.35 -41.37
N HIS C 87 3.00 -18.96 -42.42
CA HIS C 87 2.72 -19.48 -43.76
C HIS C 87 2.97 -20.97 -43.82
N HIS C 88 4.07 -21.43 -43.23
CA HIS C 88 4.36 -22.86 -43.15
C HIS C 88 3.31 -23.60 -42.34
N THR C 89 2.72 -22.94 -41.35
CA THR C 89 1.73 -23.60 -40.50
C THR C 89 0.42 -23.80 -41.25
N PHE C 90 -0.05 -22.77 -41.96
CA PHE C 90 -1.35 -22.84 -42.61
C PHE C 90 -1.32 -23.76 -43.83
N TYR C 91 -0.30 -23.60 -44.69
CA TYR C 91 -0.31 -24.24 -45.99
C TYR C 91 0.44 -25.56 -46.04
N ASN C 92 1.42 -25.79 -45.16
CA ASN C 92 2.21 -27.01 -45.20
C ASN C 92 1.91 -27.98 -44.07
N GLU C 93 1.40 -27.50 -42.94
CA GLU C 93 1.12 -28.35 -41.78
C GLU C 93 -0.37 -28.63 -41.61
N LEU C 94 -1.20 -27.59 -41.60
CA LEU C 94 -2.64 -27.80 -41.50
C LEU C 94 -3.30 -27.95 -42.86
N ARG C 95 -2.70 -27.38 -43.91
CA ARG C 95 -3.20 -27.48 -45.27
C ARG C 95 -4.63 -26.95 -45.37
N VAL C 96 -4.81 -25.71 -44.91
CA VAL C 96 -6.09 -25.03 -44.94
C VAL C 96 -5.91 -23.66 -45.57
N ALA C 97 -7.03 -23.07 -45.97
CA ALA C 97 -7.04 -21.69 -46.43
C ALA C 97 -7.29 -20.78 -45.24
N PRO C 98 -6.38 -19.88 -44.91
CA PRO C 98 -6.57 -19.04 -43.72
C PRO C 98 -7.79 -18.13 -43.79
N GLU C 99 -8.29 -17.82 -44.99
CA GLU C 99 -9.42 -16.91 -45.14
C GLU C 99 -10.76 -17.58 -44.91
N GLU C 100 -10.79 -18.81 -44.42
CA GLU C 100 -12.03 -19.52 -44.18
C GLU C 100 -12.29 -19.84 -42.72
N HIS C 101 -11.27 -19.75 -41.87
CA HIS C 101 -11.40 -20.14 -40.47
C HIS C 101 -11.03 -18.98 -39.56
N PRO C 102 -11.82 -18.70 -38.52
CA PRO C 102 -11.35 -17.80 -37.47
C PRO C 102 -10.19 -18.44 -36.71
N THR C 103 -9.22 -17.60 -36.33
CA THR C 103 -7.97 -18.08 -35.77
C THR C 103 -7.82 -17.57 -34.33
N LEU C 104 -7.66 -18.51 -33.40
CA LEU C 104 -7.40 -18.17 -32.01
C LEU C 104 -5.89 -18.21 -31.77
N LEU C 105 -5.33 -17.08 -31.35
CA LEU C 105 -3.91 -16.97 -31.05
C LEU C 105 -3.71 -16.78 -29.55
N THR C 106 -2.46 -16.98 -29.12
CA THR C 106 -2.10 -16.87 -27.72
C THR C 106 -0.94 -15.90 -27.58
N GLU C 107 -0.77 -15.38 -26.37
CA GLU C 107 0.32 -14.45 -26.08
C GLU C 107 0.64 -14.51 -24.59
N ALA C 108 1.91 -14.33 -24.26
CA ALA C 108 2.32 -14.27 -22.87
C ALA C 108 1.85 -12.96 -22.25
N PRO C 109 1.51 -12.97 -20.96
CA PRO C 109 1.10 -11.73 -20.30
C PRO C 109 2.26 -10.77 -20.13
N LEU C 110 1.92 -9.49 -19.99
CA LEU C 110 2.90 -8.41 -19.80
C LEU C 110 3.83 -8.30 -21.01
N ASN C 111 3.28 -8.55 -22.19
CA ASN C 111 4.01 -8.40 -23.44
C ASN C 111 3.90 -6.98 -23.96
N PRO C 112 4.80 -6.55 -24.83
CA PRO C 112 4.66 -5.22 -25.44
C PRO C 112 3.36 -5.13 -26.25
N LYS C 113 2.73 -3.96 -26.19
CA LYS C 113 1.47 -3.76 -26.89
C LYS C 113 1.61 -3.91 -28.40
N ALA C 114 2.75 -3.48 -28.95
CA ALA C 114 2.97 -3.56 -30.39
C ALA C 114 3.07 -4.99 -30.89
N ASN C 115 3.44 -5.93 -30.02
CA ASN C 115 3.55 -7.33 -30.43
C ASN C 115 2.18 -7.87 -30.88
N ARG C 116 1.15 -7.60 -30.09
CA ARG C 116 -0.18 -8.09 -30.43
C ARG C 116 -0.78 -7.32 -31.61
N GLU C 117 -0.52 -6.02 -31.68
CA GLU C 117 -1.06 -5.22 -32.78
C GLU C 117 -0.46 -5.64 -34.11
N LYS C 118 0.84 -5.96 -34.13
CA LYS C 118 1.49 -6.32 -35.38
C LYS C 118 1.03 -7.68 -35.87
N MET C 119 0.80 -8.63 -34.97
CA MET C 119 0.34 -9.94 -35.39
C MET C 119 -1.12 -9.91 -35.82
N THR C 120 -1.91 -8.98 -35.28
CA THR C 120 -3.29 -8.83 -35.73
C THR C 120 -3.34 -8.22 -37.13
N GLN C 121 -2.47 -7.26 -37.41
CA GLN C 121 -2.41 -6.66 -38.74
C GLN C 121 -2.00 -7.70 -39.78
N ILE C 122 -1.07 -8.57 -39.43
CA ILE C 122 -0.61 -9.59 -40.38
C ILE C 122 -1.69 -10.63 -40.62
N MET C 123 -2.41 -11.04 -39.56
CA MET C 123 -3.45 -12.04 -39.73
C MET C 123 -4.60 -11.52 -40.58
N PHE C 124 -4.91 -10.23 -40.47
CA PHE C 124 -6.03 -9.65 -41.21
C PHE C 124 -5.66 -9.20 -42.61
N GLU C 125 -4.43 -8.72 -42.82
CA GLU C 125 -4.05 -8.13 -44.10
C GLU C 125 -3.19 -9.02 -44.96
N THR C 126 -2.45 -9.98 -44.38
CA THR C 126 -1.64 -10.90 -45.15
C THR C 126 -2.33 -12.23 -45.39
N PHE C 127 -2.87 -12.84 -44.33
CA PHE C 127 -3.57 -14.10 -44.45
C PHE C 127 -5.08 -13.94 -44.60
N ASN C 128 -5.61 -12.75 -44.32
CA ASN C 128 -7.01 -12.42 -44.57
C ASN C 128 -7.96 -13.34 -43.83
N VAL C 129 -7.69 -13.56 -42.56
CA VAL C 129 -8.55 -14.40 -41.72
C VAL C 129 -9.88 -13.66 -41.53
N PRO C 130 -11.00 -14.37 -41.42
CA PRO C 130 -12.28 -13.67 -41.20
C PRO C 130 -12.39 -13.06 -39.82
N ALA C 131 -11.96 -13.79 -38.79
CA ALA C 131 -11.98 -13.30 -37.42
C ALA C 131 -10.78 -13.85 -36.69
N MET C 132 -10.45 -13.23 -35.56
CA MET C 132 -9.33 -13.70 -34.76
C MET C 132 -9.53 -13.25 -33.32
N TYR C 133 -8.72 -13.82 -32.44
CA TYR C 133 -8.76 -13.50 -31.02
C TYR C 133 -7.44 -13.92 -30.40
N VAL C 134 -6.88 -13.05 -29.58
CA VAL C 134 -5.63 -13.31 -28.86
C VAL C 134 -6.00 -13.61 -27.41
N ALA C 135 -5.86 -14.87 -27.01
CA ALA C 135 -6.28 -15.30 -25.69
C ALA C 135 -5.15 -15.18 -24.68
N ILE C 136 -5.52 -15.26 -23.40
CA ILE C 136 -4.58 -15.27 -22.30
C ILE C 136 -4.15 -16.71 -22.06
N GLN C 137 -2.84 -16.97 -22.07
CA GLN C 137 -2.36 -18.34 -22.03
C GLN C 137 -2.66 -19.03 -20.71
N ALA C 138 -2.64 -18.29 -19.60
CA ALA C 138 -2.91 -18.90 -18.32
C ALA C 138 -4.40 -19.21 -18.16
N VAL C 139 -5.26 -18.41 -18.78
CA VAL C 139 -6.69 -18.71 -18.78
C VAL C 139 -6.95 -19.99 -19.55
N LEU C 140 -6.22 -20.21 -20.65
CA LEU C 140 -6.40 -21.42 -21.43
C LEU C 140 -5.93 -22.65 -20.67
N SER C 141 -4.83 -22.54 -19.93
CA SER C 141 -4.36 -23.66 -19.12
C SER C 141 -5.38 -24.04 -18.05
N LEU C 142 -6.14 -23.06 -17.55
CA LEU C 142 -7.16 -23.37 -16.56
C LEU C 142 -8.37 -24.04 -17.22
N TYR C 143 -8.69 -23.64 -18.45
CA TYR C 143 -9.73 -24.33 -19.20
C TYR C 143 -9.35 -25.79 -19.45
N ALA C 144 -8.07 -26.06 -19.68
CA ALA C 144 -7.63 -27.41 -19.98
C ALA C 144 -7.77 -28.32 -18.77
N SER C 145 -7.53 -27.79 -17.57
CA SER C 145 -7.67 -28.57 -16.35
C SER C 145 -9.10 -28.62 -15.84
N GLY C 146 -10.04 -27.98 -16.52
CA GLY C 146 -11.42 -27.98 -16.07
C GLY C 146 -11.67 -27.21 -14.80
N ARG C 147 -10.85 -26.20 -14.53
CA ARG C 147 -10.95 -25.41 -13.31
C ARG C 147 -11.35 -23.98 -13.61
N THR C 148 -11.93 -23.32 -12.61
CA THR C 148 -12.19 -21.90 -12.66
C THR C 148 -11.39 -21.14 -11.61
N THR C 149 -10.69 -21.83 -10.72
CA THR C 149 -9.88 -21.22 -9.68
C THR C 149 -8.52 -21.90 -9.65
N GLY C 150 -7.47 -21.11 -9.54
CA GLY C 150 -6.14 -21.65 -9.40
C GLY C 150 -5.10 -20.64 -9.82
N ILE C 151 -3.86 -20.89 -9.41
CA ILE C 151 -2.71 -20.10 -9.84
C ILE C 151 -1.92 -20.95 -10.82
N VAL C 152 -1.78 -20.46 -12.05
CA VAL C 152 -1.14 -21.19 -13.12
C VAL C 152 0.34 -20.84 -13.15
N LEU C 153 1.19 -21.87 -13.14
CA LEU C 153 2.62 -21.73 -13.35
C LEU C 153 2.91 -22.23 -14.76
N ASP C 154 3.01 -21.32 -15.71
CA ASP C 154 3.27 -21.64 -17.11
C ASP C 154 4.74 -21.38 -17.39
N SER C 155 5.44 -22.39 -17.87
CA SER C 155 6.86 -22.27 -18.19
C SER C 155 7.13 -22.99 -19.50
N GLY C 156 7.46 -22.24 -20.54
CA GLY C 156 7.75 -22.83 -21.83
C GLY C 156 9.20 -22.70 -22.22
N ASP C 157 9.45 -22.25 -23.44
CA ASP C 157 10.82 -22.07 -23.92
C ASP C 157 11.35 -20.67 -23.67
N GLY C 158 10.48 -19.67 -23.59
CA GLY C 158 10.93 -18.30 -23.44
C GLY C 158 10.46 -17.59 -22.19
N VAL C 159 9.26 -17.92 -21.70
CA VAL C 159 8.63 -17.19 -20.61
C VAL C 159 8.20 -18.15 -19.52
N THR C 160 8.40 -17.74 -18.27
CA THR C 160 7.77 -18.35 -17.12
C THR C 160 6.91 -17.30 -16.44
N HIS C 161 5.64 -17.61 -16.20
CA HIS C 161 4.76 -16.64 -15.59
C HIS C 161 3.74 -17.31 -14.67
N ASN C 162 3.36 -16.57 -13.62
CA ASN C 162 2.33 -16.99 -12.69
C ASN C 162 1.11 -16.08 -12.86
N VAL C 163 -0.06 -16.69 -13.01
CA VAL C 163 -1.31 -15.92 -13.09
C VAL C 163 -2.33 -16.52 -12.15
N PRO C 164 -2.70 -15.82 -11.07
CA PRO C 164 -3.74 -16.34 -10.19
C PRO C 164 -5.13 -15.97 -10.70
N ILE C 165 -6.02 -16.96 -10.67
CA ILE C 165 -7.40 -16.80 -11.10
C ILE C 165 -8.30 -17.38 -10.02
N TYR C 166 -9.35 -16.65 -9.65
CA TYR C 166 -10.26 -17.07 -8.60
C TYR C 166 -11.69 -16.93 -9.10
N GLU C 167 -12.39 -18.06 -9.19
CA GLU C 167 -13.80 -18.09 -9.60
C GLU C 167 -14.03 -17.40 -10.95
N GLY C 168 -13.04 -17.52 -11.85
CA GLY C 168 -13.15 -16.92 -13.15
C GLY C 168 -12.68 -15.48 -13.24
N TYR C 169 -12.26 -14.88 -12.14
CA TYR C 169 -11.74 -13.52 -12.13
C TYR C 169 -10.23 -13.56 -12.02
N ALA C 170 -9.55 -12.87 -12.92
CA ALA C 170 -8.10 -12.77 -12.87
C ALA C 170 -7.68 -11.60 -11.98
N LEU C 171 -6.55 -11.78 -11.30
CA LEU C 171 -5.96 -10.74 -10.47
C LEU C 171 -4.70 -10.23 -11.15
N PRO C 172 -4.81 -9.27 -12.06
CA PRO C 172 -3.65 -8.87 -12.88
C PRO C 172 -2.51 -8.29 -12.07
N HIS C 173 -2.79 -7.63 -10.95
CA HIS C 173 -1.72 -7.03 -10.16
C HIS C 173 -0.81 -8.07 -9.53
N ALA C 174 -1.28 -9.31 -9.39
CA ALA C 174 -0.48 -10.39 -8.81
C ALA C 174 0.23 -11.22 -9.86
N ILE C 175 0.16 -10.83 -11.14
CA ILE C 175 0.81 -11.59 -12.19
C ILE C 175 2.31 -11.39 -12.12
N MET C 176 3.06 -12.49 -12.10
CA MET C 176 4.51 -12.47 -12.17
C MET C 176 4.95 -12.98 -13.53
N ARG C 177 5.99 -12.36 -14.08
CA ARG C 177 6.58 -12.81 -15.33
C ARG C 177 8.09 -12.93 -15.15
N LEU C 178 8.64 -14.00 -15.71
CA LEU C 178 10.06 -14.30 -15.56
C LEU C 178 10.61 -14.67 -16.94
N ASP C 179 11.61 -13.94 -17.42
CA ASP C 179 12.22 -14.28 -18.70
C ASP C 179 13.30 -15.33 -18.50
N LEU C 180 12.96 -16.39 -17.78
CA LEU C 180 13.83 -17.54 -17.56
C LEU C 180 13.01 -18.79 -17.81
N ALA C 181 13.31 -19.49 -18.90
CA ALA C 181 12.55 -20.68 -19.26
C ALA C 181 13.44 -21.73 -19.89
N GLY C 182 12.87 -22.53 -20.81
CA GLY C 182 13.59 -23.69 -21.31
C GLY C 182 14.85 -23.33 -22.08
N ARG C 183 14.80 -22.27 -22.88
CA ARG C 183 15.95 -21.90 -23.70
C ARG C 183 17.12 -21.44 -22.85
N ASP C 184 16.85 -20.79 -21.72
CA ASP C 184 17.92 -20.43 -20.80
C ASP C 184 18.49 -21.64 -20.09
N LEU C 185 17.67 -22.66 -19.83
CA LEU C 185 18.18 -23.89 -19.26
C LEU C 185 19.06 -24.64 -20.26
N THR C 186 18.68 -24.61 -21.54
CA THR C 186 19.52 -25.22 -22.57
C THR C 186 20.87 -24.54 -22.66
N ASP C 187 20.89 -23.20 -22.62
CA ASP C 187 22.15 -22.48 -22.70
C ASP C 187 23.02 -22.75 -21.47
N TYR C 188 22.39 -22.90 -20.30
CA TYR C 188 23.17 -23.20 -19.09
C TYR C 188 23.72 -24.62 -19.14
N LEU C 189 22.96 -25.56 -19.72
CA LEU C 189 23.47 -26.92 -19.87
C LEU C 189 24.66 -26.95 -20.82
N MET C 190 24.62 -26.16 -21.90
CA MET C 190 25.76 -26.06 -22.80
C MET C 190 27.00 -25.55 -22.06
N LYS C 191 26.81 -24.62 -21.13
CA LYS C 191 27.94 -24.06 -20.40
C LYS C 191 28.56 -25.08 -19.46
N ILE C 192 27.73 -25.78 -18.69
CA ILE C 192 28.27 -26.75 -17.72
C ILE C 192 28.69 -28.06 -18.36
N LEU C 193 28.34 -28.31 -19.61
CA LEU C 193 28.86 -29.47 -20.30
C LEU C 193 30.33 -29.30 -20.70
N THR C 194 30.81 -28.05 -20.76
CA THR C 194 32.23 -27.84 -21.02
C THR C 194 33.11 -28.29 -19.87
N GLU C 195 32.53 -28.45 -18.67
CA GLU C 195 33.31 -28.94 -17.53
C GLU C 195 33.79 -30.36 -17.76
N ARG C 196 33.08 -31.14 -18.58
CA ARG C 196 33.47 -32.50 -18.92
C ARG C 196 34.17 -32.57 -20.26
N GLY C 197 34.46 -31.44 -20.89
CA GLY C 197 35.16 -31.42 -22.15
C GLY C 197 34.28 -31.45 -23.38
N TYR C 198 32.96 -31.43 -23.21
CA TYR C 198 32.04 -31.44 -24.33
C TYR C 198 31.78 -30.01 -24.78
N SER C 199 32.04 -29.74 -26.05
CA SER C 199 31.92 -28.39 -26.60
C SER C 199 30.76 -28.37 -27.61
N PHE C 200 29.70 -27.67 -27.26
CA PHE C 200 28.56 -27.43 -28.15
C PHE C 200 28.47 -25.93 -28.36
N VAL C 201 28.58 -25.50 -29.61
CA VAL C 201 28.73 -24.08 -29.91
C VAL C 201 27.66 -23.60 -30.90
N THR C 202 27.54 -24.30 -32.02
CA THR C 202 26.68 -23.82 -33.10
C THR C 202 25.22 -23.89 -32.70
N THR C 203 24.37 -23.25 -33.51
CA THR C 203 22.93 -23.31 -33.28
C THR C 203 22.38 -24.71 -33.51
N ALA C 204 23.04 -25.49 -34.37
CA ALA C 204 22.62 -26.88 -34.57
C ALA C 204 22.97 -27.74 -33.37
N GLU C 205 24.13 -27.48 -32.75
CA GLU C 205 24.50 -28.23 -31.55
C GLU C 205 23.66 -27.83 -30.35
N ARG C 206 23.11 -26.61 -30.33
CA ARG C 206 22.18 -26.24 -29.28
C ARG C 206 20.92 -27.11 -29.32
N GLU C 207 20.49 -27.48 -30.53
CA GLU C 207 19.37 -28.40 -30.65
C GLU C 207 19.71 -29.78 -30.10
N ILE C 208 20.97 -30.19 -30.18
CA ILE C 208 21.39 -31.45 -29.60
C ILE C 208 21.34 -31.38 -28.08
N VAL C 209 21.80 -30.27 -27.51
CA VAL C 209 21.79 -30.10 -26.06
C VAL C 209 20.38 -30.07 -25.53
N ARG C 210 19.45 -29.47 -26.29
CA ARG C 210 18.05 -29.47 -25.88
C ARG C 210 17.50 -30.88 -25.82
N ASP C 211 17.92 -31.74 -26.75
CA ASP C 211 17.48 -33.14 -26.71
C ASP C 211 18.07 -33.87 -25.52
N ILE C 212 19.32 -33.58 -25.16
CA ILE C 212 19.91 -34.14 -23.96
C ILE C 212 19.12 -33.70 -22.73
N LYS C 213 18.74 -32.43 -22.69
CA LYS C 213 18.02 -31.90 -21.53
C LYS C 213 16.67 -32.59 -21.36
N GLU C 214 15.95 -32.78 -22.47
CA GLU C 214 14.61 -33.35 -22.38
C GLU C 214 14.62 -34.84 -22.05
N LYS C 215 15.76 -35.52 -22.21
CA LYS C 215 15.83 -36.95 -21.95
C LYS C 215 16.49 -37.30 -20.64
N LEU C 216 17.49 -36.53 -20.19
CA LEU C 216 18.29 -36.93 -19.05
C LEU C 216 18.14 -36.03 -17.83
N CYS C 217 17.65 -34.80 -17.99
CA CYS C 217 17.58 -33.88 -16.87
C CYS C 217 16.34 -34.15 -16.01
N TYR C 218 16.51 -33.97 -14.70
CA TYR C 218 15.43 -34.11 -13.75
C TYR C 218 15.66 -33.13 -12.60
N VAL C 219 14.62 -32.91 -11.81
CA VAL C 219 14.68 -32.01 -10.67
C VAL C 219 14.94 -32.82 -9.41
N ALA C 220 15.99 -32.45 -8.69
CA ALA C 220 16.32 -33.10 -7.43
C ALA C 220 15.39 -32.63 -6.32
N LEU C 221 14.94 -33.57 -5.50
CA LEU C 221 14.08 -33.21 -4.37
C LEU C 221 14.83 -32.36 -3.36
N ASP C 222 16.06 -32.77 -3.03
CA ASP C 222 16.97 -31.96 -2.23
C ASP C 222 18.27 -31.81 -3.01
N PHE C 223 18.62 -30.56 -3.34
CA PHE C 223 19.73 -30.33 -4.25
C PHE C 223 21.07 -30.65 -3.60
N GLU C 224 21.28 -30.21 -2.36
CA GLU C 224 22.57 -30.40 -1.73
C GLU C 224 22.85 -31.86 -1.40
N ASN C 225 21.81 -32.64 -1.13
CA ASN C 225 22.01 -34.07 -0.90
C ASN C 225 22.33 -34.80 -2.19
N GLU C 226 21.73 -34.36 -3.32
CA GLU C 226 22.03 -34.99 -4.60
C GLU C 226 23.43 -34.65 -5.08
N MET C 227 23.93 -33.45 -4.76
CA MET C 227 25.31 -33.11 -5.09
C MET C 227 26.29 -34.00 -4.34
N ALA C 228 25.97 -34.35 -3.10
CA ALA C 228 26.82 -35.25 -2.33
C ALA C 228 26.75 -36.67 -2.86
N THR C 229 25.57 -37.09 -3.31
CA THR C 229 25.43 -38.43 -3.89
C THR C 229 26.17 -38.53 -5.22
N ALA C 230 26.09 -37.49 -6.05
CA ALA C 230 26.75 -37.52 -7.35
C ALA C 230 28.26 -37.50 -7.21
N ALA C 231 28.78 -36.96 -6.12
CA ALA C 231 30.21 -36.85 -5.91
C ALA C 231 30.80 -38.05 -5.16
N SER C 232 29.96 -38.99 -4.73
CA SER C 232 30.41 -40.15 -3.98
C SER C 232 30.27 -41.46 -4.74
N SER C 233 29.65 -41.45 -5.91
CA SER C 233 29.45 -42.66 -6.69
C SER C 233 29.18 -42.27 -8.14
N SER C 234 28.69 -43.22 -8.93
CA SER C 234 28.35 -42.98 -10.33
C SER C 234 26.94 -43.48 -10.64
N SER C 235 26.09 -43.65 -9.63
CA SER C 235 24.74 -44.14 -9.84
C SER C 235 23.88 -43.14 -10.61
N LEU C 236 24.24 -41.87 -10.62
CA LEU C 236 23.50 -40.85 -11.33
C LEU C 236 24.02 -40.61 -12.74
N GLU C 237 25.11 -41.28 -13.14
CA GLU C 237 25.66 -41.10 -14.47
C GLU C 237 24.76 -41.74 -15.51
N LYS C 238 24.47 -41.00 -16.57
CA LYS C 238 23.74 -41.51 -17.72
C LYS C 238 24.55 -41.21 -18.98
N SER C 239 24.46 -42.11 -19.95
CA SER C 239 25.12 -41.93 -21.23
C SER C 239 24.13 -41.48 -22.29
N TYR C 240 24.66 -40.82 -23.30
CA TYR C 240 23.85 -40.30 -24.40
C TYR C 240 24.67 -40.38 -25.68
N GLU C 241 24.07 -40.91 -26.73
CA GLU C 241 24.74 -41.06 -28.02
C GLU C 241 24.44 -39.86 -28.90
N LEU C 242 25.49 -39.15 -29.30
CA LEU C 242 25.35 -38.00 -30.18
C LEU C 242 24.98 -38.47 -31.58
N PRO C 243 24.53 -37.56 -32.45
CA PRO C 243 24.14 -37.98 -33.81
C PRO C 243 25.25 -38.62 -34.62
N ASP C 244 26.51 -38.41 -34.26
CA ASP C 244 27.64 -38.98 -35.00
C ASP C 244 28.21 -40.22 -34.32
N GLY C 245 27.49 -40.82 -33.38
CA GLY C 245 27.92 -42.03 -32.72
C GLY C 245 28.76 -41.83 -31.48
N GLN C 246 29.21 -40.60 -31.20
CA GLN C 246 29.94 -40.35 -29.97
C GLN C 246 29.01 -40.45 -28.77
N VAL C 247 29.52 -41.04 -27.69
CA VAL C 247 28.75 -41.25 -26.48
C VAL C 247 29.32 -40.34 -25.40
N ILE C 248 28.47 -39.51 -24.81
CA ILE C 248 28.86 -38.63 -23.72
C ILE C 248 28.19 -39.10 -22.45
N THR C 249 28.82 -38.82 -21.31
CA THR C 249 28.32 -39.21 -20.01
C THR C 249 28.20 -37.97 -19.14
N ILE C 250 27.04 -37.80 -18.50
CA ILE C 250 26.79 -36.65 -17.64
C ILE C 250 26.32 -37.14 -16.28
N GLY C 251 26.77 -36.46 -15.22
CA GLY C 251 26.42 -36.83 -13.87
C GLY C 251 25.53 -35.81 -13.19
N ASN C 252 26.13 -34.91 -12.40
CA ASN C 252 25.33 -33.94 -11.67
C ASN C 252 24.73 -32.87 -12.57
N GLU C 253 25.18 -32.76 -13.82
CA GLU C 253 24.56 -31.83 -14.76
C GLU C 253 23.11 -32.18 -15.03
N ARG C 254 22.70 -33.43 -14.78
CA ARG C 254 21.32 -33.84 -15.00
C ARG C 254 20.37 -33.05 -14.13
N PHE C 255 20.74 -32.78 -12.89
CA PHE C 255 19.87 -32.01 -12.00
C PHE C 255 20.37 -30.61 -11.71
N ARG C 256 21.60 -30.27 -12.11
CA ARG C 256 22.05 -28.89 -11.97
C ARG C 256 21.38 -27.97 -12.98
N CYS C 257 21.07 -28.49 -14.17
CA CYS C 257 20.40 -27.65 -15.17
C CYS C 257 18.99 -27.27 -14.74
N PRO C 258 18.09 -28.17 -14.35
CA PRO C 258 16.76 -27.75 -13.91
C PRO C 258 16.77 -27.00 -12.58
N GLU C 259 17.83 -27.14 -11.78
CA GLU C 259 17.91 -26.41 -10.51
C GLU C 259 17.93 -24.90 -10.71
N THR C 260 18.33 -24.44 -11.91
CA THR C 260 18.31 -23.01 -12.20
C THR C 260 16.91 -22.43 -12.05
N LEU C 261 15.87 -23.23 -12.30
CA LEU C 261 14.51 -22.75 -12.12
C LEU C 261 14.24 -22.34 -10.67
N PHE C 262 14.88 -23.02 -9.72
CA PHE C 262 14.72 -22.71 -8.31
C PHE C 262 15.83 -21.83 -7.75
N GLN C 263 16.96 -21.72 -8.44
CA GLN C 263 18.06 -20.83 -8.06
C GLN C 263 18.53 -20.10 -9.30
N PRO C 264 17.82 -19.05 -9.71
CA PRO C 264 18.21 -18.32 -10.92
C PRO C 264 19.58 -17.66 -10.84
N SER C 265 20.22 -17.64 -9.68
CA SER C 265 21.55 -17.09 -9.58
C SER C 265 22.60 -17.94 -10.30
N PHE C 266 22.27 -19.18 -10.64
CA PHE C 266 23.20 -20.02 -11.40
C PHE C 266 23.52 -19.41 -12.75
N ILE C 267 22.60 -18.64 -13.32
CA ILE C 267 22.82 -17.98 -14.60
C ILE C 267 22.92 -16.47 -14.44
N GLY C 268 23.24 -16.00 -13.23
CA GLY C 268 23.44 -14.58 -12.99
C GLY C 268 22.18 -13.77 -12.86
N MET C 269 21.01 -14.39 -12.78
CA MET C 269 19.77 -13.65 -12.60
C MET C 269 19.53 -13.40 -11.11
N GLU C 270 18.95 -12.23 -10.82
CA GLU C 270 18.70 -11.82 -9.45
C GLU C 270 17.35 -12.29 -8.92
N SER C 271 16.42 -12.65 -9.80
CA SER C 271 15.07 -12.99 -9.38
C SER C 271 15.06 -14.25 -8.51
N ALA C 272 13.94 -14.44 -7.83
CA ALA C 272 13.75 -15.63 -7.02
C ALA C 272 13.29 -16.80 -7.88
N GLY C 273 13.42 -18.00 -7.33
CA GLY C 273 13.01 -19.20 -8.03
C GLY C 273 11.51 -19.26 -8.25
N ILE C 274 11.09 -20.25 -9.03
CA ILE C 274 9.68 -20.39 -9.37
C ILE C 274 8.82 -20.72 -8.16
N HIS C 275 9.42 -21.29 -7.11
CA HIS C 275 8.64 -21.58 -5.90
C HIS C 275 8.35 -20.32 -5.11
N GLU C 276 9.36 -19.45 -4.95
CA GLU C 276 9.14 -18.19 -4.24
C GLU C 276 8.30 -17.23 -5.06
N THR C 277 8.43 -17.28 -6.40
CA THR C 277 7.61 -16.44 -7.25
C THR C 277 6.14 -16.83 -7.15
N THR C 278 5.85 -18.14 -7.12
CA THR C 278 4.49 -18.60 -6.92
C THR C 278 3.96 -18.19 -5.56
N TYR C 279 4.78 -18.34 -4.51
CA TYR C 279 4.36 -17.94 -3.18
C TYR C 279 4.15 -16.43 -3.09
N ASN C 280 5.06 -15.64 -3.67
CA ASN C 280 4.91 -14.20 -3.66
C ASN C 280 3.66 -13.76 -4.42
N SER C 281 3.31 -14.48 -5.48
CA SER C 281 2.09 -14.16 -6.21
C SER C 281 0.85 -14.44 -5.39
N ILE C 282 0.86 -15.54 -4.62
CA ILE C 282 -0.27 -15.86 -3.76
C ILE C 282 -0.38 -14.85 -2.63
N MET C 283 0.75 -14.39 -2.09
CA MET C 283 0.73 -13.44 -0.99
C MET C 283 0.34 -12.03 -1.42
N LYS C 284 0.32 -11.74 -2.72
CA LYS C 284 -0.23 -10.48 -3.20
C LYS C 284 -1.73 -10.55 -3.44
N CYS C 285 -2.31 -11.75 -3.43
CA CYS C 285 -3.75 -11.89 -3.57
C CYS C 285 -4.43 -11.67 -2.22
N ASP C 286 -5.73 -11.42 -2.29
CA ASP C 286 -6.52 -11.21 -1.08
C ASP C 286 -6.43 -12.43 -0.17
N ILE C 287 -6.36 -12.18 1.13
CA ILE C 287 -6.15 -13.24 2.11
C ILE C 287 -7.26 -14.29 2.04
N ASP C 288 -8.46 -13.91 1.61
CA ASP C 288 -9.58 -14.83 1.58
C ASP C 288 -9.54 -15.82 0.42
N ILE C 289 -8.71 -15.60 -0.59
CA ILE C 289 -8.60 -16.52 -1.73
C ILE C 289 -7.33 -17.34 -1.69
N ARG C 290 -6.44 -17.10 -0.72
CA ARG C 290 -5.14 -17.78 -0.73
C ARG C 290 -5.28 -19.27 -0.48
N LYS C 291 -6.24 -19.67 0.37
CA LYS C 291 -6.42 -21.09 0.65
C LYS C 291 -6.80 -21.87 -0.60
N ASP C 292 -7.65 -21.30 -1.45
CA ASP C 292 -8.02 -21.97 -2.68
C ASP C 292 -6.88 -21.96 -3.69
N LEU C 293 -6.04 -20.93 -3.68
CA LEU C 293 -4.90 -20.90 -4.58
C LEU C 293 -3.83 -21.91 -4.16
N TYR C 294 -3.64 -22.09 -2.86
CA TYR C 294 -2.69 -23.08 -2.37
C TYR C 294 -3.05 -24.48 -2.81
N ALA C 295 -4.33 -24.77 -2.97
CA ALA C 295 -4.79 -26.10 -3.32
C ALA C 295 -4.91 -26.32 -4.83
N ASN C 296 -4.65 -25.30 -5.64
CA ASN C 296 -4.84 -25.39 -7.08
C ASN C 296 -3.65 -24.76 -7.82
N ASN C 297 -2.45 -25.25 -7.53
CA ASN C 297 -1.26 -24.84 -8.28
C ASN C 297 -1.19 -25.67 -9.55
N VAL C 298 -1.55 -25.06 -10.68
CA VAL C 298 -1.62 -25.75 -11.96
C VAL C 298 -0.34 -25.50 -12.73
N MET C 299 0.31 -26.57 -13.18
CA MET C 299 1.50 -26.49 -14.01
C MET C 299 1.14 -26.67 -15.47
N SER C 300 1.84 -25.93 -16.34
CA SER C 300 1.65 -26.07 -17.77
C SER C 300 2.93 -25.64 -18.48
N GLY C 301 3.12 -26.15 -19.69
CA GLY C 301 4.29 -25.83 -20.47
C GLY C 301 5.33 -26.94 -20.44
N GLY C 302 6.18 -26.93 -21.45
CA GLY C 302 7.17 -28.00 -21.58
C GLY C 302 8.23 -28.00 -20.49
N THR C 303 8.53 -26.83 -19.93
CA THR C 303 9.54 -26.74 -18.89
C THR C 303 9.06 -27.31 -17.55
N THR C 304 7.77 -27.56 -17.40
CA THR C 304 7.27 -28.24 -16.21
C THR C 304 7.26 -29.76 -16.36
N MET C 305 7.83 -30.29 -17.44
CA MET C 305 7.83 -31.71 -17.70
C MET C 305 9.04 -32.44 -17.13
N TYR C 306 9.89 -31.74 -16.37
CA TYR C 306 11.01 -32.42 -15.73
C TYR C 306 10.51 -33.42 -14.70
N PRO C 307 11.08 -34.61 -14.64
CA PRO C 307 10.73 -35.54 -13.56
C PRO C 307 11.10 -34.97 -12.21
N GLY C 308 10.14 -34.97 -11.30
CA GLY C 308 10.36 -34.52 -9.94
C GLY C 308 10.08 -33.05 -9.68
N ILE C 309 9.64 -32.29 -10.69
CA ILE C 309 9.45 -30.86 -10.47
C ILE C 309 8.18 -30.60 -9.66
N ALA C 310 7.17 -31.46 -9.76
CA ALA C 310 5.96 -31.27 -8.97
C ALA C 310 6.21 -31.61 -7.51
N ASP C 311 7.00 -32.64 -7.24
CA ASP C 311 7.33 -32.97 -5.86
C ASP C 311 8.24 -31.92 -5.24
N ARG C 312 9.13 -31.34 -6.04
CA ARG C 312 10.01 -30.28 -5.53
C ARG C 312 9.21 -29.01 -5.25
N MET C 313 8.30 -28.64 -6.15
CA MET C 313 7.48 -27.45 -5.92
C MET C 313 6.57 -27.64 -4.72
N GLN C 314 6.02 -28.84 -4.54
CA GLN C 314 5.20 -29.12 -3.37
C GLN C 314 6.00 -28.95 -2.08
N LYS C 315 7.24 -29.44 -2.08
CA LYS C 315 8.07 -29.32 -0.90
C LYS C 315 8.47 -27.88 -0.62
N GLU C 316 8.79 -27.12 -1.67
CA GLU C 316 9.27 -25.76 -1.48
C GLU C 316 8.16 -24.82 -1.03
N ILE C 317 6.95 -24.97 -1.60
CA ILE C 317 5.85 -24.11 -1.21
C ILE C 317 5.33 -24.49 0.17
N THR C 318 5.35 -25.78 0.51
CA THR C 318 4.96 -26.21 1.84
C THR C 318 5.86 -25.57 2.90
N ALA C 319 7.14 -25.38 2.60
CA ALA C 319 8.04 -24.74 3.54
C ALA C 319 7.79 -23.24 3.67
N LEU C 320 7.19 -22.62 2.67
CA LEU C 320 6.90 -21.18 2.72
C LEU C 320 5.52 -20.88 3.25
N ALA C 321 4.54 -21.73 2.99
CA ALA C 321 3.17 -21.50 3.40
C ALA C 321 2.97 -21.92 4.86
N PRO C 322 1.90 -21.45 5.49
CA PRO C 322 1.59 -21.92 6.85
C PRO C 322 1.31 -23.41 6.86
N SER C 323 1.53 -24.02 8.03
CA SER C 323 1.45 -25.48 8.14
C SER C 323 0.03 -26.01 7.99
N THR C 324 -0.99 -25.21 8.24
CA THR C 324 -2.36 -25.66 8.14
C THR C 324 -2.90 -25.61 6.72
N MET C 325 -2.12 -25.10 5.77
CA MET C 325 -2.56 -25.01 4.38
C MET C 325 -2.26 -26.31 3.64
N LYS C 326 -3.20 -26.73 2.79
CA LYS C 326 -3.03 -27.90 1.95
C LYS C 326 -2.46 -27.45 0.61
N ILE C 327 -1.19 -27.77 0.37
CA ILE C 327 -0.54 -27.44 -0.89
C ILE C 327 -0.75 -28.59 -1.86
N LYS C 328 -1.34 -28.30 -3.01
CA LYS C 328 -1.63 -29.31 -4.02
C LYS C 328 -1.16 -28.81 -5.37
N ILE C 329 -0.20 -29.51 -5.96
CA ILE C 329 0.33 -29.18 -7.28
C ILE C 329 -0.41 -30.04 -8.31
N ILE C 330 -1.10 -29.38 -9.24
CA ILE C 330 -1.81 -30.08 -10.30
C ILE C 330 -0.89 -30.13 -11.53
N ALA C 331 -0.42 -31.32 -11.86
CA ALA C 331 0.48 -31.53 -12.99
C ALA C 331 -0.05 -32.68 -13.84
N PRO C 332 -0.98 -32.40 -14.75
CA PRO C 332 -1.51 -33.46 -15.60
C PRO C 332 -0.46 -33.93 -16.59
N PRO C 333 -0.56 -35.17 -17.07
CA PRO C 333 0.45 -35.68 -18.01
C PRO C 333 0.47 -34.95 -19.35
N GLU C 334 -0.65 -34.33 -19.75
CA GLU C 334 -0.74 -33.63 -21.01
C GLU C 334 -0.49 -32.13 -20.86
N ARG C 335 0.18 -31.71 -19.78
CA ARG C 335 0.32 -30.29 -19.51
C ARG C 335 1.27 -29.57 -20.46
N LYS C 336 2.03 -30.30 -21.28
CA LYS C 336 2.87 -29.66 -22.28
C LYS C 336 2.03 -29.00 -23.37
N TYR C 337 0.78 -29.43 -23.56
CA TYR C 337 -0.11 -28.84 -24.54
C TYR C 337 -1.32 -28.18 -23.90
N SER C 338 -1.22 -27.81 -22.62
CA SER C 338 -2.38 -27.29 -21.89
C SER C 338 -2.92 -26.02 -22.52
N VAL C 339 -2.03 -25.13 -22.99
CA VAL C 339 -2.47 -23.89 -23.59
C VAL C 339 -3.26 -24.16 -24.87
N TRP C 340 -2.77 -25.08 -25.71
CA TRP C 340 -3.51 -25.40 -26.93
C TRP C 340 -4.82 -26.10 -26.61
N ILE C 341 -4.79 -27.06 -25.67
CA ILE C 341 -6.00 -27.80 -25.32
C ILE C 341 -7.06 -26.86 -24.77
N GLY C 342 -6.66 -25.93 -23.91
CA GLY C 342 -7.60 -24.94 -23.41
C GLY C 342 -8.12 -24.02 -24.49
N GLY C 343 -7.26 -23.64 -25.44
CA GLY C 343 -7.71 -22.85 -26.57
C GLY C 343 -8.69 -23.58 -27.45
N SER C 344 -8.51 -24.90 -27.61
CA SER C 344 -9.45 -25.71 -28.37
C SER C 344 -10.80 -25.78 -27.65
N ILE C 345 -10.78 -25.82 -26.33
CA ILE C 345 -12.02 -25.82 -25.55
C ILE C 345 -12.70 -24.47 -25.65
N LEU C 346 -11.94 -23.39 -25.50
CA LEU C 346 -12.52 -22.05 -25.51
C LEU C 346 -13.13 -21.72 -26.87
N ALA C 347 -12.40 -22.00 -27.95
CA ALA C 347 -12.88 -21.68 -29.29
C ALA C 347 -14.09 -22.51 -29.68
N SER C 348 -14.43 -23.55 -28.92
CA SER C 348 -15.61 -24.36 -29.18
C SER C 348 -16.82 -23.96 -28.34
N LEU C 349 -16.64 -23.12 -27.33
CA LEU C 349 -17.75 -22.69 -26.51
C LEU C 349 -18.71 -21.81 -27.30
N SER C 350 -20.00 -21.95 -27.00
CA SER C 350 -21.01 -21.13 -27.65
C SER C 350 -20.98 -19.70 -27.15
N THR C 351 -20.66 -19.48 -25.88
CA THR C 351 -20.59 -18.15 -25.31
C THR C 351 -19.38 -17.36 -25.80
N PHE C 352 -18.43 -18.02 -26.46
CA PHE C 352 -17.24 -17.36 -26.96
C PHE C 352 -17.41 -16.80 -28.38
N GLN C 353 -18.40 -17.29 -29.13
CA GLN C 353 -18.57 -16.88 -30.52
C GLN C 353 -18.86 -15.39 -30.68
N GLN C 354 -19.14 -14.68 -29.60
CA GLN C 354 -19.29 -13.24 -29.63
C GLN C 354 -17.99 -12.49 -29.39
N MET C 355 -16.94 -13.19 -28.95
CA MET C 355 -15.66 -12.58 -28.63
C MET C 355 -14.75 -12.43 -29.85
N TRP C 356 -15.09 -13.05 -30.97
CA TRP C 356 -14.24 -12.95 -32.16
C TRP C 356 -14.17 -11.50 -32.64
N ILE C 357 -12.97 -11.07 -32.97
CA ILE C 357 -12.75 -9.76 -33.59
C ILE C 357 -12.78 -9.98 -35.10
N THR C 358 -13.87 -9.61 -35.73
CA THR C 358 -14.01 -9.83 -37.16
C THR C 358 -13.23 -8.77 -37.94
N LYS C 359 -13.03 -9.05 -39.23
CA LYS C 359 -12.32 -8.11 -40.09
C LYS C 359 -13.06 -6.79 -40.21
N GLN C 360 -14.40 -6.81 -40.11
CA GLN C 360 -15.16 -5.57 -40.22
C GLN C 360 -14.95 -4.69 -38.99
N GLU C 361 -14.99 -5.29 -37.79
CA GLU C 361 -14.76 -4.52 -36.58
C GLU C 361 -13.35 -3.94 -36.55
N TYR C 362 -12.39 -4.64 -37.16
CA TYR C 362 -11.01 -4.18 -37.14
C TYR C 362 -10.77 -3.01 -38.08
N ASP C 363 -11.51 -2.93 -39.18
CA ASP C 363 -11.31 -1.84 -40.13
C ASP C 363 -11.80 -0.51 -39.59
N GLU C 364 -12.79 -0.52 -38.69
CA GLU C 364 -13.35 0.71 -38.16
C GLU C 364 -12.76 1.07 -36.80
N ALA C 365 -12.62 0.09 -35.91
CA ALA C 365 -12.10 0.40 -34.58
C ALA C 365 -10.60 0.65 -34.60
N GLY C 366 -9.87 -0.11 -35.41
CA GLY C 366 -8.44 0.05 -35.50
C GLY C 366 -7.70 -0.93 -34.61
N PRO C 367 -6.39 -0.74 -34.47
CA PRO C 367 -5.59 -1.68 -33.65
C PRO C 367 -5.95 -1.66 -32.17
N SER C 368 -6.71 -0.67 -31.71
CA SER C 368 -7.02 -0.59 -30.29
C SER C 368 -8.04 -1.63 -29.86
N ILE C 369 -8.78 -2.23 -30.79
CA ILE C 369 -9.79 -3.21 -30.43
C ILE C 369 -9.17 -4.50 -29.91
N VAL C 370 -7.90 -4.76 -30.21
CA VAL C 370 -7.27 -6.02 -29.83
C VAL C 370 -6.80 -6.04 -28.38
N HIS C 371 -6.81 -4.90 -27.70
CA HIS C 371 -6.33 -4.81 -26.32
C HIS C 371 -7.48 -4.76 -25.32
N ARG C 372 -8.50 -5.60 -25.49
CA ARG C 372 -9.58 -5.73 -24.53
C ARG C 372 -9.47 -7.06 -23.81
N LYS C 373 -9.69 -7.03 -22.49
CA LYS C 373 -9.43 -8.17 -21.62
C LYS C 373 -7.99 -8.65 -21.78
N CYS C 374 -7.06 -7.70 -21.78
CA CYS C 374 -5.65 -7.96 -22.01
C CYS C 374 -4.82 -7.43 -20.85
N PHE C 375 -3.82 -8.20 -20.46
CA PHE C 375 -2.84 -7.73 -19.48
C PHE C 375 -1.49 -8.42 -19.72
N THR D 6 -50.01 -16.75 6.45
CA THR D 6 -49.14 -16.39 7.58
C THR D 6 -48.31 -15.15 7.24
N ALA D 7 -47.91 -14.42 8.26
CA ALA D 7 -47.20 -13.15 8.08
C ALA D 7 -45.69 -13.37 8.04
N LEU D 8 -45.02 -12.50 7.28
CA LEU D 8 -43.56 -12.49 7.24
C LEU D 8 -43.03 -11.48 8.25
N VAL D 9 -42.00 -11.89 8.98
CA VAL D 9 -41.31 -11.03 9.93
C VAL D 9 -39.89 -10.83 9.41
N CYS D 10 -39.58 -9.61 8.98
CA CYS D 10 -38.28 -9.28 8.43
C CYS D 10 -37.65 -8.19 9.29
N ASP D 11 -36.56 -8.54 9.97
CA ASP D 11 -35.80 -7.59 10.79
C ASP D 11 -34.55 -7.20 10.01
N ASN D 12 -34.62 -6.08 9.30
CA ASN D 12 -33.51 -5.59 8.49
C ASN D 12 -32.61 -4.72 9.36
N GLY D 13 -31.52 -5.30 9.84
CA GLY D 13 -30.57 -4.55 10.62
C GLY D 13 -29.45 -3.98 9.78
N SER D 14 -28.61 -3.16 10.42
CA SER D 14 -27.45 -2.61 9.74
C SER D 14 -26.45 -3.69 9.38
N GLY D 15 -26.45 -4.81 10.10
CA GLY D 15 -25.49 -5.86 9.88
C GLY D 15 -26.08 -7.14 9.34
N LEU D 16 -27.16 -7.61 9.94
CA LEU D 16 -27.76 -8.89 9.60
C LEU D 16 -29.22 -8.73 9.21
N VAL D 17 -29.67 -9.60 8.32
CA VAL D 17 -31.08 -9.71 7.96
C VAL D 17 -31.64 -10.92 8.70
N LYS D 18 -32.65 -10.70 9.53
CA LYS D 18 -33.35 -11.76 10.22
C LYS D 18 -34.76 -11.84 9.61
N ALA D 19 -35.04 -12.94 8.91
CA ALA D 19 -36.31 -13.10 8.23
C ALA D 19 -36.89 -14.47 8.54
N GLY D 20 -38.22 -14.53 8.55
CA GLY D 20 -38.90 -15.77 8.83
C GLY D 20 -40.39 -15.58 8.81
N PHE D 21 -41.10 -16.52 9.40
CA PHE D 21 -42.55 -16.53 9.42
C PHE D 21 -43.06 -16.31 10.84
N ALA D 22 -44.13 -15.53 10.96
CA ALA D 22 -44.74 -15.31 12.27
C ALA D 22 -45.26 -16.63 12.83
N GLY D 23 -44.98 -16.86 14.12
CA GLY D 23 -45.33 -18.09 14.79
C GLY D 23 -44.14 -18.97 15.10
N ASP D 24 -43.10 -18.91 14.26
CA ASP D 24 -41.90 -19.67 14.53
C ASP D 24 -41.14 -19.07 15.71
N ASP D 25 -40.22 -19.85 16.27
CA ASP D 25 -39.44 -19.42 17.42
C ASP D 25 -38.08 -18.87 17.06
N ALA D 26 -37.67 -18.95 15.80
CA ALA D 26 -36.37 -18.47 15.37
C ALA D 26 -36.47 -18.02 13.93
N PRO D 27 -35.65 -17.05 13.50
CA PRO D 27 -35.67 -16.66 12.10
C PRO D 27 -35.20 -17.80 11.20
N ARG D 28 -35.87 -17.94 10.06
CA ARG D 28 -35.49 -19.00 9.12
C ARG D 28 -34.26 -18.61 8.31
N ALA D 29 -34.13 -17.32 7.98
CA ALA D 29 -33.03 -16.83 7.16
C ALA D 29 -32.27 -15.75 7.94
N VAL D 30 -31.00 -16.02 8.24
CA VAL D 30 -30.11 -15.06 8.88
C VAL D 30 -28.86 -14.97 8.03
N PHE D 31 -28.61 -13.81 7.43
CA PHE D 31 -27.48 -13.63 6.54
C PHE D 31 -27.03 -12.18 6.60
N PRO D 32 -25.78 -11.89 6.27
CA PRO D 32 -25.29 -10.51 6.35
C PRO D 32 -26.00 -9.61 5.35
N SER D 33 -26.21 -8.36 5.77
CA SER D 33 -26.89 -7.36 4.93
C SER D 33 -25.85 -6.65 4.07
N ILE D 34 -25.26 -7.41 3.15
CA ILE D 34 -24.17 -6.91 2.31
C ILE D 34 -24.50 -7.18 0.84
N VAL D 35 -24.00 -6.29 -0.01
CA VAL D 35 -24.01 -6.48 -1.45
C VAL D 35 -22.57 -6.39 -1.93
N GLY D 36 -22.12 -7.43 -2.61
CA GLY D 36 -20.74 -7.52 -3.10
C GLY D 36 -20.70 -7.42 -4.61
N ARG D 37 -19.75 -6.63 -5.11
CA ARG D 37 -19.53 -6.48 -6.54
C ARG D 37 -18.08 -6.74 -6.87
N PRO D 38 -17.80 -7.41 -8.00
CA PRO D 38 -16.41 -7.71 -8.36
C PRO D 38 -15.61 -6.45 -8.58
N ARG D 39 -14.40 -6.44 -8.04
CA ARG D 39 -13.49 -5.32 -8.19
C ARG D 39 -12.27 -5.67 -9.05
N HIS D 40 -12.29 -6.82 -9.72
CA HIS D 40 -11.23 -7.23 -10.63
C HIS D 40 -11.82 -7.47 -12.02
N GLN D 41 -10.99 -7.99 -12.92
CA GLN D 41 -11.39 -8.24 -14.30
C GLN D 41 -11.78 -9.70 -14.47
N GLY D 42 -12.98 -9.93 -15.01
CA GLY D 42 -13.43 -11.28 -15.28
C GLY D 42 -12.88 -11.76 -16.62
N VAL D 43 -12.27 -12.93 -16.61
CA VAL D 43 -11.63 -13.46 -17.81
C VAL D 43 -12.19 -14.80 -18.26
N MET D 44 -12.93 -15.51 -17.41
CA MET D 44 -13.49 -16.80 -17.78
C MET D 44 -15.01 -16.80 -17.66
N GLN D 49 -20.07 -15.63 -13.12
CA GLN D 49 -19.76 -14.26 -13.49
C GLN D 49 -20.99 -13.35 -13.36
N LYS D 50 -21.60 -13.36 -12.18
CA LYS D 50 -22.73 -12.49 -11.92
C LYS D 50 -22.23 -11.07 -11.64
N ASP D 51 -23.16 -10.12 -11.71
CA ASP D 51 -22.82 -8.72 -11.51
C ASP D 51 -22.73 -8.36 -10.03
N SER D 52 -23.58 -8.96 -9.18
CA SER D 52 -23.58 -8.63 -7.77
C SER D 52 -23.95 -9.87 -6.96
N TYR D 53 -23.47 -9.90 -5.72
CA TYR D 53 -23.73 -11.00 -4.81
C TYR D 53 -24.28 -10.44 -3.50
N VAL D 54 -25.20 -11.17 -2.90
CA VAL D 54 -25.91 -10.72 -1.71
C VAL D 54 -25.74 -11.74 -0.60
N GLY D 55 -25.48 -11.24 0.61
CA GLY D 55 -25.60 -12.09 1.79
C GLY D 55 -24.46 -13.08 1.91
N ASP D 56 -24.81 -14.34 2.18
CA ASP D 56 -23.81 -15.37 2.38
C ASP D 56 -23.07 -15.71 1.10
N GLU D 57 -23.70 -15.50 -0.05
CA GLU D 57 -23.00 -15.70 -1.31
C GLU D 57 -21.92 -14.64 -1.51
N ALA D 58 -22.20 -13.41 -1.10
CA ALA D 58 -21.17 -12.37 -1.14
C ALA D 58 -20.09 -12.62 -0.11
N GLN D 59 -20.44 -13.28 1.00
CA GLN D 59 -19.46 -13.54 2.05
C GLN D 59 -18.48 -14.63 1.66
N SER D 60 -18.91 -15.61 0.87
CA SER D 60 -18.03 -16.69 0.46
C SER D 60 -17.10 -16.29 -0.67
N LYS D 61 -17.46 -15.29 -1.47
CA LYS D 61 -16.63 -14.82 -2.58
C LYS D 61 -16.04 -13.44 -2.31
N ARG D 62 -15.94 -13.05 -1.03
CA ARG D 62 -15.54 -11.68 -0.70
C ARG D 62 -14.10 -11.38 -1.09
N GLY D 63 -13.30 -12.40 -1.37
CA GLY D 63 -11.92 -12.16 -1.76
C GLY D 63 -11.77 -11.33 -3.02
N ILE D 64 -12.73 -11.44 -3.93
CA ILE D 64 -12.69 -10.70 -5.19
C ILE D 64 -13.81 -9.68 -5.28
N LEU D 65 -14.48 -9.37 -4.16
CA LEU D 65 -15.59 -8.44 -4.15
C LEU D 65 -15.25 -7.21 -3.32
N THR D 66 -15.95 -6.13 -3.61
CA THR D 66 -16.04 -4.98 -2.73
C THR D 66 -17.38 -5.07 -2.00
N LEU D 67 -17.34 -5.22 -0.68
CA LEU D 67 -18.55 -5.39 0.12
C LEU D 67 -19.06 -4.04 0.58
N LYS D 68 -20.36 -3.83 0.45
CA LYS D 68 -21.00 -2.59 0.87
C LYS D 68 -22.26 -2.89 1.65
N TYR D 69 -22.42 -2.22 2.79
CA TYR D 69 -23.64 -2.30 3.57
C TYR D 69 -24.61 -1.22 3.09
N PRO D 70 -25.82 -1.56 2.66
CA PRO D 70 -26.77 -0.49 2.31
C PRO D 70 -27.27 0.28 3.53
N ILE D 71 -27.36 -0.34 4.69
CA ILE D 71 -27.86 0.32 5.89
C ILE D 71 -26.68 0.80 6.72
N GLU D 72 -26.66 2.11 6.99
CA GLU D 72 -25.66 2.71 7.88
C GLU D 72 -26.35 3.38 9.06
N HIC D 73 -26.04 2.90 10.26
CA HIC D 73 -26.58 3.46 11.48
C HIC D 73 -28.11 3.46 11.46
O HIC D 73 -28.80 4.42 11.77
CB HIC D 73 -26.14 4.90 11.78
CG HIC D 73 -24.69 5.05 11.92
ND1 HIC D 73 -23.91 4.40 12.89
CD2 HIC D 73 -23.87 5.84 11.09
CE1 HIC D 73 -22.64 4.80 12.66
NE2 HIC D 73 -22.56 5.68 11.57
CZ HIC D 73 -21.40 6.30 11.05
N GLY D 74 -28.64 2.31 11.05
CA GLY D 74 -30.08 2.10 11.02
C GLY D 74 -30.82 2.81 9.91
N ILE D 75 -30.09 3.55 9.08
CA ILE D 75 -30.68 4.35 8.01
C ILE D 75 -30.28 3.73 6.68
N ILE D 76 -31.26 3.54 5.80
CA ILE D 76 -31.03 2.92 4.50
C ILE D 76 -30.42 3.96 3.57
N THR D 77 -29.12 3.82 3.31
CA THR D 77 -28.49 4.45 2.16
C THR D 77 -28.49 3.45 1.01
N ASN D 78 -28.33 3.95 -0.21
CA ASN D 78 -28.34 3.10 -1.39
C ASN D 78 -29.61 2.26 -1.44
N TRP D 79 -30.69 2.82 -1.97
CA TRP D 79 -31.95 2.10 -2.04
C TRP D 79 -31.96 1.03 -3.12
N ASP D 80 -31.04 1.09 -4.07
CA ASP D 80 -30.95 0.02 -5.07
C ASP D 80 -30.38 -1.26 -4.46
N ASP D 81 -29.37 -1.14 -3.60
CA ASP D 81 -28.81 -2.31 -2.95
C ASP D 81 -29.76 -2.88 -1.90
N MET D 82 -30.50 -2.02 -1.20
CA MET D 82 -31.45 -2.51 -0.23
C MET D 82 -32.58 -3.29 -0.89
N GLU D 83 -32.95 -2.89 -2.11
CA GLU D 83 -33.99 -3.62 -2.83
C GLU D 83 -33.49 -4.97 -3.33
N LYS D 84 -32.19 -5.09 -3.58
CA LYS D 84 -31.63 -6.40 -3.93
C LYS D 84 -31.63 -7.33 -2.73
N ILE D 85 -31.41 -6.79 -1.53
CA ILE D 85 -31.41 -7.61 -0.33
C ILE D 85 -32.81 -8.10 0.00
N TRP D 86 -33.81 -7.23 -0.15
CA TRP D 86 -35.19 -7.66 0.05
C TRP D 86 -35.60 -8.70 -1.00
N HIS D 87 -35.17 -8.50 -2.25
CA HIS D 87 -35.45 -9.48 -3.28
C HIS D 87 -34.76 -10.81 -2.99
N HIS D 88 -33.51 -10.75 -2.54
CA HIS D 88 -32.79 -11.95 -2.14
C HIS D 88 -33.46 -12.62 -0.95
N THR D 89 -34.08 -11.85 -0.07
CA THR D 89 -34.71 -12.42 1.12
C THR D 89 -35.98 -13.18 0.76
N PHE D 90 -36.82 -12.59 -0.09
CA PHE D 90 -38.11 -13.19 -0.39
C PHE D 90 -37.97 -14.42 -1.29
N TYR D 91 -37.17 -14.31 -2.35
CA TYR D 91 -37.14 -15.32 -3.39
C TYR D 91 -36.04 -16.35 -3.23
N ASN D 92 -34.94 -16.02 -2.56
CA ASN D 92 -33.83 -16.95 -2.43
C ASN D 92 -33.66 -17.54 -1.04
N GLU D 93 -34.14 -16.86 0.00
CA GLU D 93 -34.00 -17.32 1.37
C GLU D 93 -35.29 -17.88 1.94
N LEU D 94 -36.39 -17.15 1.84
CA LEU D 94 -37.68 -17.65 2.31
C LEU D 94 -38.43 -18.41 1.23
N ARG D 95 -38.17 -18.09 -0.04
CA ARG D 95 -38.79 -18.75 -1.19
C ARG D 95 -40.32 -18.66 -1.11
N VAL D 96 -40.80 -17.42 -0.99
CA VAL D 96 -42.22 -17.14 -0.92
C VAL D 96 -42.55 -16.05 -1.94
N ALA D 97 -43.84 -15.93 -2.23
CA ALA D 97 -44.33 -14.83 -3.04
C ALA D 97 -44.70 -13.66 -2.13
N PRO D 98 -44.07 -12.49 -2.27
CA PRO D 98 -44.35 -11.39 -1.34
C PRO D 98 -45.78 -10.90 -1.39
N GLU D 99 -46.50 -11.13 -2.49
CA GLU D 99 -47.86 -10.64 -2.65
C GLU D 99 -48.90 -11.50 -1.95
N GLU D 100 -48.48 -12.47 -1.14
CA GLU D 100 -49.41 -13.35 -0.45
C GLU D 100 -49.36 -13.22 1.06
N HIS D 101 -48.33 -12.60 1.62
CA HIS D 101 -48.13 -12.53 3.06
C HIS D 101 -48.03 -11.09 3.51
N PRO D 102 -48.72 -10.70 4.58
CA PRO D 102 -48.42 -9.40 5.21
C PRO D 102 -47.04 -9.44 5.84
N THR D 103 -46.33 -8.32 5.75
CA THR D 103 -44.93 -8.25 6.13
C THR D 103 -44.76 -7.29 7.30
N LEU D 104 -44.19 -7.78 8.40
CA LEU D 104 -43.87 -6.96 9.56
C LEU D 104 -42.41 -6.54 9.46
N LEU D 105 -42.17 -5.24 9.41
CA LEU D 105 -40.83 -4.68 9.35
C LEU D 105 -40.50 -3.97 10.66
N THR D 106 -39.21 -3.70 10.84
CA THR D 106 -38.71 -3.05 12.04
C THR D 106 -37.88 -1.82 11.65
N GLU D 107 -37.73 -0.90 12.61
CA GLU D 107 -36.95 0.30 12.38
C GLU D 107 -36.45 0.82 13.72
N ALA D 108 -35.25 1.40 13.70
CA ALA D 108 -34.71 2.02 14.89
C ALA D 108 -35.48 3.30 15.21
N PRO D 109 -35.62 3.63 16.49
CA PRO D 109 -36.30 4.87 16.86
C PRO D 109 -35.47 6.10 16.51
N LEU D 110 -36.17 7.22 16.35
CA LEU D 110 -35.55 8.50 16.01
C LEU D 110 -34.86 8.44 14.65
N ASN D 111 -35.45 7.69 13.73
CA ASN D 111 -34.98 7.60 12.36
C ASN D 111 -35.59 8.70 11.51
N PRO D 112 -34.98 9.03 10.37
CA PRO D 112 -35.60 10.00 9.47
C PRO D 112 -36.96 9.50 8.98
N LYS D 113 -37.90 10.43 8.83
CA LYS D 113 -39.24 10.07 8.40
C LYS D 113 -39.25 9.47 7.00
N ALA D 114 -38.37 9.96 6.11
CA ALA D 114 -38.34 9.47 4.74
C ALA D 114 -37.86 8.02 4.65
N ASN D 115 -37.12 7.54 5.65
CA ASN D 115 -36.65 6.16 5.63
C ASN D 115 -37.82 5.19 5.66
N ARG D 116 -38.79 5.43 6.55
CA ARG D 116 -39.94 4.55 6.66
C ARG D 116 -40.88 4.71 5.48
N GLU D 117 -41.04 5.93 4.98
CA GLU D 117 -41.94 6.16 3.85
C GLU D 117 -41.42 5.49 2.58
N LYS D 118 -40.10 5.52 2.38
CA LYS D 118 -39.54 4.94 1.16
C LYS D 118 -39.62 3.42 1.18
N MET D 119 -39.43 2.81 2.34
CA MET D 119 -39.52 1.35 2.41
C MET D 119 -40.96 0.87 2.32
N THR D 120 -41.92 1.70 2.73
CA THR D 120 -43.32 1.35 2.58
C THR D 120 -43.74 1.43 1.11
N GLN D 121 -43.25 2.44 0.40
CA GLN D 121 -43.55 2.56 -1.03
C GLN D 121 -42.98 1.37 -1.81
N ILE D 122 -41.78 0.91 -1.45
CA ILE D 122 -41.17 -0.20 -2.14
C ILE D 122 -41.90 -1.50 -1.84
N MET D 123 -42.32 -1.70 -0.60
CA MET D 123 -43.02 -2.92 -0.24
C MET D 123 -44.38 -3.02 -0.93
N PHE D 124 -45.05 -1.88 -1.12
CA PHE D 124 -46.37 -1.88 -1.72
C PHE D 124 -46.34 -1.84 -3.24
N GLU D 125 -45.36 -1.17 -3.84
CA GLU D 125 -45.35 -0.96 -5.28
C GLU D 125 -44.36 -1.84 -6.03
N THR D 126 -43.31 -2.33 -5.38
CA THR D 126 -42.35 -3.22 -6.02
C THR D 126 -42.64 -4.68 -5.72
N PHE D 127 -42.82 -5.03 -4.44
CA PHE D 127 -43.11 -6.39 -4.05
C PHE D 127 -44.60 -6.66 -3.90
N ASN D 128 -45.43 -5.62 -3.86
CA ASN D 128 -46.89 -5.75 -3.89
C ASN D 128 -47.41 -6.59 -2.73
N VAL D 129 -46.92 -6.30 -1.52
CA VAL D 129 -47.38 -7.01 -0.33
C VAL D 129 -48.82 -6.60 -0.07
N PRO D 130 -49.65 -7.49 0.48
CA PRO D 130 -51.04 -7.10 0.77
C PRO D 130 -51.15 -6.11 1.92
N ALA D 131 -50.39 -6.33 2.99
CA ALA D 131 -50.39 -5.45 4.14
C ALA D 131 -48.99 -5.41 4.72
N MET D 132 -48.72 -4.39 5.52
CA MET D 132 -47.42 -4.27 6.16
C MET D 132 -47.55 -3.44 7.42
N TYR D 133 -46.49 -3.47 8.24
CA TYR D 133 -46.46 -2.72 9.47
C TYR D 133 -45.00 -2.57 9.89
N VAL D 134 -44.63 -1.37 10.29
CA VAL D 134 -43.28 -1.07 10.77
C VAL D 134 -43.35 -0.95 12.28
N ALA D 135 -42.78 -1.92 12.98
CA ALA D 135 -42.88 -1.99 14.42
C ALA D 135 -41.71 -1.26 15.09
N ILE D 136 -41.88 -1.02 16.38
CA ILE D 136 -40.84 -0.42 17.21
C ILE D 136 -39.96 -1.56 17.74
N GLN D 137 -38.65 -1.45 17.53
CA GLN D 137 -37.76 -2.58 17.83
C GLN D 137 -37.68 -2.85 19.33
N ALA D 138 -37.73 -1.81 20.14
CA ALA D 138 -37.64 -2.01 21.59
C ALA D 138 -38.92 -2.61 22.14
N VAL D 139 -40.07 -2.30 21.53
CA VAL D 139 -41.32 -2.93 21.91
C VAL D 139 -41.28 -4.42 21.61
N LEU D 140 -40.67 -4.79 20.48
CA LEU D 140 -40.56 -6.20 20.13
C LEU D 140 -39.65 -6.95 21.09
N SER D 141 -38.55 -6.32 21.50
CA SER D 141 -37.66 -6.96 22.47
C SER D 141 -38.36 -7.22 23.79
N LEU D 142 -39.31 -6.35 24.16
CA LEU D 142 -40.05 -6.56 25.40
C LEU D 142 -41.07 -7.68 25.23
N TYR D 143 -41.67 -7.81 24.03
CA TYR D 143 -42.53 -8.94 23.75
C TYR D 143 -41.76 -10.26 23.84
N ALA D 144 -40.50 -10.26 23.42
CA ALA D 144 -39.71 -11.48 23.43
C ALA D 144 -39.41 -11.94 24.84
N SER D 145 -39.19 -11.01 25.76
CA SER D 145 -38.92 -11.35 27.15
C SER D 145 -40.19 -11.59 27.96
N GLY D 146 -41.37 -11.47 27.35
CA GLY D 146 -42.61 -11.66 28.07
C GLY D 146 -42.91 -10.60 29.09
N ARG D 147 -42.41 -9.39 28.90
CA ARG D 147 -42.59 -8.30 29.84
C ARG D 147 -43.44 -7.19 29.24
N THR D 148 -44.06 -6.41 30.12
CA THR D 148 -44.74 -5.19 29.75
C THR D 148 -44.08 -3.95 30.33
N THR D 149 -43.10 -4.11 31.21
CA THR D 149 -42.38 -3.02 31.83
C THR D 149 -40.89 -3.29 31.74
N GLY D 150 -40.12 -2.27 31.40
CA GLY D 150 -38.69 -2.38 31.39
C GLY D 150 -38.07 -1.34 30.48
N ILE D 151 -36.78 -1.13 30.67
CA ILE D 151 -35.99 -0.26 29.81
C ILE D 151 -35.11 -1.16 28.95
N VAL D 152 -35.28 -1.07 27.63
CA VAL D 152 -34.59 -1.94 26.69
C VAL D 152 -33.31 -1.27 26.25
N LEU D 153 -32.19 -1.99 26.36
CA LEU D 153 -30.91 -1.57 25.80
C LEU D 153 -30.66 -2.43 24.57
N ASP D 154 -30.99 -1.87 23.40
CA ASP D 154 -30.82 -2.56 22.13
C ASP D 154 -29.54 -2.05 21.46
N SER D 155 -28.63 -2.95 21.14
CA SER D 155 -27.37 -2.59 20.50
C SER D 155 -27.07 -3.61 19.42
N GLY D 156 -27.13 -3.19 18.17
CA GLY D 156 -26.84 -4.08 17.06
C GLY D 156 -25.56 -3.73 16.34
N ASP D 157 -25.62 -3.65 15.01
CA ASP D 157 -24.44 -3.32 14.23
C ASP D 157 -24.33 -1.82 13.96
N GLY D 158 -25.45 -1.10 13.94
CA GLY D 158 -25.43 0.30 13.60
C GLY D 158 -25.93 1.26 14.68
N VAL D 159 -26.89 0.81 15.48
CA VAL D 159 -27.58 1.68 16.43
C VAL D 159 -27.54 1.06 17.82
N THR D 160 -27.32 1.89 18.83
CA THR D 160 -27.57 1.54 20.22
C THR D 160 -28.62 2.52 20.75
N HIS D 161 -29.69 2.00 21.34
CA HIS D 161 -30.74 2.88 21.83
C HIS D 161 -31.38 2.31 23.10
N ASN D 162 -31.83 3.21 23.95
CA ASN D 162 -32.56 2.90 25.17
C ASN D 162 -33.99 3.35 25.03
N VAL D 163 -34.94 2.47 25.32
CA VAL D 163 -36.35 2.83 25.28
C VAL D 163 -37.02 2.34 26.56
N PRO D 164 -37.44 3.24 27.46
CA PRO D 164 -38.15 2.80 28.66
C PRO D 164 -39.64 2.61 28.39
N ILE D 165 -40.17 1.50 28.88
CA ILE D 165 -41.58 1.16 28.73
C ILE D 165 -42.11 0.76 30.10
N TYR D 166 -43.27 1.29 30.47
CA TYR D 166 -43.87 1.02 31.77
C TYR D 166 -45.32 0.63 31.58
N GLU D 167 -45.66 -0.61 31.95
CA GLU D 167 -47.03 -1.12 31.89
C GLU D 167 -47.62 -1.00 30.50
N GLY D 168 -46.78 -1.15 29.47
CA GLY D 168 -47.23 -1.05 28.10
C GLY D 168 -47.24 0.34 27.52
N TYR D 169 -46.88 1.36 28.29
CA TYR D 169 -46.81 2.73 27.80
C TYR D 169 -45.35 3.11 27.59
N ALA D 170 -45.04 3.62 26.41
CA ALA D 170 -43.70 4.08 26.11
C ALA D 170 -43.55 5.54 26.53
N LEU D 171 -42.34 5.89 26.96
CA LEU D 171 -41.99 7.25 27.32
C LEU D 171 -41.04 7.80 26.27
N PRO D 172 -41.56 8.36 25.17
CA PRO D 172 -40.68 8.73 24.05
C PRO D 172 -39.68 9.82 24.39
N HIS D 173 -40.01 10.71 25.32
CA HIS D 173 -39.09 11.78 25.66
C HIS D 173 -37.82 11.27 26.34
N ALA D 174 -37.87 10.07 26.92
CA ALA D 174 -36.72 9.48 27.58
C ALA D 174 -35.92 8.55 26.66
N ILE D 175 -36.28 8.47 25.39
CA ILE D 175 -35.56 7.59 24.47
C ILE D 175 -34.20 8.18 24.14
N MET D 176 -33.16 7.37 24.31
CA MET D 176 -31.80 7.72 23.93
C MET D 176 -31.41 6.92 22.70
N ARG D 177 -30.69 7.56 21.78
CA ARG D 177 -30.16 6.89 20.61
C ARG D 177 -28.68 7.21 20.49
N LEU D 178 -27.89 6.20 20.14
CA LEU D 178 -26.44 6.33 20.04
C LEU D 178 -26.00 5.67 18.75
N ASP D 179 -25.34 6.43 17.87
CA ASP D 179 -24.82 5.86 16.63
C ASP D 179 -23.46 5.23 16.88
N LEU D 180 -23.36 4.41 17.92
CA LEU D 180 -22.16 3.66 18.25
C LEU D 180 -22.59 2.23 18.55
N ALA D 181 -22.24 1.31 17.65
CA ALA D 181 -22.64 -0.07 17.82
C ALA D 181 -21.56 -1.02 17.33
N GLY D 182 -21.96 -2.19 16.81
CA GLY D 182 -21.00 -3.23 16.51
C GLY D 182 -20.01 -2.84 15.42
N ARG D 183 -20.49 -2.15 14.37
CA ARG D 183 -19.62 -1.81 13.27
C ARG D 183 -18.55 -0.81 13.67
N ASP D 184 -18.86 0.08 14.61
CA ASP D 184 -17.84 0.99 15.13
C ASP D 184 -16.84 0.25 16.01
N LEU D 185 -17.28 -0.79 16.71
CA LEU D 185 -16.34 -1.60 17.48
C LEU D 185 -15.42 -2.39 16.56
N THR D 186 -15.94 -2.88 15.44
CA THR D 186 -15.10 -3.57 14.46
C THR D 186 -14.04 -2.64 13.89
N ASP D 187 -14.42 -1.40 13.55
CA ASP D 187 -13.47 -0.45 13.01
C ASP D 187 -12.41 -0.08 14.04
N TYR D 188 -12.80 0.02 15.31
CA TYR D 188 -11.82 0.32 16.35
C TYR D 188 -10.88 -0.85 16.58
N LEU D 189 -11.38 -2.07 16.47
CA LEU D 189 -10.51 -3.24 16.60
C LEU D 189 -9.50 -3.28 15.45
N MET D 190 -9.92 -2.92 14.23
CA MET D 190 -8.99 -2.84 13.12
C MET D 190 -7.88 -1.83 13.40
N LYS D 191 -8.21 -0.73 14.05
CA LYS D 191 -7.23 0.31 14.32
C LYS D 191 -6.21 -0.15 15.35
N ILE D 192 -6.68 -0.76 16.45
CA ILE D 192 -5.75 -1.18 17.51
C ILE D 192 -5.04 -2.48 17.19
N LEU D 193 -5.46 -3.21 16.16
CA LEU D 193 -4.70 -4.37 15.71
C LEU D 193 -3.42 -3.97 14.98
N THR D 194 -3.34 -2.73 14.47
CA THR D 194 -2.11 -2.26 13.85
C THR D 194 -0.99 -2.08 14.87
N GLU D 195 -1.33 -1.98 16.16
CA GLU D 195 -0.31 -1.86 17.19
C GLU D 195 0.56 -3.11 17.27
N ARG D 196 0.02 -4.26 16.87
CA ARG D 196 0.75 -5.51 16.85
C ARG D 196 1.27 -5.85 15.45
N GLY D 197 1.12 -4.94 14.49
CA GLY D 197 1.60 -5.17 13.15
C GLY D 197 0.62 -5.83 12.21
N TYR D 198 -0.61 -6.08 12.65
CA TYR D 198 -1.63 -6.69 11.81
C TYR D 198 -2.36 -5.60 11.04
N SER D 199 -2.36 -5.70 9.71
CA SER D 199 -2.96 -4.70 8.85
C SER D 199 -4.18 -5.29 8.17
N PHE D 200 -5.36 -4.80 8.52
CA PHE D 200 -6.61 -5.15 7.88
C PHE D 200 -7.19 -3.88 7.28
N VAL D 201 -7.38 -3.87 5.97
CA VAL D 201 -7.72 -2.64 5.26
C VAL D 201 -8.99 -2.80 4.44
N THR D 202 -9.04 -3.82 3.60
CA THR D 202 -10.14 -3.97 2.65
C THR D 202 -11.45 -4.27 3.37
N THR D 203 -12.56 -4.16 2.62
CA THR D 203 -13.85 -4.49 3.17
C THR D 203 -13.97 -5.98 3.46
N ALA D 204 -13.23 -6.81 2.73
CA ALA D 204 -13.23 -8.24 3.01
C ALA D 204 -12.48 -8.54 4.31
N GLU D 205 -11.38 -7.82 4.56
CA GLU D 205 -10.65 -8.01 5.80
C GLU D 205 -11.40 -7.46 7.01
N ARG D 206 -12.29 -6.50 6.80
CA ARG D 206 -13.15 -6.03 7.88
C ARG D 206 -14.08 -7.14 8.36
N GLU D 207 -14.53 -8.00 7.43
CA GLU D 207 -15.32 -9.16 7.82
C GLU D 207 -14.51 -10.15 8.64
N ILE D 208 -13.20 -10.23 8.40
CA ILE D 208 -12.34 -11.09 9.21
C ILE D 208 -12.22 -10.53 10.62
N VAL D 209 -12.05 -9.21 10.74
CA VAL D 209 -11.91 -8.59 12.06
C VAL D 209 -13.21 -8.74 12.85
N ARG D 210 -14.35 -8.67 12.17
CA ARG D 210 -15.62 -8.88 12.87
C ARG D 210 -15.70 -10.29 13.43
N ASP D 211 -15.17 -11.28 12.71
CA ASP D 211 -15.15 -12.64 13.23
C ASP D 211 -14.22 -12.77 14.42
N ILE D 212 -13.08 -12.07 14.39
CA ILE D 212 -12.19 -12.04 15.56
C ILE D 212 -12.91 -11.44 16.75
N LYS D 213 -13.65 -10.36 16.53
CA LYS D 213 -14.35 -9.68 17.61
C LYS D 213 -15.38 -10.59 18.26
N GLU D 214 -16.16 -11.30 17.44
CA GLU D 214 -17.24 -12.14 17.96
C GLU D 214 -16.72 -13.37 18.70
N LYS D 215 -15.46 -13.76 18.48
CA LYS D 215 -14.92 -14.97 19.10
C LYS D 215 -14.01 -14.69 20.29
N LEU D 216 -13.25 -13.60 20.27
CA LEU D 216 -12.23 -13.37 21.27
C LEU D 216 -12.49 -12.20 22.19
N CYS D 217 -13.34 -11.26 21.81
CA CYS D 217 -13.55 -10.06 22.62
C CYS D 217 -14.52 -10.34 23.77
N TYR D 218 -14.24 -9.70 24.90
CA TYR D 218 -15.10 -9.78 26.07
C TYR D 218 -15.03 -8.46 26.82
N VAL D 219 -15.98 -8.26 27.73
CA VAL D 219 -16.05 -7.04 28.54
C VAL D 219 -15.38 -7.30 29.88
N ALA D 220 -14.42 -6.46 30.22
CA ALA D 220 -13.75 -6.56 31.51
C ALA D 220 -14.63 -6.00 32.62
N LEU D 221 -14.66 -6.70 33.75
CA LEU D 221 -15.44 -6.23 34.89
C LEU D 221 -14.85 -4.92 35.43
N ASP D 222 -13.53 -4.89 35.58
CA ASP D 222 -12.81 -3.66 35.91
C ASP D 222 -11.74 -3.44 34.86
N PHE D 223 -11.82 -2.34 34.13
CA PHE D 223 -10.96 -2.15 32.96
C PHE D 223 -9.52 -1.89 33.37
N GLU D 224 -9.30 -1.02 34.36
CA GLU D 224 -7.93 -0.66 34.73
C GLU D 224 -7.19 -1.82 35.37
N ASN D 225 -7.89 -2.70 36.08
CA ASN D 225 -7.24 -3.88 36.64
C ASN D 225 -6.89 -4.89 35.56
N GLU D 226 -7.73 -5.01 34.53
CA GLU D 226 -7.42 -5.93 33.43
C GLU D 226 -6.26 -5.42 32.58
N MET D 227 -6.12 -4.10 32.44
CA MET D 227 -4.96 -3.57 31.73
C MET D 227 -3.66 -3.89 32.47
N ALA D 228 -3.71 -3.87 33.81
CA ALA D 228 -2.53 -4.22 34.59
C ALA D 228 -2.23 -5.71 34.50
N THR D 229 -3.27 -6.54 34.45
CA THR D 229 -3.07 -7.98 34.31
C THR D 229 -2.51 -8.33 32.93
N ALA D 230 -3.02 -7.67 31.89
CA ALA D 230 -2.55 -7.97 30.54
C ALA D 230 -1.11 -7.52 30.33
N ALA D 231 -0.65 -6.53 31.08
CA ALA D 231 0.70 -6.01 30.94
C ALA D 231 1.71 -6.72 31.84
N SER D 232 1.26 -7.65 32.69
CA SER D 232 2.14 -8.33 33.62
C SER D 232 2.31 -9.82 33.30
N SER D 233 1.56 -10.34 32.33
CA SER D 233 1.65 -11.75 31.99
C SER D 233 1.09 -11.93 30.58
N SER D 234 0.82 -13.19 30.21
CA SER D 234 0.23 -13.52 28.92
C SER D 234 -0.98 -14.43 29.06
N SER D 235 -1.59 -14.46 30.25
CA SER D 235 -2.76 -15.32 30.47
C SER D 235 -3.97 -14.88 29.68
N LEU D 236 -4.01 -13.62 29.23
CA LEU D 236 -5.12 -13.12 28.44
C LEU D 236 -4.88 -13.23 26.94
N GLU D 237 -3.71 -13.70 26.52
CA GLU D 237 -3.41 -13.83 25.10
C GLU D 237 -4.20 -14.98 24.50
N LYS D 238 -4.84 -14.72 23.36
CA LYS D 238 -5.52 -15.75 22.59
C LYS D 238 -5.01 -15.69 21.16
N SER D 239 -4.95 -16.85 20.52
CA SER D 239 -4.54 -16.95 19.13
C SER D 239 -5.76 -17.13 18.23
N TYR D 240 -5.58 -16.73 16.98
CA TYR D 240 -6.65 -16.82 15.99
C TYR D 240 -6.02 -17.10 14.63
N GLU D 241 -6.56 -18.09 13.93
CA GLU D 241 -6.04 -18.48 12.62
C GLU D 241 -6.81 -17.75 11.53
N LEU D 242 -6.09 -16.97 10.73
CA LEU D 242 -6.68 -16.25 9.61
C LEU D 242 -7.08 -17.23 8.52
N PRO D 243 -7.89 -16.80 7.54
CA PRO D 243 -8.31 -17.72 6.48
C PRO D 243 -7.17 -18.30 5.66
N ASP D 244 -5.99 -17.67 5.66
CA ASP D 244 -4.85 -18.15 4.88
C ASP D 244 -3.85 -18.92 5.73
N GLY D 245 -4.23 -19.33 6.93
CA GLY D 245 -3.36 -20.11 7.79
C GLY D 245 -2.47 -19.31 8.72
N GLN D 246 -2.39 -18.00 8.54
CA GLN D 246 -1.61 -17.17 9.45
C GLN D 246 -2.30 -17.11 10.81
N VAL D 247 -1.50 -17.16 11.88
CA VAL D 247 -2.00 -17.14 13.24
C VAL D 247 -1.60 -15.82 13.87
N ILE D 248 -2.59 -15.07 14.37
CA ILE D 248 -2.34 -13.82 15.07
C ILE D 248 -2.68 -14.00 16.53
N THR D 249 -2.01 -13.22 17.38
CA THR D 249 -2.20 -13.27 18.82
C THR D 249 -2.58 -11.88 19.31
N ILE D 250 -3.64 -11.80 20.12
CA ILE D 250 -4.11 -10.54 20.65
C ILE D 250 -4.24 -10.65 22.16
N GLY D 251 -3.88 -9.58 22.87
CA GLY D 251 -3.92 -9.56 24.31
C GLY D 251 -4.98 -8.63 24.86
N ASN D 252 -4.59 -7.40 25.22
CA ASN D 252 -5.54 -6.48 25.81
C ASN D 252 -6.55 -5.94 24.80
N GLU D 253 -6.32 -6.14 23.50
CA GLU D 253 -7.31 -5.76 22.50
C GLU D 253 -8.61 -6.54 22.66
N ARG D 254 -8.57 -7.69 23.34
CA ARG D 254 -9.78 -8.48 23.54
C ARG D 254 -10.82 -7.71 24.34
N PHE D 255 -10.39 -6.96 25.34
CA PHE D 255 -11.33 -6.19 26.15
C PHE D 255 -11.24 -4.70 25.92
N ARG D 256 -10.24 -4.21 25.18
CA ARG D 256 -10.22 -2.80 24.83
C ARG D 256 -11.26 -2.45 23.79
N CYS D 257 -11.56 -3.40 22.88
CA CYS D 257 -12.57 -3.13 21.87
C CYS D 257 -13.97 -2.98 22.46
N PRO D 258 -14.48 -3.91 23.29
CA PRO D 258 -15.81 -3.70 23.87
C PRO D 258 -15.86 -2.59 24.90
N GLU D 259 -14.71 -2.19 25.46
CA GLU D 259 -14.69 -1.09 26.42
C GLU D 259 -15.16 0.22 25.81
N THR D 260 -15.07 0.36 24.48
CA THR D 260 -15.57 1.56 23.81
C THR D 260 -17.04 1.79 24.08
N LEU D 261 -17.81 0.72 24.30
CA LEU D 261 -19.23 0.87 24.65
C LEU D 261 -19.41 1.65 25.94
N PHE D 262 -18.48 1.51 26.88
CA PHE D 262 -18.54 2.21 28.15
C PHE D 262 -17.69 3.47 28.18
N GLN D 263 -16.75 3.62 27.26
CA GLN D 263 -15.93 4.84 27.13
C GLN D 263 -15.88 5.21 25.66
N PRO D 264 -16.91 5.86 25.15
CA PRO D 264 -16.93 6.22 23.72
C PRO D 264 -15.84 7.20 23.31
N SER D 265 -15.08 7.75 24.26
CA SER D 265 -13.97 8.62 23.91
C SER D 265 -12.83 7.87 23.24
N PHE D 266 -12.79 6.54 23.34
CA PHE D 266 -11.76 5.77 22.66
C PHE D 266 -11.82 5.96 21.15
N ILE D 267 -13.00 6.24 20.61
CA ILE D 267 -13.16 6.48 19.18
C ILE D 267 -13.51 7.93 18.89
N GLY D 268 -13.19 8.84 19.82
CA GLY D 268 -13.41 10.25 19.61
C GLY D 268 -14.83 10.74 19.78
N MET D 269 -15.73 9.89 20.28
CA MET D 269 -17.10 10.31 20.52
C MET D 269 -17.22 10.97 21.89
N GLU D 270 -18.08 11.98 21.97
CA GLU D 270 -18.26 12.75 23.19
C GLU D 270 -19.33 12.16 24.11
N SER D 271 -20.20 11.31 23.59
CA SER D 271 -21.31 10.80 24.37
C SER D 271 -20.83 9.94 25.53
N ALA D 272 -21.74 9.70 26.47
CA ALA D 272 -21.45 8.84 27.61
C ALA D 272 -21.64 7.37 27.22
N GLY D 273 -21.08 6.50 28.04
CA GLY D 273 -21.19 5.08 27.81
C GLY D 273 -22.62 4.58 27.95
N ILE D 274 -22.82 3.31 27.59
CA ILE D 274 -24.15 2.72 27.61
C ILE D 274 -24.69 2.61 29.03
N HIS D 275 -23.83 2.57 30.04
CA HIS D 275 -24.31 2.51 31.41
C HIS D 275 -24.86 3.86 31.87
N GLU D 276 -24.16 4.95 31.55
CA GLU D 276 -24.66 6.27 31.92
C GLU D 276 -25.85 6.67 31.07
N THR D 277 -25.89 6.23 29.81
CA THR D 277 -27.03 6.50 28.95
C THR D 277 -28.29 5.80 29.48
N THR D 278 -28.14 4.56 29.93
CA THR D 278 -29.27 3.85 30.54
C THR D 278 -29.72 4.55 31.82
N TYR D 279 -28.76 4.96 32.66
CA TYR D 279 -29.11 5.66 33.90
C TYR D 279 -29.75 7.01 33.60
N ASN D 280 -29.20 7.75 32.64
CA ASN D 280 -29.79 9.04 32.29
C ASN D 280 -31.20 8.89 31.72
N SER D 281 -31.45 7.79 31.01
CA SER D 281 -32.79 7.54 30.49
C SER D 281 -33.78 7.25 31.63
N ILE D 282 -33.34 6.50 32.64
CA ILE D 282 -34.19 6.21 33.78
C ILE D 282 -34.45 7.48 34.59
N MET D 283 -33.46 8.36 34.71
CA MET D 283 -33.62 9.58 35.48
C MET D 283 -34.48 10.62 34.77
N LYS D 284 -34.75 10.45 33.48
CA LYS D 284 -35.72 11.31 32.80
C LYS D 284 -37.14 10.79 32.93
N CYS D 285 -37.32 9.56 33.39
CA CYS D 285 -38.65 9.02 33.62
C CYS D 285 -39.19 9.49 34.96
N ASP D 286 -40.51 9.37 35.12
CA ASP D 286 -41.15 9.76 36.36
C ASP D 286 -40.58 8.97 37.53
N ILE D 287 -40.42 9.65 38.67
CA ILE D 287 -39.78 9.05 39.83
C ILE D 287 -40.50 7.80 40.30
N ASP D 288 -41.81 7.71 40.04
CA ASP D 288 -42.59 6.58 40.52
C ASP D 288 -42.40 5.30 39.70
N ILE D 289 -41.81 5.39 38.51
CA ILE D 289 -41.59 4.20 37.69
C ILE D 289 -40.12 3.78 37.67
N ARG D 290 -39.23 4.53 38.32
CA ARG D 290 -37.81 4.24 38.21
C ARG D 290 -37.45 2.93 38.89
N LYS D 291 -38.12 2.60 40.00
CA LYS D 291 -37.82 1.37 40.71
C LYS D 291 -38.10 0.15 39.84
N ASP D 292 -39.20 0.18 39.07
CA ASP D 292 -39.49 -0.94 38.18
C ASP D 292 -38.55 -0.98 36.98
N LEU D 293 -38.07 0.17 36.53
CA LEU D 293 -37.12 0.19 35.42
C LEU D 293 -35.75 -0.32 35.86
N TYR D 294 -35.34 -0.02 37.10
CA TYR D 294 -34.08 -0.51 37.61
C TYR D 294 -34.04 -2.03 37.67
N ALA D 295 -35.19 -2.66 37.88
CA ALA D 295 -35.27 -4.11 38.02
C ALA D 295 -35.51 -4.83 36.70
N ASN D 296 -35.69 -4.10 35.60
CA ASN D 296 -36.02 -4.71 34.32
C ASN D 296 -35.19 -4.07 33.20
N ASN D 297 -33.87 -4.13 33.34
CA ASN D 297 -32.97 -3.70 32.26
C ASN D 297 -32.81 -4.87 31.29
N VAL D 298 -33.48 -4.77 30.14
CA VAL D 298 -33.51 -5.84 29.15
C VAL D 298 -32.48 -5.53 28.08
N MET D 299 -31.60 -6.50 27.81
CA MET D 299 -30.60 -6.40 26.75
C MET D 299 -31.08 -7.13 25.51
N SER D 300 -30.76 -6.58 24.35
CA SER D 300 -31.08 -7.22 23.09
C SER D 300 -30.09 -6.74 22.02
N GLY D 301 -29.92 -7.55 21.00
CA GLY D 301 -29.01 -7.23 19.91
C GLY D 301 -27.69 -7.96 20.03
N GLY D 302 -27.01 -8.08 18.89
CA GLY D 302 -25.77 -8.85 18.85
C GLY D 302 -24.64 -8.23 19.63
N THR D 303 -24.63 -6.90 19.77
CA THR D 303 -23.56 -6.23 20.50
C THR D 303 -23.68 -6.41 22.02
N THR D 304 -24.81 -6.92 22.51
CA THR D 304 -24.91 -7.28 23.92
C THR D 304 -24.48 -8.71 24.20
N MET D 305 -23.93 -9.40 23.21
CA MET D 305 -23.52 -10.79 23.36
C MET D 305 -22.08 -10.96 23.84
N TYR D 306 -21.39 -9.87 24.17
CA TYR D 306 -20.05 -9.99 24.71
C TYR D 306 -20.08 -10.69 26.07
N PRO D 307 -19.17 -11.61 26.33
CA PRO D 307 -19.07 -12.20 27.67
C PRO D 307 -18.72 -11.14 28.70
N GLY D 308 -19.51 -11.08 29.77
CA GLY D 308 -19.26 -10.17 30.86
C GLY D 308 -19.94 -8.81 30.74
N ILE D 309 -20.72 -8.57 29.70
CA ILE D 309 -21.31 -7.25 29.55
C ILE D 309 -22.48 -7.05 30.51
N ALA D 310 -23.19 -8.12 30.86
CA ALA D 310 -24.28 -7.99 31.82
C ALA D 310 -23.76 -7.76 33.23
N ASP D 311 -22.66 -8.41 33.60
CA ASP D 311 -22.06 -8.18 34.91
C ASP D 311 -21.45 -6.78 35.00
N ARG D 312 -20.89 -6.30 33.90
CA ARG D 312 -20.33 -4.95 33.88
C ARG D 312 -21.42 -3.90 33.97
N MET D 313 -22.51 -4.08 33.22
CA MET D 313 -23.62 -3.12 33.28
C MET D 313 -24.26 -3.12 34.66
N GLN D 314 -24.40 -4.30 35.28
CA GLN D 314 -24.93 -4.37 36.64
C GLN D 314 -24.06 -3.60 37.61
N LYS D 315 -22.74 -3.73 37.48
CA LYS D 315 -21.83 -3.03 38.37
C LYS D 315 -21.86 -1.52 38.14
N GLU D 316 -21.93 -1.10 36.88
CA GLU D 316 -21.87 0.32 36.57
C GLU D 316 -23.15 1.04 36.98
N ILE D 317 -24.30 0.42 36.75
CA ILE D 317 -25.56 1.06 37.12
C ILE D 317 -25.76 1.03 38.63
N THR D 318 -25.30 -0.03 39.30
CA THR D 318 -25.36 -0.07 40.75
C THR D 318 -24.58 1.08 41.37
N ALA D 319 -23.47 1.47 40.75
CA ALA D 319 -22.69 2.59 41.27
C ALA D 319 -23.36 3.94 41.02
N LEU D 320 -24.26 4.02 40.03
CA LEU D 320 -24.95 5.28 39.75
C LEU D 320 -26.29 5.39 40.47
N ALA D 321 -26.98 4.28 40.67
CA ALA D 321 -28.29 4.28 41.29
C ALA D 321 -28.16 4.32 42.82
N PRO D 322 -29.24 4.70 43.52
CA PRO D 322 -29.21 4.64 44.98
C PRO D 322 -29.02 3.21 45.47
N SER D 323 -28.47 3.09 46.68
CA SER D 323 -28.08 1.79 47.20
C SER D 323 -29.27 0.89 47.52
N THR D 324 -30.45 1.46 47.77
CA THR D 324 -31.62 0.67 48.09
C THR D 324 -32.33 0.11 46.86
N MET D 325 -31.88 0.45 45.66
CA MET D 325 -32.50 -0.03 44.44
C MET D 325 -31.92 -1.38 44.04
N LYS D 326 -32.78 -2.27 43.57
CA LYS D 326 -32.36 -3.57 43.07
C LYS D 326 -32.14 -3.46 41.56
N ILE D 327 -30.88 -3.52 41.15
CA ILE D 327 -30.54 -3.46 39.73
C ILE D 327 -30.50 -4.88 39.19
N LYS D 328 -31.31 -5.14 38.16
CA LYS D 328 -31.39 -6.47 37.57
C LYS D 328 -31.29 -6.34 36.06
N ILE D 329 -30.23 -6.93 35.50
CA ILE D 329 -30.03 -6.93 34.05
C ILE D 329 -30.59 -8.23 33.49
N ILE D 330 -31.55 -8.11 32.59
CA ILE D 330 -32.15 -9.28 31.94
C ILE D 330 -31.42 -9.50 30.62
N ALA D 331 -30.66 -10.58 30.53
CA ALA D 331 -29.89 -10.91 29.33
C ALA D 331 -30.15 -12.37 28.97
N PRO D 332 -31.23 -12.65 28.25
CA PRO D 332 -31.52 -14.02 27.87
C PRO D 332 -30.52 -14.52 26.84
N PRO D 333 -30.29 -15.83 26.76
CA PRO D 333 -29.31 -16.34 25.79
C PRO D 333 -29.69 -16.11 24.35
N GLU D 334 -30.98 -15.97 24.04
CA GLU D 334 -31.44 -15.76 22.68
C GLU D 334 -31.64 -14.29 22.35
N ARG D 335 -31.01 -13.38 23.09
CA ARG D 335 -31.27 -11.96 22.93
C ARG D 335 -30.72 -11.39 21.62
N LYS D 336 -29.88 -12.14 20.90
CA LYS D 336 -29.43 -11.67 19.60
C LYS D 336 -30.55 -11.63 18.58
N TYR D 337 -31.62 -12.39 18.79
CA TYR D 337 -32.77 -12.40 17.90
C TYR D 337 -34.03 -11.90 18.60
N SER D 338 -33.89 -11.12 19.67
CA SER D 338 -35.05 -10.69 20.45
C SER D 338 -36.02 -9.88 19.63
N VAL D 339 -35.51 -9.01 18.75
CA VAL D 339 -36.39 -8.17 17.94
C VAL D 339 -37.21 -9.04 16.99
N TRP D 340 -36.58 -10.03 16.36
CA TRP D 340 -37.34 -10.89 15.46
C TRP D 340 -38.32 -11.76 16.24
N ILE D 341 -37.87 -12.32 17.37
CA ILE D 341 -38.74 -13.19 18.18
C ILE D 341 -39.96 -12.40 18.66
N GLY D 342 -39.76 -11.18 19.12
CA GLY D 342 -40.88 -10.36 19.53
C GLY D 342 -41.80 -10.01 18.37
N GLY D 343 -41.22 -9.76 17.19
CA GLY D 343 -42.03 -9.51 16.01
C GLY D 343 -42.85 -10.72 15.60
N SER D 344 -42.29 -11.92 15.77
CA SER D 344 -43.04 -13.13 15.49
C SER D 344 -44.19 -13.31 16.48
N ILE D 345 -43.98 -12.90 17.74
CA ILE D 345 -45.06 -12.96 18.72
C ILE D 345 -46.13 -11.93 18.41
N LEU D 346 -45.72 -10.70 18.08
CA LEU D 346 -46.67 -9.64 17.83
C LEU D 346 -47.52 -9.93 16.60
N ALA D 347 -46.89 -10.36 15.51
CA ALA D 347 -47.62 -10.63 14.27
C ALA D 347 -48.56 -11.82 14.40
N SER D 348 -48.46 -12.59 15.48
CA SER D 348 -49.36 -13.72 15.70
C SER D 348 -50.52 -13.38 16.65
N LEU D 349 -50.47 -12.23 17.32
CA LEU D 349 -51.55 -11.85 18.22
C LEU D 349 -52.82 -11.55 17.44
N SER D 350 -53.96 -11.91 18.04
CA SER D 350 -55.25 -11.62 17.42
C SER D 350 -55.59 -10.14 17.49
N THR D 351 -55.19 -9.45 18.55
CA THR D 351 -55.45 -8.03 18.69
C THR D 351 -54.61 -7.17 17.75
N PHE D 352 -53.60 -7.75 17.10
CA PHE D 352 -52.75 -7.01 16.19
C PHE D 352 -53.27 -7.02 14.75
N GLN D 353 -54.15 -7.96 14.40
CA GLN D 353 -54.62 -8.09 13.03
C GLN D 353 -55.36 -6.85 12.52
N GLN D 354 -55.70 -5.92 13.41
CA GLN D 354 -56.29 -4.64 13.00
C GLN D 354 -55.25 -3.57 12.74
N MET D 355 -54.00 -3.80 13.11
CA MET D 355 -52.94 -2.82 12.95
C MET D 355 -52.28 -2.86 11.59
N TRP D 356 -52.54 -3.87 10.78
CA TRP D 356 -51.95 -3.96 9.45
C TRP D 356 -52.38 -2.78 8.60
N ILE D 357 -51.41 -2.20 7.89
CA ILE D 357 -51.69 -1.16 6.90
C ILE D 357 -51.84 -1.85 5.56
N THR D 358 -53.08 -2.00 5.11
CA THR D 358 -53.33 -2.70 3.86
C THR D 358 -53.01 -1.81 2.67
N LYS D 359 -52.91 -2.44 1.49
CA LYS D 359 -52.63 -1.69 0.27
C LYS D 359 -53.75 -0.70 -0.04
N GLN D 360 -54.99 -1.02 0.34
CA GLN D 360 -56.10 -0.12 0.07
C GLN D 360 -56.02 1.13 0.93
N GLU D 361 -55.72 0.98 2.21
CA GLU D 361 -55.57 2.14 3.09
C GLU D 361 -54.41 3.02 2.66
N TYR D 362 -53.38 2.44 2.06
CA TYR D 362 -52.21 3.19 1.66
C TYR D 362 -52.47 4.02 0.40
N ASP D 363 -53.33 3.54 -0.49
CA ASP D 363 -53.60 4.27 -1.73
C ASP D 363 -54.40 5.54 -1.48
N GLU D 364 -55.21 5.57 -0.42
CA GLU D 364 -56.05 6.73 -0.15
C GLU D 364 -55.43 7.66 0.90
N ALA D 365 -54.88 7.10 1.98
CA ALA D 365 -54.31 7.93 3.03
C ALA D 365 -52.97 8.53 2.60
N GLY D 366 -52.16 7.76 1.89
CA GLY D 366 -50.86 8.22 1.45
C GLY D 366 -49.75 7.81 2.39
N PRO D 367 -48.56 8.36 2.19
CA PRO D 367 -47.42 7.97 3.04
C PRO D 367 -47.57 8.39 4.49
N SER D 368 -48.52 9.26 4.82
CA SER D 368 -48.66 9.72 6.20
C SER D 368 -49.25 8.66 7.11
N ILE D 369 -49.87 7.62 6.56
CA ILE D 369 -50.49 6.59 7.39
C ILE D 369 -49.45 5.74 8.11
N VAL D 370 -48.20 5.73 7.62
CA VAL D 370 -47.17 4.85 8.19
C VAL D 370 -46.54 5.43 9.44
N HIS D 371 -46.80 6.69 9.77
CA HIS D 371 -46.21 7.35 10.93
C HIS D 371 -47.17 7.43 12.11
N ARG D 372 -47.90 6.36 12.40
CA ARG D 372 -48.77 6.29 13.57
C ARG D 372 -48.15 5.35 14.59
N LYS D 373 -48.20 5.75 15.86
CA LYS D 373 -47.50 5.05 16.94
C LYS D 373 -46.01 4.93 16.60
N CYS D 374 -45.43 6.03 16.14
CA CYS D 374 -44.04 6.05 15.69
C CYS D 374 -43.27 7.14 16.44
N PHE D 375 -42.04 6.82 16.81
CA PHE D 375 -41.13 7.80 17.38
C PHE D 375 -39.68 7.43 17.05
N THR E 6 -18.76 53.57 41.09
CA THR E 6 -19.96 53.10 40.43
C THR E 6 -20.17 51.61 40.67
N ALA E 7 -21.42 51.17 40.60
CA ALA E 7 -21.77 49.79 40.92
C ALA E 7 -21.72 48.91 39.68
N LEU E 8 -21.39 47.64 39.90
CA LEU E 8 -21.41 46.64 38.85
C LEU E 8 -22.76 45.92 38.85
N VAL E 9 -23.32 45.73 37.67
CA VAL E 9 -24.56 44.99 37.49
C VAL E 9 -24.21 43.74 36.69
N CYS E 10 -24.31 42.58 37.33
CA CYS E 10 -23.99 41.31 36.70
C CYS E 10 -25.23 40.42 36.72
N ASP E 11 -25.77 40.13 35.55
CA ASP E 11 -26.93 39.26 35.39
C ASP E 11 -26.41 37.91 34.89
N ASN E 12 -26.20 36.98 35.81
CA ASN E 12 -25.69 35.65 35.49
C ASN E 12 -26.86 34.73 35.18
N GLY E 13 -27.13 34.55 33.89
CA GLY E 13 -28.18 33.64 33.48
C GLY E 13 -27.67 32.24 33.21
N SER E 14 -28.62 31.33 32.97
CA SER E 14 -28.26 29.97 32.61
C SER E 14 -27.55 29.91 31.26
N GLY E 15 -27.79 30.89 30.40
CA GLY E 15 -27.21 30.88 29.08
C GLY E 15 -26.20 31.97 28.82
N LEU E 16 -26.53 33.21 29.18
CA LEU E 16 -25.69 34.36 28.89
C LEU E 16 -25.34 35.10 30.16
N VAL E 17 -24.15 35.71 30.14
CA VAL E 17 -23.72 36.62 31.20
C VAL E 17 -23.90 38.03 30.68
N LYS E 18 -24.71 38.83 31.38
CA LYS E 18 -24.91 40.24 31.08
C LYS E 18 -24.25 41.04 32.19
N ALA E 19 -23.18 41.74 31.88
CA ALA E 19 -22.42 42.49 32.86
C ALA E 19 -22.15 43.89 32.36
N GLY E 20 -22.08 44.83 33.30
CA GLY E 20 -21.83 46.21 32.95
C GLY E 20 -21.81 47.07 34.19
N PHE E 21 -21.96 48.38 33.97
CA PHE E 21 -21.92 49.35 35.05
C PHE E 21 -23.28 49.99 35.23
N ALA E 22 -23.65 50.23 36.49
CA ALA E 22 -24.91 50.90 36.79
C ALA E 22 -24.89 52.31 36.20
N GLY E 23 -26.00 52.68 35.56
CA GLY E 23 -26.14 53.95 34.89
C GLY E 23 -26.13 53.84 33.38
N ASP E 24 -25.43 52.85 32.84
CA ASP E 24 -25.45 52.63 31.39
C ASP E 24 -26.80 52.08 30.95
N ASP E 25 -27.05 52.17 29.65
CA ASP E 25 -28.32 51.72 29.08
C ASP E 25 -28.26 50.31 28.50
N ALA E 26 -27.08 49.70 28.44
CA ALA E 26 -26.92 48.37 27.88
C ALA E 26 -25.77 47.68 28.57
N PRO E 27 -25.79 46.36 28.67
CA PRO E 27 -24.64 45.65 29.26
C PRO E 27 -23.40 45.83 28.39
N ARG E 28 -22.26 46.01 29.06
CA ARG E 28 -21.01 46.17 28.33
C ARG E 28 -20.47 44.83 27.85
N ALA E 29 -20.66 43.78 28.64
CA ALA E 29 -20.15 42.45 28.32
C ALA E 29 -21.31 41.47 28.27
N VAL E 30 -21.54 40.89 27.09
CA VAL E 30 -22.54 39.84 26.90
C VAL E 30 -21.85 38.68 26.21
N PHE E 31 -21.75 37.55 26.91
CA PHE E 31 -21.06 36.38 26.38
C PHE E 31 -21.70 35.13 26.96
N PRO E 32 -21.56 33.99 26.29
CA PRO E 32 -22.19 32.76 26.78
C PRO E 32 -21.59 32.31 28.10
N SER E 33 -22.44 31.76 28.96
CA SER E 33 -22.02 31.28 30.27
C SER E 33 -21.55 29.82 30.17
N ILE E 34 -20.43 29.66 29.45
CA ILE E 34 -19.89 28.33 29.16
C ILE E 34 -18.44 28.27 29.56
N VAL E 35 -18.01 27.07 29.95
CA VAL E 35 -16.61 26.75 30.17
C VAL E 35 -16.26 25.57 29.26
N GLY E 36 -15.25 25.75 28.42
CA GLY E 36 -14.84 24.74 27.47
C GLY E 36 -13.49 24.16 27.84
N ARG E 37 -13.37 22.84 27.75
CA ARG E 37 -12.12 22.15 28.02
C ARG E 37 -11.78 21.24 26.84
N PRO E 38 -10.50 21.15 26.48
CA PRO E 38 -10.11 20.31 25.35
C PRO E 38 -10.43 18.85 25.59
N ARG E 39 -10.99 18.19 24.58
CA ARG E 39 -11.32 16.78 24.65
C ARG E 39 -10.44 15.94 23.73
N HIS E 40 -9.39 16.51 23.17
CA HIS E 40 -8.44 15.79 22.34
C HIS E 40 -7.04 15.91 22.93
N GLN E 41 -6.05 15.42 22.20
CA GLN E 41 -4.66 15.43 22.65
C GLN E 41 -3.92 16.62 22.06
N GLY E 42 -3.29 17.41 22.92
CA GLY E 42 -2.49 18.53 22.46
C GLY E 42 -1.10 18.07 22.06
N VAL E 43 -0.68 18.44 20.85
CA VAL E 43 0.60 17.99 20.32
C VAL E 43 1.55 19.13 19.99
N MET E 44 1.08 20.36 19.90
CA MET E 44 1.94 21.49 19.58
C MET E 44 1.90 22.54 20.68
N GLN E 49 -2.51 26.59 24.13
CA GLN E 49 -2.71 25.34 24.85
C GLN E 49 -3.12 25.60 26.30
N LYS E 50 -4.18 26.39 26.47
CA LYS E 50 -4.71 26.64 27.81
C LYS E 50 -5.53 25.44 28.27
N ASP E 51 -5.79 25.40 29.58
CA ASP E 51 -6.54 24.30 30.15
C ASP E 51 -8.04 24.46 29.98
N SER E 52 -8.54 25.69 30.04
CA SER E 52 -9.97 25.93 29.93
C SER E 52 -10.22 27.26 29.24
N TYR E 53 -11.37 27.34 28.57
CA TYR E 53 -11.78 28.55 27.86
C TYR E 53 -13.18 28.94 28.34
N VAL E 54 -13.42 30.24 28.40
CA VAL E 54 -14.66 30.78 28.95
C VAL E 54 -15.29 31.71 27.92
N GLY E 55 -16.60 31.58 27.77
CA GLY E 55 -17.36 32.60 27.05
C GLY E 55 -17.15 32.54 25.56
N ASP E 56 -16.89 33.71 24.96
CA ASP E 56 -16.73 33.78 23.51
C ASP E 56 -15.45 33.12 23.04
N GLU E 57 -14.44 33.04 23.91
CA GLU E 57 -13.23 32.30 23.56
C GLU E 57 -13.50 30.81 23.48
N ALA E 58 -14.34 30.29 24.36
CA ALA E 58 -14.75 28.90 24.27
C ALA E 58 -15.66 28.67 23.07
N GLN E 59 -16.40 29.68 22.66
CA GLN E 59 -17.33 29.53 21.54
C GLN E 59 -16.58 29.48 20.20
N SER E 60 -15.46 30.19 20.08
CA SER E 60 -14.71 30.19 18.84
C SER E 60 -13.86 28.94 18.67
N LYS E 61 -13.49 28.26 19.76
CA LYS E 61 -12.69 27.04 19.69
C LYS E 61 -13.50 25.80 20.06
N ARG E 62 -14.83 25.87 19.95
CA ARG E 62 -15.68 24.80 20.43
C ARG E 62 -15.51 23.50 19.65
N GLY E 63 -14.89 23.55 18.48
CA GLY E 63 -14.69 22.35 17.70
C GLY E 63 -13.84 21.30 18.39
N ILE E 64 -12.91 21.73 19.24
CA ILE E 64 -12.05 20.81 19.97
C ILE E 64 -12.32 20.85 21.47
N LEU E 65 -13.43 21.43 21.90
CA LEU E 65 -13.75 21.56 23.31
C LEU E 65 -15.01 20.78 23.65
N THR E 66 -15.12 20.41 24.92
CA THR E 66 -16.38 20.00 25.51
C THR E 66 -16.94 21.19 26.28
N LEU E 67 -18.11 21.66 25.85
CA LEU E 67 -18.72 22.84 26.45
C LEU E 67 -19.65 22.42 27.58
N LYS E 68 -19.55 23.12 28.71
CA LYS E 68 -20.39 22.84 29.87
C LYS E 68 -20.93 24.14 30.44
N TYR E 69 -22.23 24.15 30.72
CA TYR E 69 -22.86 25.27 31.39
C TYR E 69 -22.80 25.04 32.90
N PRO E 70 -22.22 25.94 33.68
CA PRO E 70 -22.26 25.77 35.14
C PRO E 70 -23.65 25.96 35.72
N ILE E 71 -24.48 26.80 35.13
CA ILE E 71 -25.82 27.07 35.64
C ILE E 71 -26.82 26.21 34.89
N GLU E 72 -27.58 25.40 35.63
CA GLU E 72 -28.67 24.62 35.07
C GLU E 72 -29.99 24.99 35.73
N HIC E 73 -30.92 25.50 34.93
CA HIC E 73 -32.24 25.86 35.42
C HIC E 73 -32.15 26.88 36.54
O HIC E 73 -32.77 26.79 37.59
CB HIC E 73 -33.09 24.69 35.94
CG HIC E 73 -33.34 23.66 34.92
ND1 HIC E 73 -34.03 23.87 33.71
CD2 HIC E 73 -32.92 22.31 34.99
CE1 HIC E 73 -34.02 22.68 33.07
NE2 HIC E 73 -33.36 21.70 33.82
CZ HIC E 73 -33.17 20.34 33.46
N GLY E 74 -31.30 27.88 36.31
CA GLY E 74 -31.14 28.97 37.24
C GLY E 74 -30.35 28.64 38.49
N ILE E 75 -29.91 27.40 38.61
CA ILE E 75 -29.20 26.92 39.79
C ILE E 75 -27.76 26.65 39.41
N ILE E 76 -26.83 27.16 40.23
CA ILE E 76 -25.40 27.02 39.95
C ILE E 76 -24.97 25.61 40.37
N THR E 77 -24.74 24.76 39.39
CA THR E 77 -23.95 23.56 39.58
C THR E 77 -22.50 23.87 39.21
N ASN E 78 -21.58 23.03 39.69
CA ASN E 78 -20.16 23.24 39.41
C ASN E 78 -19.72 24.65 39.84
N TRP E 79 -19.41 24.83 41.12
CA TRP E 79 -19.01 26.14 41.60
C TRP E 79 -17.60 26.53 41.19
N ASP E 80 -16.78 25.56 40.75
CA ASP E 80 -15.46 25.90 40.24
C ASP E 80 -15.55 26.57 38.88
N ASP E 81 -16.45 26.08 38.01
CA ASP E 81 -16.61 26.69 36.70
C ASP E 81 -17.32 28.04 36.80
N MET E 82 -18.26 28.19 37.73
CA MET E 82 -18.93 29.47 37.90
C MET E 82 -17.96 30.53 38.41
N GLU E 83 -16.97 30.14 39.20
CA GLU E 83 -15.98 31.09 39.68
C GLU E 83 -15.04 31.51 38.57
N LYS E 84 -14.80 30.63 37.58
CA LYS E 84 -14.01 31.03 36.42
C LYS E 84 -14.76 32.03 35.55
N ILE E 85 -16.08 31.90 35.47
CA ILE E 85 -16.87 32.83 34.66
C ILE E 85 -16.91 34.20 35.32
N TRP E 86 -17.07 34.24 36.65
CA TRP E 86 -17.02 35.51 37.35
C TRP E 86 -15.65 36.16 37.23
N HIS E 87 -14.58 35.35 37.33
CA HIS E 87 -13.24 35.88 37.15
C HIS E 87 -13.03 36.39 35.73
N HIS E 88 -13.53 35.65 34.74
CA HIS E 88 -13.46 36.10 33.36
C HIS E 88 -14.27 37.37 33.14
N THR E 89 -15.36 37.55 33.90
CA THR E 89 -16.20 38.73 33.74
C THR E 89 -15.52 39.97 34.27
N PHE E 90 -14.92 39.88 35.46
CA PHE E 90 -14.36 41.06 36.10
C PHE E 90 -13.06 41.50 35.43
N TYR E 91 -12.17 40.56 35.15
CA TYR E 91 -10.82 40.89 34.73
C TYR E 91 -10.61 40.90 33.23
N ASN E 92 -11.41 40.14 32.47
CA ASN E 92 -11.23 40.06 31.02
C ASN E 92 -12.29 40.78 30.22
N GLU E 93 -13.48 40.98 30.77
CA GLU E 93 -14.58 41.62 30.05
C GLU E 93 -14.82 43.04 30.51
N LEU E 94 -14.97 43.26 31.82
CA LEU E 94 -15.15 44.61 32.34
C LEU E 94 -13.82 45.27 32.67
N ARG E 95 -12.79 44.49 32.98
CA ARG E 95 -11.45 45.00 33.27
C ARG E 95 -11.49 45.98 34.45
N VAL E 96 -12.05 45.51 35.55
CA VAL E 96 -12.16 46.29 36.78
C VAL E 96 -11.64 45.47 37.94
N ALA E 97 -11.35 46.15 39.03
CA ALA E 97 -11.01 45.50 40.28
C ALA E 97 -12.27 45.24 41.08
N PRO E 98 -12.62 43.99 41.38
CA PRO E 98 -13.89 43.74 42.08
C PRO E 98 -13.96 44.36 43.47
N GLU E 99 -12.84 44.64 44.10
CA GLU E 99 -12.82 45.17 45.45
C GLU E 99 -13.09 46.67 45.52
N GLU E 100 -13.47 47.29 44.41
CA GLU E 100 -13.73 48.73 44.38
C GLU E 100 -15.18 49.09 44.08
N HIS E 101 -15.98 48.15 43.58
CA HIS E 101 -17.33 48.43 43.16
C HIS E 101 -18.31 47.52 43.88
N PRO E 102 -19.42 48.05 44.40
CA PRO E 102 -20.51 47.18 44.85
C PRO E 102 -21.14 46.48 43.66
N THR E 103 -21.52 45.22 43.87
CA THR E 103 -21.97 44.36 42.78
C THR E 103 -23.43 43.97 43.00
N LEU E 104 -24.27 44.27 42.02
CA LEU E 104 -25.67 43.86 42.04
C LEU E 104 -25.81 42.56 41.25
N LEU E 105 -26.28 41.51 41.91
CA LEU E 105 -26.49 40.21 41.28
C LEU E 105 -27.98 39.92 41.19
N THR E 106 -28.32 38.94 40.36
CA THR E 106 -29.70 38.54 40.14
C THR E 106 -29.85 37.05 40.39
N GLU E 107 -31.08 36.63 40.64
CA GLU E 107 -31.38 35.22 40.87
C GLU E 107 -32.84 34.95 40.53
N ALA E 108 -33.09 33.75 40.01
CA ALA E 108 -34.46 33.35 39.73
C ALA E 108 -35.22 33.10 41.03
N PRO E 109 -36.52 33.38 41.06
CA PRO E 109 -37.30 33.12 42.27
C PRO E 109 -37.48 31.63 42.51
N LEU E 110 -37.75 31.29 43.77
CA LEU E 110 -37.95 29.91 44.21
C LEU E 110 -36.71 29.07 43.96
N ASN E 111 -35.55 29.67 44.14
CA ASN E 111 -34.26 28.99 44.04
C ASN E 111 -33.88 28.40 45.39
N PRO E 112 -32.98 27.41 45.41
CA PRO E 112 -32.49 26.89 46.68
C PRO E 112 -31.78 27.98 47.47
N LYS E 113 -31.97 27.95 48.80
CA LYS E 113 -31.37 28.96 49.66
C LYS E 113 -29.86 28.92 49.61
N ALA E 114 -29.26 27.73 49.47
CA ALA E 114 -27.81 27.61 49.45
C ALA E 114 -27.19 28.22 48.21
N ASN E 115 -27.96 28.36 47.12
CA ASN E 115 -27.42 28.97 45.90
C ASN E 115 -27.02 30.42 46.15
N ARG E 116 -27.90 31.18 46.81
CA ARG E 116 -27.61 32.58 47.07
C ARG E 116 -26.54 32.74 48.15
N GLU E 117 -26.54 31.86 49.16
CA GLU E 117 -25.55 31.96 50.23
C GLU E 117 -24.15 31.67 49.70
N LYS E 118 -24.03 30.70 48.79
CA LYS E 118 -22.72 30.32 48.29
C LYS E 118 -22.14 31.40 47.39
N MET E 119 -22.99 32.06 46.59
CA MET E 119 -22.48 33.11 45.71
C MET E 119 -22.15 34.37 46.50
N THR E 120 -22.81 34.59 47.64
CA THR E 120 -22.46 35.72 48.49
C THR E 120 -21.12 35.49 49.18
N GLN E 121 -20.87 34.26 49.62
CA GLN E 121 -19.59 33.93 50.25
C GLN E 121 -18.45 34.10 49.26
N ILE E 122 -18.66 33.71 48.00
CA ILE E 122 -17.61 33.84 46.99
C ILE E 122 -17.35 35.29 46.64
N MET E 123 -18.41 36.09 46.54
CA MET E 123 -18.23 37.51 46.20
C MET E 123 -17.50 38.25 47.31
N PHE E 124 -17.73 37.89 48.57
CA PHE E 124 -17.12 38.58 49.68
C PHE E 124 -15.73 38.07 50.03
N GLU E 125 -15.49 36.76 49.87
CA GLU E 125 -14.24 36.16 50.32
C GLU E 125 -13.25 35.86 49.21
N THR E 126 -13.71 35.68 47.98
CA THR E 126 -12.82 35.43 46.85
C THR E 126 -12.52 36.71 46.06
N PHE E 127 -13.56 37.46 45.68
CA PHE E 127 -13.37 38.69 44.95
C PHE E 127 -13.34 39.93 45.85
N ASN E 128 -13.74 39.80 47.11
CA ASN E 128 -13.61 40.85 48.11
C ASN E 128 -14.33 42.13 47.70
N VAL E 129 -15.57 41.98 47.25
CA VAL E 129 -16.37 43.14 46.86
C VAL E 129 -16.71 43.92 48.13
N PRO E 130 -16.84 45.25 48.06
CA PRO E 130 -17.18 45.99 49.27
C PRO E 130 -18.62 45.79 49.71
N ALA E 131 -19.55 45.75 48.77
CA ALA E 131 -20.96 45.52 49.06
C ALA E 131 -21.57 44.73 47.91
N MET E 132 -22.72 44.12 48.18
CA MET E 132 -23.41 43.36 47.14
C MET E 132 -24.89 43.30 47.49
N TYR E 133 -25.67 42.87 46.50
CA TYR E 133 -27.11 42.73 46.65
C TYR E 133 -27.60 41.77 45.58
N VAL E 134 -28.47 40.84 45.98
CA VAL E 134 -29.07 39.87 45.06
C VAL E 134 -30.51 40.32 44.84
N ALA E 135 -30.81 40.81 43.64
CA ALA E 135 -32.11 41.38 43.35
C ALA E 135 -33.06 40.32 42.78
N ILE E 136 -34.34 40.66 42.77
CA ILE E 136 -35.38 39.83 42.18
C ILE E 136 -35.47 40.18 40.71
N GLN E 137 -35.37 39.16 39.84
CA GLN E 137 -35.26 39.41 38.41
C GLN E 137 -36.53 40.01 37.83
N ALA E 138 -37.69 39.59 38.35
CA ALA E 138 -38.95 40.13 37.82
C ALA E 138 -39.16 41.57 38.27
N VAL E 139 -38.67 41.93 39.45
CA VAL E 139 -38.73 43.32 39.88
C VAL E 139 -37.87 44.19 38.98
N LEU E 140 -36.72 43.68 38.55
CA LEU E 140 -35.85 44.45 37.67
C LEU E 140 -36.48 44.64 36.30
N SER E 141 -37.16 43.61 35.79
CA SER E 141 -37.85 43.74 34.50
C SER E 141 -38.93 44.80 34.56
N LEU E 142 -39.57 44.97 35.72
CA LEU E 142 -40.58 46.00 35.86
C LEU E 142 -39.96 47.38 35.95
N TYR E 143 -38.78 47.49 36.58
CA TYR E 143 -38.04 48.74 36.56
C TYR E 143 -37.66 49.14 35.14
N ALA E 144 -37.33 48.16 34.30
CA ALA E 144 -36.89 48.45 32.94
C ALA E 144 -38.04 49.01 32.10
N SER E 145 -39.25 48.52 32.32
CA SER E 145 -40.41 49.00 31.59
C SER E 145 -41.00 50.27 32.19
N GLY E 146 -40.44 50.79 33.28
CA GLY E 146 -40.97 51.98 33.91
C GLY E 146 -42.31 51.79 34.58
N ARG E 147 -42.62 50.58 35.02
CA ARG E 147 -43.90 50.25 35.62
C ARG E 147 -43.74 49.91 37.09
N THR E 148 -44.83 50.07 37.84
CA THR E 148 -44.91 49.58 39.20
C THR E 148 -45.96 48.50 39.37
N THR E 149 -46.75 48.22 38.34
CA THR E 149 -47.78 47.20 38.35
C THR E 149 -47.66 46.36 37.10
N GLY E 150 -47.78 45.04 37.26
CA GLY E 150 -47.78 44.15 36.12
C GLY E 150 -47.38 42.76 36.53
N ILE E 151 -47.70 41.80 35.66
CA ILE E 151 -47.27 40.43 35.83
C ILE E 151 -46.17 40.16 34.80
N VAL E 152 -44.99 39.82 35.29
CA VAL E 152 -43.82 39.64 34.45
C VAL E 152 -43.72 38.18 34.01
N LEU E 153 -43.60 37.96 32.72
CA LEU E 153 -43.31 36.64 32.17
C LEU E 153 -41.85 36.66 31.72
N ASP E 154 -40.97 36.13 32.57
CA ASP E 154 -39.54 36.09 32.31
C ASP E 154 -39.18 34.68 31.84
N SER E 155 -38.58 34.57 30.66
CA SER E 155 -38.19 33.29 30.11
C SER E 155 -36.80 33.43 29.48
N GLY E 156 -35.81 32.78 30.08
CA GLY E 156 -34.46 32.84 29.55
C GLY E 156 -33.99 31.52 28.99
N ASP E 157 -32.80 31.09 29.38
CA ASP E 157 -32.25 29.83 28.92
C ASP E 157 -32.59 28.67 29.85
N GLY E 158 -32.80 28.94 31.12
CA GLY E 158 -33.02 27.87 32.08
C GLY E 158 -34.36 27.90 32.80
N VAL E 159 -34.90 29.10 33.05
CA VAL E 159 -36.08 29.27 33.89
C VAL E 159 -37.11 30.10 33.15
N THR E 160 -38.37 29.72 33.29
CA THR E 160 -39.51 30.55 32.94
C THR E 160 -40.33 30.77 34.20
N HIS E 161 -40.62 32.02 34.53
CA HIS E 161 -41.37 32.29 35.75
C HIS E 161 -42.28 33.50 35.57
N ASN E 162 -43.41 33.45 36.29
CA ASN E 162 -44.37 34.55 36.35
C ASN E 162 -44.35 35.16 37.73
N VAL E 163 -44.23 36.47 37.80
CA VAL E 163 -44.28 37.17 39.09
C VAL E 163 -45.24 38.35 38.98
N PRO E 164 -46.38 38.31 39.64
CA PRO E 164 -47.29 39.46 39.62
C PRO E 164 -46.90 40.50 40.67
N ILE E 165 -46.90 41.76 40.25
CA ILE E 165 -46.58 42.89 41.11
C ILE E 165 -47.65 43.94 40.94
N TYR E 166 -48.14 44.48 42.05
CA TYR E 166 -49.21 45.47 42.02
C TYR E 166 -48.82 46.65 42.89
N GLU E 167 -48.68 47.82 42.27
CA GLU E 167 -48.36 49.06 42.98
C GLU E 167 -47.08 48.94 43.82
N GLY E 168 -46.13 48.16 43.33
CA GLY E 168 -44.88 47.97 44.03
C GLY E 168 -44.87 46.86 45.05
N TYR E 169 -46.00 46.18 45.26
CA TYR E 169 -46.08 45.05 46.18
C TYR E 169 -46.10 43.75 45.40
N ALA E 170 -45.22 42.83 45.76
CA ALA E 170 -45.18 41.52 45.13
C ALA E 170 -46.14 40.58 45.84
N LEU E 171 -46.73 39.67 45.07
CA LEU E 171 -47.61 38.63 45.60
C LEU E 171 -46.88 37.30 45.48
N PRO E 172 -46.06 36.92 46.47
CA PRO E 172 -45.21 35.73 46.31
C PRO E 172 -45.99 34.44 46.18
N HIS E 173 -47.18 34.34 46.78
CA HIS E 173 -47.94 33.10 46.70
C HIS E 173 -48.43 32.83 45.29
N ALA E 174 -48.51 33.84 44.43
CA ALA E 174 -48.94 33.67 43.05
C ALA E 174 -47.78 33.48 42.08
N ILE E 175 -46.54 33.37 42.57
CA ILE E 175 -45.39 33.20 41.71
C ILE E 175 -45.38 31.78 41.13
N MET E 176 -45.27 31.68 39.82
CA MET E 176 -45.12 30.41 39.13
C MET E 176 -43.69 30.30 38.62
N ARG E 177 -43.13 29.09 38.69
CA ARG E 177 -41.82 28.82 38.14
C ARG E 177 -41.89 27.57 37.28
N LEU E 178 -41.21 27.61 36.14
CA LEU E 178 -41.24 26.53 35.17
C LEU E 178 -39.82 26.26 34.71
N ASP E 179 -39.33 25.04 34.92
CA ASP E 179 -38.00 24.68 34.45
C ASP E 179 -38.03 24.27 32.99
N LEU E 180 -38.69 25.08 32.15
CA LEU E 180 -38.77 24.88 30.72
C LEU E 180 -38.46 26.21 30.07
N ALA E 181 -37.30 26.32 29.42
CA ALA E 181 -36.90 27.58 28.81
C ALA E 181 -36.13 27.33 27.52
N GLY E 182 -35.19 28.22 27.20
CA GLY E 182 -34.55 28.18 25.90
C GLY E 182 -33.74 26.92 25.66
N ARG E 183 -33.03 26.45 26.69
CA ARG E 183 -32.17 25.28 26.52
C ARG E 183 -32.99 24.02 26.26
N ASP E 184 -34.17 23.92 26.84
CA ASP E 184 -35.05 22.80 26.55
C ASP E 184 -35.63 22.90 25.15
N LEU E 185 -35.84 24.10 24.64
CA LEU E 185 -36.29 24.26 23.26
C LEU E 185 -35.17 23.88 22.29
N THR E 186 -33.93 24.21 22.63
CA THR E 186 -32.80 23.80 21.79
C THR E 186 -32.68 22.29 21.72
N ASP E 187 -32.83 21.61 22.87
CA ASP E 187 -32.73 20.16 22.88
C ASP E 187 -33.88 19.52 22.10
N TYR E 188 -35.07 20.12 22.15
CA TYR E 188 -36.19 19.59 21.39
C TYR E 188 -35.99 19.81 19.90
N LEU E 189 -35.39 20.94 19.52
CA LEU E 189 -35.10 21.17 18.12
C LEU E 189 -34.08 20.16 17.60
N MET E 190 -33.08 19.83 18.41
CA MET E 190 -32.12 18.79 18.02
C MET E 190 -32.82 17.46 17.78
N LYS E 191 -33.83 17.15 18.59
CA LYS E 191 -34.53 15.87 18.45
C LYS E 191 -35.34 15.82 17.17
N ILE E 192 -36.11 16.89 16.88
CA ILE E 192 -36.95 16.88 15.69
C ILE E 192 -36.20 17.17 14.41
N LEU E 193 -34.94 17.62 14.50
CA LEU E 193 -34.12 17.74 13.30
C LEU E 193 -33.65 16.40 12.77
N THR E 194 -33.66 15.36 13.62
CA THR E 194 -33.33 14.02 13.14
C THR E 194 -34.39 13.46 12.20
N GLU E 195 -35.60 14.03 12.21
CA GLU E 195 -36.64 13.59 11.30
C GLU E 195 -36.28 13.87 9.85
N ARG E 196 -35.45 14.88 9.62
CA ARG E 196 -34.97 15.22 8.28
C ARG E 196 -33.58 14.66 8.01
N GLY E 197 -33.04 13.85 8.91
CA GLY E 197 -31.73 13.26 8.72
C GLY E 197 -30.57 14.07 9.23
N TYR E 198 -30.82 15.19 9.89
CA TYR E 198 -29.76 16.02 10.45
C TYR E 198 -29.44 15.54 11.85
N SER E 199 -28.18 15.20 12.10
CA SER E 199 -27.76 14.65 13.37
C SER E 199 -26.83 15.66 14.05
N PHE E 200 -27.30 16.23 15.15
CA PHE E 200 -26.51 17.11 16.00
C PHE E 200 -26.41 16.46 17.38
N VAL E 201 -25.20 16.17 17.83
CA VAL E 201 -25.02 15.34 19.01
C VAL E 201 -24.14 16.04 20.04
N THR E 202 -22.96 16.50 19.62
CA THR E 202 -21.99 17.04 20.55
C THR E 202 -22.47 18.34 21.17
N THR E 203 -21.77 18.78 22.23
CA THR E 203 -22.09 20.05 22.85
C THR E 203 -21.78 21.22 21.94
N ALA E 204 -20.82 21.05 21.03
CA ALA E 204 -20.54 22.10 20.05
C ALA E 204 -21.64 22.20 19.02
N GLU E 205 -22.20 21.06 18.61
CA GLU E 205 -23.31 21.08 17.65
C GLU E 205 -24.60 21.59 18.29
N ARG E 206 -24.74 21.48 19.60
CA ARG E 206 -25.88 22.09 20.29
C ARG E 206 -25.84 23.61 20.16
N GLU E 207 -24.64 24.19 20.16
CA GLU E 207 -24.51 25.62 19.93
C GLU E 207 -24.92 26.00 18.51
N ILE E 208 -24.73 25.10 17.55
CA ILE E 208 -25.19 25.36 16.19
C ILE E 208 -26.71 25.34 16.13
N VAL E 209 -27.34 24.38 16.81
CA VAL E 209 -28.78 24.29 16.80
C VAL E 209 -29.41 25.50 17.48
N ARG E 210 -28.76 26.01 18.52
CA ARG E 210 -29.25 27.22 19.17
C ARG E 210 -29.24 28.40 18.21
N ASP E 211 -28.22 28.48 17.36
CA ASP E 211 -28.16 29.55 16.36
C ASP E 211 -29.25 29.38 15.31
N ILE E 212 -29.55 28.14 14.92
CA ILE E 212 -30.67 27.89 14.02
C ILE E 212 -31.98 28.34 14.65
N LYS E 213 -32.15 28.04 15.95
CA LYS E 213 -33.38 28.39 16.64
C LYS E 213 -33.58 29.90 16.68
N GLU E 214 -32.51 30.64 16.99
CA GLU E 214 -32.63 32.09 17.13
C GLU E 214 -32.84 32.80 15.81
N LYS E 215 -32.56 32.16 14.69
CA LYS E 215 -32.70 32.80 13.39
C LYS E 215 -33.93 32.37 12.62
N LEU E 216 -34.37 31.12 12.75
CA LEU E 216 -35.43 30.61 11.90
C LEU E 216 -36.72 30.28 12.63
N CYS E 217 -36.69 30.09 13.95
CA CYS E 217 -37.88 29.69 14.67
C CYS E 217 -38.80 30.88 14.95
N TYR E 218 -40.10 30.62 14.89
CA TYR E 218 -41.11 31.62 15.21
C TYR E 218 -42.31 30.93 15.82
N VAL E 219 -43.18 31.71 16.44
CA VAL E 219 -44.39 31.20 17.08
C VAL E 219 -45.56 31.35 16.12
N ALA E 220 -46.24 30.24 15.86
CA ALA E 220 -47.42 30.26 15.00
C ALA E 220 -48.62 30.82 15.76
N LEU E 221 -49.39 31.67 15.07
CA LEU E 221 -50.59 32.23 15.69
C LEU E 221 -51.62 31.13 15.96
N ASP E 222 -51.83 30.26 14.97
CA ASP E 222 -52.64 29.06 15.15
C ASP E 222 -51.80 27.87 14.72
N PHE E 223 -51.55 26.95 15.66
CA PHE E 223 -50.59 25.89 15.40
C PHE E 223 -51.13 24.86 14.40
N GLU E 224 -52.38 24.45 14.56
CA GLU E 224 -52.93 23.40 13.70
C GLU E 224 -53.11 23.88 12.27
N ASN E 225 -53.39 25.17 12.07
CA ASN E 225 -53.48 25.70 10.71
C ASN E 225 -52.11 25.80 10.06
N GLU E 226 -51.07 26.12 10.84
CA GLU E 226 -49.73 26.19 10.28
C GLU E 226 -49.19 24.81 9.94
N MET E 227 -49.57 23.78 10.70
CA MET E 227 -49.18 22.42 10.34
C MET E 227 -49.79 22.00 9.02
N ALA E 228 -51.04 22.43 8.75
CA ALA E 228 -51.66 22.12 7.48
C ALA E 228 -51.03 22.89 6.33
N THR E 229 -50.61 24.14 6.59
CA THR E 229 -49.94 24.92 5.56
C THR E 229 -48.57 24.35 5.25
N ALA E 230 -47.83 23.92 6.27
CA ALA E 230 -46.49 23.38 6.05
C ALA E 230 -46.54 22.05 5.31
N ALA E 231 -47.63 21.32 5.43
CA ALA E 231 -47.77 20.02 4.78
C ALA E 231 -48.37 20.09 3.39
N SER E 232 -48.77 21.28 2.95
CA SER E 232 -49.40 21.45 1.64
C SER E 232 -48.54 22.22 0.66
N SER E 233 -47.42 22.78 1.10
CA SER E 233 -46.56 23.56 0.22
C SER E 233 -45.17 23.62 0.84
N SER E 234 -44.33 24.53 0.32
CA SER E 234 -42.99 24.73 0.85
C SER E 234 -42.71 26.20 1.14
N SER E 235 -43.76 27.01 1.31
CA SER E 235 -43.60 28.43 1.56
C SER E 235 -42.98 28.70 2.92
N LEU E 236 -43.04 27.75 3.85
CA LEU E 236 -42.46 27.90 5.17
C LEU E 236 -41.04 27.34 5.26
N GLU E 237 -40.53 26.74 4.19
CA GLU E 237 -39.19 26.19 4.22
C GLU E 237 -38.15 27.31 4.21
N LYS E 238 -37.17 27.21 5.10
CA LYS E 238 -36.04 28.11 5.13
C LYS E 238 -34.76 27.28 5.12
N SER E 239 -33.73 27.81 4.48
CA SER E 239 -32.43 27.17 4.44
C SER E 239 -31.47 27.82 5.42
N TYR E 240 -30.48 27.04 5.85
CA TYR E 240 -29.48 27.52 6.80
C TYR E 240 -28.16 26.86 6.46
N GLU E 241 -27.10 27.66 6.40
CA GLU E 241 -25.77 27.16 6.07
C GLU E 241 -25.01 26.85 7.35
N LEU E 242 -24.60 25.59 7.49
CA LEU E 242 -23.83 25.15 8.64
C LEU E 242 -22.42 25.73 8.56
N PRO E 243 -21.65 25.68 9.66
CA PRO E 243 -20.30 26.25 9.63
C PRO E 243 -19.36 25.61 8.60
N ASP E 244 -19.66 24.40 8.12
CA ASP E 244 -18.82 23.71 7.17
C ASP E 244 -19.35 23.82 5.74
N GLY E 245 -20.28 24.73 5.48
CA GLY E 245 -20.81 24.94 4.16
C GLY E 245 -22.02 24.10 3.80
N GLN E 246 -22.36 23.09 4.61
CA GLN E 246 -23.56 22.31 4.34
C GLN E 246 -24.80 23.17 4.58
N VAL E 247 -25.79 22.99 3.72
CA VAL E 247 -27.04 23.74 3.79
C VAL E 247 -28.15 22.79 4.18
N ILE E 248 -28.85 23.10 5.26
CA ILE E 248 -29.99 22.32 5.72
C ILE E 248 -31.25 23.13 5.51
N THR E 249 -32.37 22.42 5.33
CA THR E 249 -33.67 23.02 5.11
C THR E 249 -34.63 22.51 6.16
N ILE E 250 -35.36 23.41 6.81
CA ILE E 250 -36.32 23.05 7.83
C ILE E 250 -37.66 23.69 7.51
N GLY E 251 -38.74 22.95 7.76
CA GLY E 251 -40.08 23.41 7.48
C GLY E 251 -40.89 23.67 8.72
N ASN E 252 -41.71 22.70 9.13
CA ASN E 252 -42.57 22.91 10.29
C ASN E 252 -41.80 22.91 11.60
N GLU E 253 -40.54 22.48 11.60
CA GLU E 253 -39.72 22.57 12.80
C GLU E 253 -39.51 24.01 13.24
N ARG E 254 -39.69 24.97 12.33
CA ARG E 254 -39.51 26.38 12.68
C ARG E 254 -40.50 26.82 13.74
N PHE E 255 -41.74 26.33 13.67
CA PHE E 255 -42.74 26.71 14.66
C PHE E 255 -43.11 25.57 15.60
N ARG E 256 -42.66 24.35 15.34
CA ARG E 256 -42.89 23.26 16.30
C ARG E 256 -42.00 23.41 17.52
N CYS E 257 -40.79 23.96 17.36
CA CYS E 257 -39.91 24.13 18.50
C CYS E 257 -40.45 25.17 19.49
N PRO E 258 -40.83 26.39 19.10
CA PRO E 258 -41.38 27.33 20.08
C PRO E 258 -42.76 26.93 20.58
N GLU E 259 -43.49 26.07 19.86
CA GLU E 259 -44.79 25.62 20.32
C GLU E 259 -44.71 24.86 21.64
N THR E 260 -43.55 24.29 21.96
CA THR E 260 -43.37 23.62 23.25
C THR E 260 -43.65 24.54 24.42
N LEU E 261 -43.41 25.84 24.27
CA LEU E 261 -43.71 26.79 25.32
C LEU E 261 -45.20 26.80 25.65
N PHE E 262 -46.05 26.56 24.67
CA PHE E 262 -47.49 26.53 24.87
C PHE E 262 -48.04 25.12 25.03
N GLN E 263 -47.29 24.10 24.63
CA GLN E 263 -47.68 22.70 24.82
C GLN E 263 -46.48 21.95 25.36
N PRO E 264 -46.20 22.04 26.66
CA PRO E 264 -45.02 21.37 27.22
C PRO E 264 -45.07 19.85 27.13
N SER E 265 -46.19 19.27 26.70
CA SER E 265 -46.26 17.83 26.51
C SER E 265 -45.41 17.35 25.34
N PHE E 266 -44.98 18.25 24.46
CA PHE E 266 -44.11 17.87 23.36
C PHE E 266 -42.79 17.31 23.86
N ILE E 267 -42.34 17.74 25.04
CA ILE E 267 -41.11 17.24 25.62
C ILE E 267 -41.39 16.41 26.88
N GLY E 268 -42.60 15.88 27.00
CA GLY E 268 -42.94 15.01 28.10
C GLY E 268 -43.23 15.69 29.42
N MET E 269 -43.33 17.01 29.45
CA MET E 269 -43.65 17.73 30.67
C MET E 269 -45.15 17.79 30.86
N GLU E 270 -45.57 17.72 32.13
CA GLU E 270 -46.99 17.71 32.46
C GLU E 270 -47.56 19.11 32.66
N SER E 271 -46.72 20.11 32.89
CA SER E 271 -47.18 21.44 33.22
C SER E 271 -47.95 22.06 32.05
N ALA E 272 -48.69 23.13 32.36
CA ALA E 272 -49.41 23.86 31.35
C ALA E 272 -48.48 24.85 30.63
N GLY E 273 -48.92 25.32 29.48
CA GLY E 273 -48.16 26.28 28.72
C GLY E 273 -48.04 27.62 29.43
N ILE E 274 -47.20 28.48 28.86
CA ILE E 274 -46.94 29.78 29.47
C ILE E 274 -48.17 30.67 29.47
N HIS E 275 -49.13 30.43 28.58
CA HIS E 275 -50.35 31.23 28.58
C HIS E 275 -51.27 30.84 29.74
N GLU E 276 -51.43 29.54 29.98
CA GLU E 276 -52.24 29.09 31.10
C GLU E 276 -51.55 29.36 32.43
N THR E 277 -50.23 29.29 32.46
CA THR E 277 -49.49 29.60 33.68
C THR E 277 -49.65 31.07 34.04
N THR E 278 -49.60 31.96 33.05
CA THR E 278 -49.84 33.38 33.29
C THR E 278 -51.26 33.61 33.78
N TYR E 279 -52.24 32.96 33.14
CA TYR E 279 -53.62 33.11 33.56
C TYR E 279 -53.85 32.54 34.95
N ASN E 280 -53.28 31.37 35.24
CA ASN E 280 -53.42 30.79 36.58
C ASN E 280 -52.78 31.67 37.64
N SER E 281 -51.68 32.35 37.30
CA SER E 281 -51.05 33.26 38.25
C SER E 281 -51.94 34.46 38.53
N ILE E 282 -52.60 34.99 37.50
CA ILE E 282 -53.51 36.11 37.68
C ILE E 282 -54.72 35.70 38.50
N MET E 283 -55.22 34.48 38.29
CA MET E 283 -56.40 34.00 39.02
C MET E 283 -56.11 33.67 40.47
N LYS E 284 -54.84 33.56 40.85
CA LYS E 284 -54.50 33.42 42.27
C LYS E 284 -54.36 34.76 42.97
N CYS E 285 -54.30 35.85 42.22
CA CYS E 285 -54.23 37.17 42.80
C CYS E 285 -55.63 37.64 43.20
N ASP E 286 -55.67 38.66 44.06
CA ASP E 286 -56.94 39.22 44.50
C ASP E 286 -57.74 39.73 43.31
N ILE E 287 -59.05 39.53 43.36
CA ILE E 287 -59.93 39.86 42.24
C ILE E 287 -59.84 41.33 41.87
N ASP E 288 -59.51 42.19 42.84
CA ASP E 288 -59.48 43.63 42.61
C ASP E 288 -58.24 44.10 41.84
N ILE E 289 -57.20 43.27 41.73
CA ILE E 289 -56.00 43.66 41.00
C ILE E 289 -55.89 42.96 39.65
N ARG E 290 -56.81 42.06 39.33
CA ARG E 290 -56.66 41.26 38.11
C ARG E 290 -56.80 42.12 36.86
N LYS E 291 -57.66 43.13 36.90
CA LYS E 291 -57.86 43.98 35.74
C LYS E 291 -56.58 44.71 35.36
N ASP E 292 -55.82 45.18 36.36
CA ASP E 292 -54.57 45.86 36.08
C ASP E 292 -53.49 44.88 35.63
N LEU E 293 -53.54 43.64 36.11
CA LEU E 293 -52.57 42.64 35.67
C LEU E 293 -52.84 42.21 34.24
N TYR E 294 -54.11 42.10 33.85
CA TYR E 294 -54.46 41.76 32.48
C TYR E 294 -53.92 42.77 31.48
N ALA E 295 -53.81 44.04 31.88
CA ALA E 295 -53.38 45.10 30.99
C ALA E 295 -51.88 45.34 31.02
N ASN E 296 -51.14 44.61 31.86
CA ASN E 296 -49.71 44.84 32.01
C ASN E 296 -48.96 43.51 32.05
N ASN E 297 -49.12 42.71 31.01
CA ASN E 297 -48.34 41.48 30.85
C ASN E 297 -47.00 41.85 30.23
N VAL E 298 -45.96 41.87 31.05
CA VAL E 298 -44.63 42.30 30.62
C VAL E 298 -43.80 41.06 30.29
N MET E 299 -43.23 41.04 29.09
CA MET E 299 -42.34 39.97 28.66
C MET E 299 -40.89 40.40 28.83
N SER E 300 -40.05 39.44 29.21
CA SER E 300 -38.62 39.69 29.33
C SER E 300 -37.87 38.37 29.15
N GLY E 301 -36.62 38.48 28.74
CA GLY E 301 -35.78 37.32 28.52
C GLY E 301 -35.68 36.96 27.04
N GLY E 302 -34.60 36.22 26.73
CA GLY E 302 -34.33 35.90 25.34
C GLY E 302 -35.34 34.96 24.72
N THR E 303 -35.98 34.11 25.52
CA THR E 303 -36.96 33.17 24.99
C THR E 303 -38.28 33.85 24.61
N THR E 304 -38.49 35.10 25.00
CA THR E 304 -39.64 35.85 24.54
C THR E 304 -39.37 36.60 23.25
N MET E 305 -38.22 36.39 22.62
CA MET E 305 -37.85 37.10 21.41
C MET E 305 -38.28 36.40 20.14
N TYR E 306 -39.04 35.31 20.24
CA TYR E 306 -39.54 34.66 19.04
C TYR E 306 -40.53 35.57 18.32
N PRO E 307 -40.45 35.66 16.99
CA PRO E 307 -41.47 36.41 16.25
C PRO E 307 -42.84 35.78 16.43
N GLY E 308 -43.81 36.61 16.80
CA GLY E 308 -45.18 36.18 16.95
C GLY E 308 -45.57 35.68 18.32
N ILE E 309 -44.66 35.72 19.30
CA ILE E 309 -45.01 35.18 20.61
C ILE E 309 -45.91 36.13 21.39
N ALA E 310 -45.80 37.44 21.14
CA ALA E 310 -46.68 38.39 21.82
C ALA E 310 -48.09 38.32 21.27
N ASP E 311 -48.23 38.14 19.95
CA ASP E 311 -49.55 37.99 19.35
C ASP E 311 -50.20 36.68 19.77
N ARG E 312 -49.40 35.62 19.91
CA ARG E 312 -49.92 34.34 20.34
C ARG E 312 -50.37 34.39 21.81
N MET E 313 -49.56 35.01 22.67
CA MET E 313 -49.93 35.14 24.07
C MET E 313 -51.17 36.00 24.23
N GLN E 314 -51.28 37.07 23.45
CA GLN E 314 -52.48 37.91 23.49
C GLN E 314 -53.71 37.11 23.11
N LYS E 315 -53.60 36.27 22.08
CA LYS E 315 -54.74 35.47 21.65
C LYS E 315 -55.11 34.40 22.68
N GLU E 316 -54.10 33.77 23.29
CA GLU E 316 -54.37 32.68 24.21
C GLU E 316 -54.96 33.18 25.52
N ILE E 317 -54.46 34.30 26.04
CA ILE E 317 -54.99 34.83 27.29
C ILE E 317 -56.36 35.46 27.07
N THR E 318 -56.59 36.07 25.91
CA THR E 318 -57.91 36.59 25.59
C THR E 318 -58.96 35.49 25.60
N ALA E 319 -58.60 34.29 25.17
CA ALA E 319 -59.53 33.17 25.18
C ALA E 319 -59.79 32.65 26.59
N LEU E 320 -58.88 32.88 27.53
CA LEU E 320 -59.07 32.42 28.90
C LEU E 320 -59.71 33.46 29.79
N ALA E 321 -59.44 34.73 29.57
CA ALA E 321 -59.96 35.81 30.39
C ALA E 321 -61.38 36.18 29.98
N PRO E 322 -62.13 36.86 30.85
CA PRO E 322 -63.45 37.35 30.46
C PRO E 322 -63.36 38.33 29.29
N SER E 323 -64.45 38.42 28.54
CA SER E 323 -64.45 39.20 27.30
C SER E 323 -64.34 40.70 27.55
N THR E 324 -64.74 41.18 28.73
CA THR E 324 -64.68 42.61 29.01
C THR E 324 -63.30 43.07 29.47
N MET E 325 -62.34 42.16 29.63
CA MET E 325 -61.00 42.52 30.06
C MET E 325 -60.15 42.90 28.86
N LYS E 326 -59.32 43.93 29.05
CA LYS E 326 -58.38 44.38 28.04
C LYS E 326 -57.05 43.69 28.28
N ILE E 327 -56.70 42.75 27.41
CA ILE E 327 -55.44 42.02 27.51
C ILE E 327 -54.39 42.79 26.71
N LYS E 328 -53.30 43.18 27.37
CA LYS E 328 -52.24 43.95 26.74
C LYS E 328 -50.90 43.31 27.08
N ILE E 329 -50.21 42.82 26.06
CA ILE E 329 -48.88 42.23 26.23
C ILE E 329 -47.84 43.30 25.95
N ILE E 330 -47.01 43.59 26.94
CA ILE E 330 -45.93 44.57 26.80
C ILE E 330 -44.66 43.82 26.42
N ALA E 331 -44.20 44.00 25.20
CA ALA E 331 -43.00 43.33 24.69
C ALA E 331 -42.10 44.37 24.04
N PRO E 332 -41.28 45.07 24.83
CA PRO E 332 -40.38 46.06 24.26
C PRO E 332 -39.28 45.40 23.44
N PRO E 333 -38.71 46.09 22.46
CA PRO E 333 -37.68 45.48 21.62
C PRO E 333 -36.41 45.12 22.39
N GLU E 334 -36.13 45.79 23.49
CA GLU E 334 -34.93 45.54 24.28
C GLU E 334 -35.18 44.59 25.44
N ARG E 335 -36.24 43.78 25.38
CA ARG E 335 -36.63 42.95 26.51
C ARG E 335 -35.67 41.79 26.75
N LYS E 336 -34.76 41.50 25.83
CA LYS E 336 -33.77 40.47 26.09
C LYS E 336 -32.78 40.88 27.18
N TYR E 337 -32.64 42.18 27.43
CA TYR E 337 -31.76 42.68 28.48
C TYR E 337 -32.54 43.41 29.57
N SER E 338 -33.84 43.12 29.72
CA SER E 338 -34.67 43.86 30.66
C SER E 338 -34.18 43.70 32.10
N VAL E 339 -33.73 42.50 32.47
CA VAL E 339 -33.26 42.28 33.83
C VAL E 339 -32.02 43.12 34.11
N TRP E 340 -31.08 43.16 33.16
CA TRP E 340 -29.89 43.98 33.37
C TRP E 340 -30.23 45.46 33.37
N ILE E 341 -31.08 45.89 32.43
CA ILE E 341 -31.45 47.29 32.35
C ILE E 341 -32.14 47.75 33.62
N GLY E 342 -33.05 46.92 34.15
CA GLY E 342 -33.68 47.26 35.41
C GLY E 342 -32.71 47.28 36.57
N GLY E 343 -31.75 46.35 36.57
CA GLY E 343 -30.72 46.36 37.60
C GLY E 343 -29.83 47.60 37.52
N SER E 344 -29.55 48.08 36.31
CA SER E 344 -28.80 49.32 36.17
C SER E 344 -29.58 50.51 36.68
N ILE E 345 -30.91 50.49 36.50
CA ILE E 345 -31.75 51.56 37.03
C ILE E 345 -31.81 51.49 38.55
N LEU E 346 -32.00 50.29 39.10
CA LEU E 346 -32.13 50.12 40.54
C LEU E 346 -30.85 50.52 41.26
N ALA E 347 -29.71 50.03 40.77
CA ALA E 347 -28.43 50.32 41.42
C ALA E 347 -28.04 51.79 41.33
N SER E 348 -28.73 52.59 40.53
CA SER E 348 -28.48 54.01 40.42
C SER E 348 -29.42 54.85 41.27
N LEU E 349 -30.48 54.26 41.82
CA LEU E 349 -31.41 55.01 42.65
C LEU E 349 -30.76 55.42 43.96
N SER E 350 -31.12 56.61 44.44
CA SER E 350 -30.60 57.10 45.72
C SER E 350 -31.22 56.35 46.89
N THR E 351 -32.48 55.96 46.79
CA THR E 351 -33.14 55.22 47.86
C THR E 351 -32.64 53.79 47.98
N PHE E 352 -31.88 53.29 47.02
CA PHE E 352 -31.35 51.94 47.06
C PHE E 352 -30.02 51.84 47.77
N GLN E 353 -29.29 52.94 47.92
CA GLN E 353 -27.95 52.92 48.49
C GLN E 353 -27.92 52.43 49.93
N GLN E 354 -29.08 52.31 50.58
CA GLN E 354 -29.17 51.72 51.91
C GLN E 354 -29.39 50.22 51.89
N MET E 355 -29.70 49.65 50.72
CA MET E 355 -29.99 48.23 50.60
C MET E 355 -28.74 47.38 50.40
N TRP E 356 -27.58 47.99 50.13
CA TRP E 356 -26.36 47.23 49.94
C TRP E 356 -26.01 46.46 51.20
N ILE E 357 -25.62 45.20 51.02
CA ILE E 357 -25.10 44.37 52.11
C ILE E 357 -23.59 44.53 52.08
N THR E 358 -23.06 45.31 53.01
CA THR E 358 -21.62 45.56 53.03
C THR E 358 -20.90 44.37 53.64
N LYS E 359 -19.57 44.35 53.43
CA LYS E 359 -18.74 43.29 53.99
C LYS E 359 -18.79 43.27 55.51
N GLN E 360 -18.96 44.44 56.13
CA GLN E 360 -19.00 44.51 57.59
C GLN E 360 -20.28 43.87 58.13
N GLU E 361 -21.43 44.18 57.50
CA GLU E 361 -22.68 43.57 57.93
C GLU E 361 -22.67 42.07 57.74
N TYR E 362 -21.95 41.58 56.73
CA TYR E 362 -21.92 40.15 56.44
C TYR E 362 -21.07 39.38 57.44
N ASP E 363 -20.02 40.01 57.98
CA ASP E 363 -19.15 39.30 58.92
C ASP E 363 -19.83 39.06 60.26
N GLU E 364 -20.78 39.93 60.64
CA GLU E 364 -21.45 39.79 61.93
C GLU E 364 -22.79 39.09 61.82
N ALA E 365 -23.59 39.43 60.82
CA ALA E 365 -24.91 38.81 60.68
C ALA E 365 -24.81 37.38 60.18
N GLY E 366 -23.89 37.13 59.23
CA GLY E 366 -23.73 35.81 58.68
C GLY E 366 -24.49 35.64 57.38
N PRO E 367 -24.57 34.41 56.89
CA PRO E 367 -25.25 34.16 55.61
C PRO E 367 -26.74 34.45 55.65
N SER E 368 -27.34 34.60 56.83
CA SER E 368 -28.77 34.82 56.91
C SER E 368 -29.19 36.21 56.46
N ILE E 369 -28.25 37.16 56.39
CA ILE E 369 -28.59 38.53 56.01
C ILE E 369 -28.96 38.62 54.54
N VAL E 370 -28.57 37.64 53.72
CA VAL E 370 -28.80 37.72 52.28
C VAL E 370 -30.22 37.29 51.88
N HIS E 371 -30.99 36.73 52.80
CA HIS E 371 -32.34 36.25 52.51
C HIS E 371 -33.41 37.21 53.01
N ARG E 372 -33.24 38.51 52.80
CA ARG E 372 -34.24 39.50 53.13
C ARG E 372 -34.85 40.06 51.85
N LYS E 373 -36.18 40.21 51.86
CA LYS E 373 -36.93 40.54 50.65
C LYS E 373 -36.64 39.52 49.54
N CYS E 374 -36.67 38.25 49.91
CA CYS E 374 -36.33 37.15 49.01
C CYS E 374 -37.47 36.15 48.96
N PHE E 375 -37.75 35.65 47.76
CA PHE E 375 -38.69 34.57 47.57
C PHE E 375 -38.31 33.73 46.35
PB ADP F . 10.40 8.73 3.00
O1B ADP F . 11.73 8.11 2.66
O2B ADP F . 10.49 9.86 3.99
O3B ADP F . 9.30 7.75 3.26
PA ADP F . 10.36 10.93 1.18
O1A ADP F . 11.79 11.23 1.55
O2A ADP F . 9.25 11.83 1.65
O3A ADP F . 9.97 9.43 1.62
O5' ADP F . 10.28 10.80 -0.41
C5' ADP F . 10.60 9.55 -1.00
C4' ADP F . 9.81 9.30 -2.27
O4' ADP F . 9.54 10.51 -2.96
C3' ADP F . 10.58 8.40 -3.22
O3' ADP F . 9.81 7.23 -3.48
C2' ADP F . 10.72 9.20 -4.49
O2' ADP F . 10.48 8.39 -5.64
C1' ADP F . 9.68 10.30 -4.36
N9 ADP F . 10.12 11.52 -5.05
C8 ADP F . 11.21 12.27 -4.74
N7 ADP F . 11.31 13.32 -5.58
C5 ADP F . 10.29 13.27 -6.44
C6 ADP F . 9.81 14.07 -7.58
N6 ADP F . 10.47 15.19 -7.98
N1 ADP F . 8.69 13.67 -8.22
C2 ADP F . 8.02 12.57 -7.83
N3 ADP F . 8.40 11.79 -6.81
C4 ADP F . 9.51 12.08 -6.09
CA CA G . 8.81 10.43 5.43
BE BEF H . 8.14 7.36 3.94
F1 BEF H . 6.92 6.88 3.14
F2 BEF H . 7.80 8.60 4.82
F3 BEF H . 8.58 6.24 4.90
PB ADP I . 49.22 -18.38 -25.89
O1B ADP I . 50.38 -19.26 -26.23
O2B ADP I . 49.35 -17.67 -24.58
O3B ADP I . 47.87 -19.03 -26.11
PA ADP I . 50.10 -15.86 -26.87
O1A ADP I . 51.44 -16.13 -26.23
O2A ADP I . 49.17 -14.84 -26.27
O3A ADP I . 49.27 -17.24 -27.00
O5' ADP I . 50.33 -15.51 -28.41
C5' ADP I . 50.47 -16.58 -29.34
C4' ADP I . 49.93 -16.22 -30.70
O4' ADP I . 50.13 -14.83 -30.99
C3' ADP I . 50.65 -17.00 -31.79
O3' ADP I . 49.69 -17.77 -32.53
C2' ADP I . 51.26 -15.96 -32.70
O2' ADP I . 51.07 -16.30 -34.06
C1' ADP I . 50.51 -14.68 -32.35
N9 ADP I . 51.37 -13.50 -32.53
C8 ADP I . 52.51 -13.23 -31.86
N7 ADP I . 53.06 -12.07 -32.28
C5 ADP I . 52.26 -11.58 -33.23
C6 ADP I . 52.25 -10.37 -34.10
N6 ADP I . 53.24 -9.45 -34.01
N1 ADP I . 51.24 -10.23 -34.97
C2 ADP I . 50.25 -11.15 -35.06
N3 ADP I . 50.20 -12.25 -34.32
C4 ADP I . 51.15 -12.52 -33.40
CA CA J . 47.59 -17.04 -23.26
BE BEF K . 46.53 -19.23 -25.76
F1 BEF K . 45.43 -19.07 -26.82
F2 BEF K . 46.33 -18.24 -24.57
F3 BEF K . 46.47 -20.65 -25.16
PB ADP L . 6.65 -22.49 -25.86
O1B ADP L . 7.24 -22.81 -27.21
O2B ADP L . 5.16 -22.64 -25.81
O3B ADP L . 7.17 -21.23 -25.22
PA ADP L . 6.51 -25.09 -24.69
O1A ADP L . 5.97 -25.60 -26.00
O2A ADP L . 5.61 -24.96 -23.50
O3A ADP L . 7.22 -23.65 -24.93
O5' ADP L . 7.78 -25.97 -24.29
C5' ADP L . 9.05 -25.64 -24.86
C4' ADP L . 10.20 -25.96 -23.92
O4' ADP L . 9.89 -27.11 -23.12
C3' ADP L . 11.46 -26.27 -24.69
O3' ADP L . 12.49 -25.35 -24.31
C2' ADP L . 11.86 -27.67 -24.28
O2' ADP L . 13.26 -27.75 -24.06
C1' ADP L . 11.07 -27.91 -23.01
N9 ADP L . 10.73 -29.34 -22.85
C8 ADP L . 9.96 -30.06 -23.67
N7 ADP L . 9.85 -31.34 -23.25
C5 ADP L . 10.58 -31.44 -22.13
C6 ADP L . 10.91 -32.52 -21.16
N6 ADP L . 10.42 -33.77 -21.32
N1 ADP L . 11.71 -32.21 -20.12
C2 ADP L . 12.20 -30.97 -19.96
N3 ADP L . 11.95 -29.95 -20.79
C4 ADP L . 11.17 -30.13 -21.87
CA CA M . 3.78 -21.45 -24.40
BE BEF N . 6.99 -20.08 -24.43
F1 BEF N . 7.96 -19.79 -23.29
F2 BEF N . 5.52 -20.23 -23.93
F3 BEF N . 7.00 -18.90 -25.43
PB ADP O . -28.51 -5.37 13.44
O1B ADP O . -28.02 -5.95 12.13
O2B ADP O . -29.86 -5.86 13.85
O3B ADP O . -28.31 -3.88 13.57
PA ADP O . -27.69 -7.38 15.27
O1A ADP O . -28.21 -8.42 14.32
O2A ADP O . -28.42 -7.09 16.56
O3A ADP O . -27.49 -5.98 14.52
O5' ADP O . -26.16 -7.75 15.62
C5' ADP O . -25.15 -7.31 14.72
C4' ADP O . -23.85 -7.01 15.44
O4' ADP O . -23.67 -7.87 16.57
C3' ADP O . -22.66 -7.23 14.52
O3' ADP O . -21.92 -6.01 14.40
C2' ADP O . -21.81 -8.27 15.21
O2' ADP O . -20.43 -7.92 15.14
C1' ADP O . -22.31 -8.26 16.65
N9 ADP O . -22.17 -9.60 17.25
C8 ADP O . -22.78 -10.72 16.85
N7 ADP O . -22.44 -11.77 17.63
C5 ADP O . -21.57 -11.32 18.55
C6 ADP O . -20.82 -11.90 19.68
N6 ADP O . -20.91 -13.21 19.98
N1 ADP O . -20.02 -11.07 20.39
C2 ADP O . -19.91 -9.77 20.10
N3 ADP O . -20.57 -9.17 19.09
C4 ADP O . -21.39 -9.88 18.30
CA CA P . -31.33 -4.66 15.14
BE BEF Q . -28.73 -2.62 14.02
F1 BEF Q . -27.76 -1.75 14.81
F2 BEF Q . -30.01 -2.95 14.85
F3 BEF Q . -29.21 -1.87 12.76
PB ADP R . -30.55 33.70 30.80
O1B ADP R . -29.15 33.35 30.37
O2B ADP R . -30.69 35.06 31.40
O3B ADP R . -31.26 32.61 31.57
PA ADP R . -31.51 35.07 28.50
O1A ADP R . -30.20 35.82 28.45
O2A ADP R . -32.76 35.77 28.93
O3A ADP R . -31.35 33.76 29.41
O5' ADP R . -31.75 34.40 27.06
C5' ADP R . -31.14 33.15 26.80
C4' ADP R . -31.98 32.29 25.86
O4' ADP R . -32.70 33.11 24.93
C3' ADP R . -31.10 31.35 25.05
O3' ADP R . -31.49 30.01 25.30
C2' ADP R . -31.37 31.70 23.61
O2' ADP R . -31.51 30.52 22.81
C1' ADP R . -32.67 32.48 23.65
N9 ADP R . -32.73 33.48 22.56
C8 ADP R . -31.90 34.52 22.40
N7 ADP R . -32.23 35.23 21.29
C5 ADP R . -33.29 34.64 20.73
C6 ADP R . -34.14 34.87 19.55
N6 ADP R . -33.91 35.92 18.73
N1 ADP R . -35.15 34.01 19.32
C2 ADP R . -35.39 32.96 20.14
N3 ADP R . -34.66 32.69 21.23
C4 ADP R . -33.62 33.48 21.57
CA CA S . -32.26 35.64 32.95
BE BEF T . -32.14 32.19 32.57
F1 BEF T . -33.25 31.18 32.23
F2 BEF T . -32.72 33.53 33.11
F3 BEF T . -31.25 31.61 33.69
#